data_6BBJ
#
_entry.id   6BBJ
#
_cell.length_a   1
_cell.length_b   1
_cell.length_c   1
_cell.angle_alpha   90.00
_cell.angle_beta   90.00
_cell.angle_gamma   90.00
#
_symmetry.space_group_name_H-M   'P 1'
#
_entity_poly.entity_id   1
_entity_poly.type   'polypeptide(L)'
_entity_poly.pdbx_seq_one_letter_code
;MADPSHLLKHNASVDIDDSQGDDGSNHNDSFPLSSLANLFENEESSAPNEGVRSPQVPGDNKQNLRIRFQGPFRKGISNP
MDLLESTIYESSAPKKAPMDSLFGYETYHHHPTENRRKRKKILLEKENLNSQAPSPDPPPVIKMFNRHMLFDIVSRGSTA
ELEGFLPFLLAQKKRLTDEEFREASTGKTCLTKALMNLNGGKNDTIPMLIDIAEKTGNLREFINSPFRDVYYRGQTALHI
AIERRCKHYVELLVEKGADVHAQARGRFFQPKDEGGYFYFGELPLSLAACTNQPDIVHYLTENAHKKADIRRQDSRGNTV
LHALVAIADNTRENTKFVTKVYDLLVIKCVKLYPDSSLEAIFNNDSMSPLMMAAKLGKIGIFQHIIRLEIKDEEARHLSR
KFRDWAYGPVYSSLYDLSMLDTCGEEVSVLEILVYNSKVENRHEMLAVEPINELLRDKWQKFGAVSFYISVVSYLIAMII
FTLIAYYRPMDGTPPYPYRTTMDYMRLAGEIVTLLTGVVFFITNIKDLFMKKCPGVNSLFIDGSFQLLYFIYSVLVIITA
VLYLVGIESYLAVMVFALVLGWMNALYFTRGLKLTGTYSIMLQKILFKDLFRFLLVYLLFMIGYASALVSLLNPCTSQES
CIETSSNCTVPEYPSCRDSSTFSKFLLDLFKLTIGMGDLEMINSAKYPAVFIILLVTYIILTFVLLLNMLIALMGETVGQ
VSKESKQIWKLQWATTILDIERSFPVCMRKAFRSGEMVTVGKNLDGTPDRRWCFRVDEVNWSHWNQNLGIINEDPGRNDG
YQYYGFSQTVGRLRRDRWSVVVPRVVELNKAPQHSDDVVVPLGNIPQVQTYSQRQENAQNWKKDETHI
;
_entity_poly.pdbx_strand_id   A,B,C,D
#
# COMPACT_ATOMS: atom_id res chain seq x y z
N MET A 144 -33.44 -56.09 34.09
CA MET A 144 -34.82 -56.16 34.52
C MET A 144 -35.74 -56.57 33.38
N PHE A 145 -37.03 -56.37 33.56
CA PHE A 145 -38.04 -56.80 32.60
C PHE A 145 -38.72 -55.64 31.90
N ASN A 146 -38.38 -54.41 32.24
CA ASN A 146 -39.00 -53.22 31.66
C ASN A 146 -38.20 -52.76 30.45
N ARG A 147 -38.68 -51.69 29.81
CA ARG A 147 -37.99 -51.18 28.62
C ARG A 147 -36.85 -50.24 29.01
N HIS A 148 -36.98 -49.53 30.12
CA HIS A 148 -36.00 -48.49 30.45
C HIS A 148 -34.68 -49.09 30.91
N MET A 149 -34.73 -50.27 31.53
CA MET A 149 -33.50 -50.98 31.88
C MET A 149 -32.80 -51.49 30.63
N LEU A 150 -33.55 -51.80 29.57
CA LEU A 150 -32.96 -52.36 28.37
C LEU A 150 -32.27 -51.30 27.53
N PHE A 151 -32.85 -50.11 27.42
CA PHE A 151 -32.21 -49.04 26.66
C PHE A 151 -31.00 -48.44 27.35
N ASP A 152 -30.80 -48.73 28.64
CA ASP A 152 -29.65 -48.19 29.36
C ASP A 152 -28.42 -49.08 29.26
N ILE A 153 -28.56 -50.37 29.57
CA ILE A 153 -27.44 -51.30 29.70
C ILE A 153 -26.72 -51.50 28.37
N VAL A 154 -27.44 -51.33 27.25
CA VAL A 154 -26.81 -51.32 25.93
C VAL A 154 -25.80 -50.18 25.81
N SER A 155 -26.13 -49.02 26.37
CA SER A 155 -25.15 -47.94 26.44
C SER A 155 -24.08 -48.22 27.50
N ARG A 156 -24.42 -48.96 28.55
CA ARG A 156 -23.41 -49.38 29.53
C ARG A 156 -22.43 -50.36 28.91
N GLY A 157 -22.91 -51.25 28.04
CA GLY A 157 -22.05 -52.22 27.39
C GLY A 157 -21.62 -53.37 28.29
N SER A 158 -22.59 -54.05 28.88
CA SER A 158 -22.34 -55.20 29.75
C SER A 158 -23.31 -56.32 29.34
N THR A 159 -22.80 -57.31 28.62
CA THR A 159 -23.65 -58.40 28.13
C THR A 159 -24.06 -59.36 29.25
N ALA A 160 -23.34 -59.36 30.37
CA ALA A 160 -23.73 -60.19 31.50
C ALA A 160 -24.97 -59.64 32.20
N GLU A 161 -25.25 -58.35 32.08
CA GLU A 161 -26.47 -57.76 32.60
C GLU A 161 -27.62 -57.84 31.60
N LEU A 162 -27.45 -58.54 30.49
CA LEU A 162 -28.50 -58.74 29.49
C LEU A 162 -28.77 -60.22 29.26
N GLU A 163 -28.27 -61.08 30.13
CA GLU A 163 -28.42 -62.52 29.95
C GLU A 163 -29.84 -62.97 30.27
N GLY A 164 -30.24 -64.10 29.69
CA GLY A 164 -31.55 -64.66 29.92
C GLY A 164 -32.71 -63.91 29.31
N PHE A 165 -32.45 -62.91 28.46
CA PHE A 165 -33.51 -62.13 27.86
C PHE A 165 -34.06 -62.80 26.60
N LEU A 166 -33.25 -63.59 25.92
CA LEU A 166 -33.75 -64.39 24.80
C LEU A 166 -34.77 -65.46 25.22
N PRO A 167 -34.62 -66.20 26.33
CA PRO A 167 -35.78 -67.00 26.79
C PRO A 167 -36.90 -66.15 27.36
N PHE A 168 -36.63 -64.92 27.78
CA PHE A 168 -37.68 -64.07 28.33
C PHE A 168 -38.66 -63.61 27.27
N LEU A 169 -38.19 -63.41 26.04
CA LEU A 169 -39.10 -63.07 24.95
C LEU A 169 -39.88 -64.27 24.44
N LEU A 170 -39.44 -65.49 24.76
CA LEU A 170 -40.21 -66.67 24.38
C LEU A 170 -41.48 -66.79 25.20
N ALA A 171 -41.46 -66.33 26.44
CA ALA A 171 -42.64 -66.39 27.29
C ALA A 171 -43.66 -65.32 26.92
N GLN A 172 -43.21 -64.07 26.85
CA GLN A 172 -44.10 -62.93 26.64
C GLN A 172 -44.28 -62.58 25.17
N LYS A 173 -43.86 -63.48 24.26
CA LYS A 173 -44.00 -63.44 22.80
C LYS A 173 -43.74 -62.08 22.15
N LYS A 174 -42.79 -61.33 22.69
CA LYS A 174 -42.57 -59.95 22.28
C LYS A 174 -41.42 -59.86 21.29
N ARG A 175 -41.64 -59.15 20.19
CA ARG A 175 -40.60 -58.90 19.21
C ARG A 175 -39.73 -57.73 19.64
N LEU A 176 -38.52 -57.68 19.07
CA LEU A 176 -37.59 -56.60 19.41
C LEU A 176 -37.99 -55.30 18.73
N THR A 177 -38.71 -55.38 17.60
CA THR A 177 -39.18 -54.21 16.88
C THR A 177 -40.60 -53.83 17.27
N ASP A 178 -40.99 -54.11 18.52
CA ASP A 178 -42.33 -53.76 18.98
C ASP A 178 -42.34 -52.29 19.38
N GLU A 179 -43.53 -51.78 19.74
CA GLU A 179 -43.68 -50.36 20.05
C GLU A 179 -43.00 -50.01 21.37
N GLU A 180 -43.13 -50.87 22.38
CA GLU A 180 -42.53 -50.60 23.67
C GLU A 180 -41.04 -50.89 23.70
N PHE A 181 -40.52 -51.63 22.72
CA PHE A 181 -39.10 -51.86 22.57
C PHE A 181 -38.47 -50.92 21.55
N ARG A 182 -38.98 -49.71 21.46
CA ARG A 182 -38.55 -48.71 20.50
C ARG A 182 -39.00 -47.35 21.03
N GLU A 183 -38.21 -46.31 20.78
CA GLU A 183 -38.52 -44.99 21.31
C GLU A 183 -39.75 -44.41 20.63
N ALA A 184 -40.69 -43.91 21.44
CA ALA A 184 -41.97 -43.47 20.92
C ALA A 184 -41.87 -42.15 20.16
N SER A 185 -40.83 -41.36 20.40
CA SER A 185 -40.71 -40.06 19.74
C SER A 185 -40.04 -40.17 18.39
N THR A 186 -38.92 -40.87 18.31
CA THR A 186 -38.11 -40.94 17.10
C THR A 186 -38.15 -42.28 16.41
N GLY A 187 -38.21 -43.37 17.15
CA GLY A 187 -38.04 -44.70 16.60
C GLY A 187 -36.67 -45.30 16.82
N LYS A 188 -35.89 -44.74 17.75
CA LYS A 188 -34.55 -45.23 18.05
C LYS A 188 -34.63 -46.61 18.70
N THR A 189 -34.00 -47.60 18.08
CA THR A 189 -34.06 -48.98 18.54
C THR A 189 -32.84 -49.30 19.40
N CYS A 190 -32.71 -50.58 19.75
CA CYS A 190 -31.60 -51.00 20.59
C CYS A 190 -30.29 -51.02 19.83
N LEU A 191 -30.32 -51.45 18.56
CA LEU A 191 -29.11 -51.48 17.76
C LEU A 191 -28.64 -50.08 17.40
N THR A 192 -29.57 -49.16 17.19
CA THR A 192 -29.20 -47.77 16.96
C THR A 192 -28.60 -47.14 18.20
N LYS A 193 -29.13 -47.50 19.38
CA LYS A 193 -28.53 -47.05 20.63
C LYS A 193 -27.17 -47.69 20.86
N ALA A 194 -26.97 -48.91 20.36
CA ALA A 194 -25.69 -49.59 20.52
C ALA A 194 -24.58 -48.91 19.73
N LEU A 195 -24.92 -48.31 18.59
CA LEU A 195 -23.93 -47.68 17.74
C LEU A 195 -23.65 -46.24 18.12
N MET A 196 -24.55 -45.60 18.87
CA MET A 196 -24.29 -44.23 19.33
C MET A 196 -23.24 -44.23 20.44
N ASN A 197 -23.54 -44.88 21.55
CA ASN A 197 -22.60 -45.01 22.66
C ASN A 197 -21.71 -46.22 22.42
N LEU A 198 -20.41 -45.98 22.30
CA LEU A 198 -19.44 -47.01 21.94
C LEU A 198 -18.36 -47.08 23.02
N ASN A 199 -17.91 -48.29 23.29
CA ASN A 199 -16.82 -48.54 24.25
C ASN A 199 -15.54 -48.69 23.44
N GLY A 200 -14.95 -47.56 23.05
CA GLY A 200 -13.81 -47.59 22.15
C GLY A 200 -14.17 -48.06 20.75
N GLY A 201 -15.39 -47.80 20.31
CA GLY A 201 -15.84 -48.28 19.02
C GLY A 201 -16.22 -49.74 18.99
N LYS A 202 -16.40 -50.37 20.15
CA LYS A 202 -16.73 -51.80 20.22
C LYS A 202 -17.79 -52.02 21.29
N ASN A 203 -18.94 -52.55 20.90
CA ASN A 203 -19.96 -53.00 21.83
C ASN A 203 -20.31 -54.45 21.50
N ASP A 204 -20.20 -55.33 22.49
CA ASP A 204 -20.43 -56.75 22.28
C ASP A 204 -21.90 -57.11 22.16
N THR A 205 -22.81 -56.18 22.48
CA THR A 205 -24.23 -56.44 22.31
C THR A 205 -24.65 -56.39 20.85
N ILE A 206 -23.80 -55.83 19.98
CA ILE A 206 -24.17 -55.66 18.57
C ILE A 206 -24.34 -57.00 17.84
N PRO A 207 -23.46 -58.01 18.00
CA PRO A 207 -23.86 -59.34 17.51
C PRO A 207 -24.91 -60.01 18.38
N MET A 208 -25.08 -59.57 19.62
CA MET A 208 -26.08 -60.18 20.50
C MET A 208 -27.48 -59.66 20.24
N LEU A 209 -27.61 -58.39 19.86
CA LEU A 209 -28.92 -57.88 19.47
C LEU A 209 -29.39 -58.49 18.16
N ILE A 210 -28.45 -58.84 17.28
CA ILE A 210 -28.80 -59.58 16.07
C ILE A 210 -29.10 -61.04 16.43
N ASP A 211 -28.44 -61.56 17.47
CA ASP A 211 -28.68 -62.93 17.92
C ASP A 211 -30.09 -63.10 18.46
N ILE A 212 -30.56 -62.13 19.25
CA ILE A 212 -31.90 -62.22 19.80
C ILE A 212 -32.95 -61.96 18.71
N ALA A 213 -32.64 -61.06 17.77
CA ALA A 213 -33.54 -60.80 16.65
C ALA A 213 -33.59 -61.96 15.66
N GLU A 214 -32.56 -62.79 15.62
CA GLU A 214 -32.56 -63.93 14.69
C GLU A 214 -33.56 -64.99 15.12
N LYS A 215 -33.70 -65.21 16.43
CA LYS A 215 -34.63 -66.23 16.91
C LYS A 215 -36.08 -65.78 16.78
N THR A 216 -36.31 -64.46 16.78
CA THR A 216 -37.66 -63.95 16.52
C THR A 216 -37.98 -63.86 15.04
N GLY A 217 -36.97 -63.76 14.19
CA GLY A 217 -37.18 -63.71 12.76
C GLY A 217 -37.37 -62.31 12.22
N ASN A 218 -36.46 -61.41 12.57
CA ASN A 218 -36.53 -60.03 12.12
C ASN A 218 -35.15 -59.54 11.68
N LEU A 219 -34.41 -60.39 10.96
CA LEU A 219 -33.07 -60.02 10.53
C LEU A 219 -33.11 -58.93 9.47
N ARG A 220 -34.12 -58.95 8.60
CA ARG A 220 -34.33 -57.90 7.63
C ARG A 220 -35.24 -56.80 8.14
N GLU A 221 -35.60 -56.83 9.42
CA GLU A 221 -36.44 -55.81 10.03
C GLU A 221 -35.74 -55.06 11.15
N PHE A 222 -35.06 -55.77 12.06
CA PHE A 222 -34.39 -55.10 13.17
C PHE A 222 -33.16 -54.33 12.71
N ILE A 223 -32.57 -54.72 11.59
CA ILE A 223 -31.49 -53.93 11.00
C ILE A 223 -32.06 -52.83 10.11
N ASN A 224 -33.08 -53.14 9.33
CA ASN A 224 -33.61 -52.23 8.30
C ASN A 224 -34.81 -51.44 8.80
N SER A 225 -34.82 -51.07 10.08
CA SER A 225 -35.86 -50.21 10.61
C SER A 225 -35.35 -48.78 10.65
N PRO A 226 -35.80 -47.90 9.78
CA PRO A 226 -35.31 -46.51 9.80
C PRO A 226 -36.00 -45.72 10.90
N PHE A 227 -35.58 -44.46 11.04
CA PHE A 227 -36.19 -43.60 12.05
C PHE A 227 -37.58 -43.16 11.63
N ARG A 228 -38.49 -43.12 12.61
CA ARG A 228 -39.89 -42.82 12.38
C ARG A 228 -40.19 -41.33 12.47
N ASP A 229 -39.28 -40.53 13.01
CA ASP A 229 -39.51 -39.12 13.22
C ASP A 229 -39.42 -38.33 11.91
N VAL A 230 -39.42 -37.00 12.04
CA VAL A 230 -39.39 -36.12 10.88
C VAL A 230 -38.04 -35.46 10.74
N TYR A 231 -37.43 -35.02 11.85
CA TYR A 231 -36.20 -34.25 11.78
C TYR A 231 -35.01 -35.14 11.44
N TYR A 232 -34.93 -36.33 12.02
CA TYR A 232 -33.90 -37.31 11.69
C TYR A 232 -34.43 -38.44 10.83
N ARG A 233 -35.32 -38.12 9.88
CA ARG A 233 -36.11 -39.12 9.18
C ARG A 233 -35.25 -39.95 8.24
N GLY A 234 -35.44 -41.27 8.28
CA GLY A 234 -34.81 -42.17 7.34
C GLY A 234 -33.45 -42.70 7.75
N GLN A 235 -32.87 -42.19 8.82
CA GLN A 235 -31.56 -42.65 9.25
C GLN A 235 -31.67 -44.03 9.88
N THR A 236 -30.82 -44.94 9.44
CA THR A 236 -30.80 -46.31 9.94
C THR A 236 -29.53 -46.56 10.74
N ALA A 237 -29.38 -47.79 11.20
CA ALA A 237 -28.16 -48.18 11.90
C ALA A 237 -26.98 -48.26 10.94
N LEU A 238 -27.25 -48.49 9.65
CA LEU A 238 -26.17 -48.51 8.66
C LEU A 238 -25.56 -47.12 8.50
N HIS A 239 -26.37 -46.08 8.61
CA HIS A 239 -25.85 -44.71 8.52
C HIS A 239 -25.00 -44.35 9.72
N ILE A 240 -25.29 -44.95 10.88
CA ILE A 240 -24.56 -44.58 12.10
C ILE A 240 -23.22 -45.30 12.16
N ALA A 241 -23.17 -46.55 11.71
CA ALA A 241 -21.93 -47.31 11.77
C ALA A 241 -20.92 -46.80 10.76
N ILE A 242 -21.38 -46.34 9.60
CA ILE A 242 -20.51 -45.66 8.65
C ILE A 242 -20.03 -44.33 9.23
N GLU A 243 -20.89 -43.67 10.00
CA GLU A 243 -20.58 -42.35 10.56
C GLU A 243 -19.45 -42.41 11.57
N ARG A 244 -19.51 -43.38 12.49
CA ARG A 244 -18.51 -43.48 13.54
C ARG A 244 -17.39 -44.44 13.18
N ARG A 245 -17.29 -44.83 11.90
CA ARG A 245 -16.15 -45.54 11.32
C ARG A 245 -15.92 -46.91 11.97
N CYS A 246 -17.00 -47.64 12.20
CA CYS A 246 -16.93 -49.00 12.74
C CYS A 246 -16.89 -49.97 11.56
N LYS A 247 -15.69 -50.11 10.98
CA LYS A 247 -15.50 -50.93 9.79
C LYS A 247 -15.76 -52.40 10.07
N HIS A 248 -15.48 -52.85 11.30
CA HIS A 248 -15.81 -54.22 11.69
C HIS A 248 -17.31 -54.43 11.80
N TYR A 249 -18.06 -53.38 12.12
CA TYR A 249 -19.50 -53.50 12.31
C TYR A 249 -20.30 -53.16 11.06
N VAL A 250 -19.70 -52.48 10.08
CA VAL A 250 -20.34 -52.31 8.78
C VAL A 250 -20.47 -53.66 8.08
N GLU A 251 -19.43 -54.50 8.20
CA GLU A 251 -19.46 -55.82 7.61
C GLU A 251 -20.49 -56.73 8.27
N LEU A 252 -20.77 -56.51 9.55
CA LEU A 252 -21.72 -57.35 10.27
C LEU A 252 -23.16 -57.09 9.84
N LEU A 253 -23.47 -55.86 9.43
CA LEU A 253 -24.86 -55.52 9.11
C LEU A 253 -25.30 -56.14 7.79
N VAL A 254 -24.46 -56.07 6.77
CA VAL A 254 -24.86 -56.49 5.44
C VAL A 254 -24.91 -58.00 5.34
N GLU A 255 -23.99 -58.69 6.04
CA GLU A 255 -23.96 -60.15 6.02
C GLU A 255 -25.18 -60.75 6.71
N LYS A 256 -25.70 -60.07 7.73
CA LYS A 256 -26.96 -60.49 8.34
C LYS A 256 -28.17 -59.96 7.58
N GLY A 257 -27.96 -59.11 6.58
CA GLY A 257 -29.06 -58.55 5.82
C GLY A 257 -29.31 -57.10 6.15
N ALA A 258 -28.86 -56.19 5.28
CA ALA A 258 -29.05 -54.76 5.47
C ALA A 258 -29.41 -54.12 4.15
N ASP A 259 -30.33 -53.16 4.21
CA ASP A 259 -30.73 -52.42 3.01
C ASP A 259 -29.65 -51.38 2.70
N VAL A 260 -28.99 -51.55 1.55
CA VAL A 260 -27.96 -50.61 1.14
C VAL A 260 -28.58 -49.29 0.69
N HIS A 261 -29.77 -49.35 0.09
CA HIS A 261 -30.38 -48.18 -0.51
C HIS A 261 -31.34 -47.45 0.42
N ALA A 262 -31.06 -47.45 1.72
CA ALA A 262 -31.86 -46.66 2.64
C ALA A 262 -31.54 -45.19 2.48
N GLN A 263 -32.57 -44.34 2.54
CA GLN A 263 -32.44 -42.91 2.33
C GLN A 263 -32.71 -42.16 3.62
N ALA A 264 -31.71 -41.43 4.11
CA ALA A 264 -31.87 -40.58 5.29
C ALA A 264 -32.33 -39.21 4.81
N ARG A 265 -33.64 -39.11 4.56
CA ARG A 265 -34.23 -37.93 3.94
C ARG A 265 -34.82 -36.96 4.97
N GLY A 266 -34.23 -36.91 6.16
CA GLY A 266 -34.74 -36.04 7.19
C GLY A 266 -34.41 -34.58 6.94
N ARG A 267 -35.06 -33.73 7.73
CA ARG A 267 -34.83 -32.29 7.70
C ARG A 267 -33.42 -31.91 8.14
N PHE A 268 -32.84 -32.69 9.05
CA PHE A 268 -31.45 -32.46 9.46
C PHE A 268 -30.48 -32.78 8.34
N PHE A 269 -30.80 -33.75 7.48
CA PHE A 269 -29.91 -34.16 6.41
C PHE A 269 -30.14 -33.37 5.12
N GLN A 270 -30.68 -32.18 5.22
CA GLN A 270 -30.87 -31.24 4.13
C GLN A 270 -29.68 -30.29 4.05
N PRO A 271 -29.47 -29.62 2.92
CA PRO A 271 -28.45 -28.57 2.89
C PRO A 271 -28.86 -27.35 3.71
N LYS A 272 -27.90 -26.44 3.87
CA LYS A 272 -28.05 -25.31 4.77
C LYS A 272 -29.09 -24.31 4.30
N ASP A 273 -29.36 -24.25 3.00
CA ASP A 273 -30.43 -23.38 2.51
C ASP A 273 -31.80 -23.95 2.84
N GLU A 274 -31.90 -25.27 3.02
CA GLU A 274 -33.17 -25.91 3.32
C GLU A 274 -33.42 -26.05 4.82
N GLY A 275 -32.42 -25.80 5.66
CA GLY A 275 -32.57 -25.84 7.10
C GLY A 275 -31.74 -26.89 7.79
N GLY A 276 -31.13 -27.83 7.07
CA GLY A 276 -30.29 -28.84 7.68
C GLY A 276 -28.87 -28.35 7.90
N TYR A 277 -28.08 -29.21 8.55
CA TYR A 277 -26.70 -28.88 8.88
C TYR A 277 -25.67 -29.63 8.06
N PHE A 278 -26.05 -30.74 7.42
CA PHE A 278 -25.11 -31.54 6.66
C PHE A 278 -25.87 -32.26 5.56
N TYR A 279 -25.28 -32.31 4.37
CA TYR A 279 -25.89 -32.98 3.23
C TYR A 279 -24.89 -33.95 2.62
N PHE A 280 -25.36 -35.16 2.28
CA PHE A 280 -24.53 -36.14 1.61
C PHE A 280 -25.29 -36.92 0.55
N GLY A 281 -26.46 -36.46 0.15
CA GLY A 281 -27.20 -37.14 -0.89
C GLY A 281 -27.93 -38.39 -0.46
N GLU A 282 -28.14 -38.57 0.85
CA GLU A 282 -29.05 -39.56 1.44
C GLU A 282 -28.62 -41.01 1.17
N LEU A 283 -27.37 -41.24 0.79
CA LEU A 283 -27.00 -42.60 0.45
C LEU A 283 -25.79 -43.05 1.26
N PRO A 284 -25.80 -44.30 1.75
CA PRO A 284 -24.65 -44.80 2.52
C PRO A 284 -23.39 -44.94 1.70
N LEU A 285 -23.51 -45.23 0.40
CA LEU A 285 -22.33 -45.22 -0.46
C LEU A 285 -21.78 -43.81 -0.61
N SER A 286 -22.66 -42.82 -0.70
CA SER A 286 -22.19 -41.43 -0.75
C SER A 286 -21.76 -40.96 0.62
N LEU A 287 -22.29 -41.54 1.68
CA LEU A 287 -21.90 -41.16 3.03
C LEU A 287 -20.47 -41.58 3.33
N ALA A 288 -20.06 -42.76 2.84
CA ALA A 288 -18.71 -43.22 3.06
C ALA A 288 -17.69 -42.38 2.29
N ALA A 289 -18.09 -41.81 1.16
CA ALA A 289 -17.22 -40.88 0.46
C ALA A 289 -17.12 -39.55 1.19
N CYS A 290 -18.16 -39.18 1.95
CA CYS A 290 -18.14 -37.92 2.67
C CYS A 290 -17.42 -38.00 4.00
N THR A 291 -17.19 -39.21 4.53
CA THR A 291 -16.46 -39.36 5.77
C THR A 291 -14.96 -39.50 5.56
N ASN A 292 -14.47 -39.25 4.33
CA ASN A 292 -13.07 -39.43 3.93
C ASN A 292 -12.61 -40.86 4.25
N GLN A 293 -13.43 -41.83 3.85
CA GLN A 293 -13.20 -43.22 4.18
C GLN A 293 -13.45 -44.07 2.95
N PRO A 294 -12.41 -44.37 2.18
CA PRO A 294 -12.57 -45.29 1.03
C PRO A 294 -12.67 -46.75 1.42
N ASP A 295 -12.46 -47.09 2.70
CA ASP A 295 -12.42 -48.49 3.11
C ASP A 295 -13.81 -49.11 3.09
N ILE A 296 -14.83 -48.33 3.44
CA ILE A 296 -16.20 -48.80 3.27
C ILE A 296 -16.55 -48.82 1.79
N VAL A 297 -15.97 -47.91 1.00
CA VAL A 297 -16.19 -47.87 -0.44
C VAL A 297 -15.60 -49.10 -1.11
N HIS A 298 -14.50 -49.64 -0.58
CA HIS A 298 -14.03 -50.95 -1.03
C HIS A 298 -15.01 -52.05 -0.63
N TYR A 299 -15.68 -51.92 0.50
CA TYR A 299 -16.55 -53.00 0.97
C TYR A 299 -17.93 -52.95 0.33
N LEU A 300 -18.46 -51.77 0.03
CA LEU A 300 -19.81 -51.68 -0.49
C LEU A 300 -19.89 -52.07 -1.96
N THR A 301 -18.84 -51.81 -2.74
CA THR A 301 -18.92 -52.02 -4.17
C THR A 301 -18.75 -53.49 -4.54
N GLU A 302 -17.85 -54.20 -3.86
CA GLU A 302 -17.68 -55.63 -4.06
C GLU A 302 -18.14 -56.36 -2.80
N ASN A 303 -19.08 -57.30 -2.98
CA ASN A 303 -19.71 -57.96 -1.85
C ASN A 303 -20.39 -59.23 -2.37
N ALA A 304 -20.20 -60.33 -1.63
CA ALA A 304 -20.83 -61.59 -2.01
C ALA A 304 -22.33 -61.62 -1.71
N HIS A 305 -22.81 -60.71 -0.86
CA HIS A 305 -24.23 -60.69 -0.52
C HIS A 305 -25.02 -59.77 -1.45
N LYS A 306 -24.68 -58.49 -1.47
CA LYS A 306 -25.34 -57.52 -2.34
C LYS A 306 -24.42 -56.32 -2.50
N LYS A 307 -24.27 -55.86 -3.74
CA LYS A 307 -23.40 -54.75 -4.04
C LYS A 307 -24.12 -53.42 -3.84
N ALA A 308 -23.40 -52.32 -4.08
CA ALA A 308 -23.93 -50.97 -3.95
C ALA A 308 -23.91 -50.31 -5.32
N ASP A 309 -25.09 -49.89 -5.78
CA ASP A 309 -25.19 -49.23 -7.08
C ASP A 309 -24.63 -47.82 -7.00
N ILE A 310 -23.62 -47.53 -7.80
CA ILE A 310 -23.02 -46.20 -7.80
C ILE A 310 -23.92 -45.21 -8.51
N ARG A 311 -24.70 -45.68 -9.49
CA ARG A 311 -25.54 -44.82 -10.31
C ARG A 311 -26.82 -44.35 -9.61
N ARG A 312 -27.05 -44.76 -8.36
CA ARG A 312 -28.30 -44.46 -7.69
C ARG A 312 -28.37 -42.99 -7.29
N GLN A 313 -29.51 -42.37 -7.57
CA GLN A 313 -29.76 -40.98 -7.21
C GLN A 313 -30.45 -40.90 -5.85
N ASP A 314 -30.94 -39.72 -5.52
CA ASP A 314 -31.72 -39.49 -4.30
C ASP A 314 -33.03 -38.80 -4.66
N SER A 315 -33.71 -38.28 -3.63
CA SER A 315 -34.91 -37.49 -3.86
C SER A 315 -34.59 -36.17 -4.56
N ARG A 316 -33.38 -35.65 -4.39
CA ARG A 316 -32.92 -34.50 -5.13
C ARG A 316 -32.29 -34.86 -6.47
N GLY A 317 -32.28 -36.15 -6.83
CA GLY A 317 -31.72 -36.55 -8.10
C GLY A 317 -30.22 -36.46 -8.21
N ASN A 318 -29.52 -36.49 -7.08
CA ASN A 318 -28.07 -36.32 -7.05
C ASN A 318 -27.39 -37.67 -6.85
N THR A 319 -26.29 -37.89 -7.57
CA THR A 319 -25.54 -39.13 -7.46
C THR A 319 -24.45 -38.97 -6.41
N VAL A 320 -23.50 -39.91 -6.39
CA VAL A 320 -22.44 -39.90 -5.40
C VAL A 320 -21.45 -38.76 -5.66
N LEU A 321 -21.32 -38.31 -6.90
CA LEU A 321 -20.38 -37.25 -7.20
C LEU A 321 -20.90 -35.89 -6.77
N HIS A 322 -22.21 -35.68 -6.85
CA HIS A 322 -22.79 -34.39 -6.52
C HIS A 322 -22.70 -34.10 -5.03
N ALA A 323 -22.72 -35.14 -4.20
CA ALA A 323 -22.52 -34.95 -2.77
C ALA A 323 -21.09 -34.55 -2.46
N LEU A 324 -20.13 -35.01 -3.27
CA LEU A 324 -18.75 -34.60 -3.09
C LEU A 324 -18.56 -33.13 -3.46
N VAL A 325 -19.36 -32.64 -4.41
CA VAL A 325 -19.31 -31.22 -4.75
C VAL A 325 -19.97 -30.40 -3.64
N ALA A 326 -21.01 -30.94 -3.02
CA ALA A 326 -21.74 -30.21 -1.98
C ALA A 326 -20.93 -30.11 -0.70
N ILE A 327 -20.16 -31.15 -0.36
CA ILE A 327 -19.29 -31.08 0.82
C ILE A 327 -17.95 -30.46 0.52
N ALA A 328 -17.69 -30.08 -0.73
CA ALA A 328 -16.41 -29.52 -1.09
C ALA A 328 -16.25 -28.13 -0.50
N ASP A 329 -15.09 -27.87 0.10
CA ASP A 329 -14.73 -26.55 0.58
C ASP A 329 -13.36 -26.21 0.04
N ASN A 330 -13.06 -24.93 -0.04
CA ASN A 330 -11.83 -24.46 -0.67
C ASN A 330 -10.66 -24.38 0.31
N THR A 331 -10.69 -25.18 1.37
CA THR A 331 -9.60 -25.27 2.33
C THR A 331 -8.48 -26.14 1.78
N ARG A 332 -7.41 -26.29 2.56
CA ARG A 332 -6.28 -27.09 2.13
C ARG A 332 -6.59 -28.59 2.21
N GLU A 333 -7.20 -29.01 3.31
CA GLU A 333 -7.44 -30.44 3.52
C GLU A 333 -8.58 -30.96 2.65
N ASN A 334 -9.65 -30.19 2.51
CA ASN A 334 -10.84 -30.70 1.85
C ASN A 334 -10.67 -30.76 0.33
N THR A 335 -9.78 -29.94 -0.24
CA THR A 335 -9.49 -30.09 -1.66
C THR A 335 -8.57 -31.26 -1.95
N LYS A 336 -8.01 -31.91 -0.92
CA LYS A 336 -7.09 -33.01 -1.17
C LYS A 336 -7.84 -34.31 -1.44
N PHE A 337 -8.61 -34.79 -0.46
CA PHE A 337 -9.13 -36.14 -0.53
C PHE A 337 -10.32 -36.28 -1.47
N VAL A 338 -11.04 -35.19 -1.74
CA VAL A 338 -12.17 -35.26 -2.65
C VAL A 338 -11.68 -35.54 -4.07
N THR A 339 -10.50 -35.03 -4.43
CA THR A 339 -9.89 -35.39 -5.71
C THR A 339 -9.43 -36.84 -5.73
N LYS A 340 -9.13 -37.41 -4.57
CA LYS A 340 -8.75 -38.82 -4.51
C LYS A 340 -9.97 -39.72 -4.69
N VAL A 341 -11.10 -39.33 -4.11
CA VAL A 341 -12.31 -40.14 -4.21
C VAL A 341 -12.92 -40.01 -5.60
N TYR A 342 -12.84 -38.82 -6.20
CA TYR A 342 -13.41 -38.58 -7.51
C TYR A 342 -12.71 -39.39 -8.59
N ASP A 343 -11.39 -39.58 -8.45
CA ASP A 343 -10.68 -40.47 -9.35
C ASP A 343 -11.00 -41.93 -9.05
N LEU A 344 -11.26 -42.26 -7.79
CA LEU A 344 -11.46 -43.65 -7.40
C LEU A 344 -12.80 -44.18 -7.88
N LEU A 345 -13.83 -43.36 -7.84
CA LEU A 345 -15.18 -43.83 -8.15
C LEU A 345 -15.39 -44.01 -9.64
N VAL A 346 -14.82 -43.13 -10.46
CA VAL A 346 -15.09 -43.16 -11.89
C VAL A 346 -14.38 -44.34 -12.55
N ILE A 347 -13.14 -44.62 -12.15
CA ILE A 347 -12.40 -45.78 -12.64
C ILE A 347 -13.11 -47.06 -12.21
N LYS A 348 -13.62 -47.10 -10.98
CA LYS A 348 -14.40 -48.23 -10.52
C LYS A 348 -15.74 -48.32 -11.24
N CYS A 349 -16.29 -47.19 -11.69
CA CYS A 349 -17.52 -47.22 -12.46
C CYS A 349 -17.29 -47.74 -13.87
N VAL A 350 -16.14 -47.44 -14.47
CA VAL A 350 -15.84 -47.94 -15.80
C VAL A 350 -15.50 -49.43 -15.76
N LYS A 351 -14.75 -49.85 -14.73
CA LYS A 351 -14.34 -51.24 -14.62
C LYS A 351 -15.53 -52.16 -14.37
N LEU A 352 -16.52 -51.68 -13.61
CA LEU A 352 -17.73 -52.47 -13.42
C LEU A 352 -18.71 -52.28 -14.56
N TYR A 353 -18.72 -51.11 -15.18
CA TYR A 353 -19.68 -50.79 -16.25
C TYR A 353 -18.98 -50.00 -17.33
N PRO A 354 -18.51 -50.67 -18.39
CA PRO A 354 -17.80 -49.95 -19.46
C PRO A 354 -18.70 -49.18 -20.40
N ASP A 355 -20.02 -49.38 -20.33
CA ASP A 355 -20.92 -48.76 -21.30
C ASP A 355 -21.14 -47.27 -21.02
N SER A 356 -21.35 -46.91 -19.75
CA SER A 356 -21.70 -45.54 -19.40
C SER A 356 -20.66 -44.96 -18.45
N SER A 357 -20.61 -43.64 -18.42
CA SER A 357 -19.77 -42.89 -17.49
C SER A 357 -20.63 -42.32 -16.37
N LEU A 358 -20.01 -42.16 -15.20
CA LEU A 358 -20.73 -41.63 -14.04
C LEU A 358 -20.97 -40.13 -14.18
N GLU A 359 -20.16 -39.44 -14.98
CA GLU A 359 -20.37 -38.02 -15.24
C GLU A 359 -21.56 -37.75 -16.14
N ALA A 360 -22.02 -38.77 -16.87
CA ALA A 360 -23.09 -38.55 -17.85
C ALA A 360 -24.45 -38.36 -17.19
N ILE A 361 -24.62 -38.90 -15.97
CA ILE A 361 -25.92 -38.85 -15.31
C ILE A 361 -26.13 -37.46 -14.74
N PHE A 362 -27.25 -36.83 -15.10
CA PHE A 362 -27.58 -35.49 -14.66
C PHE A 362 -28.51 -35.52 -13.46
N ASN A 363 -29.01 -34.36 -13.09
CA ASN A 363 -29.84 -34.15 -11.91
C ASN A 363 -31.28 -33.87 -12.35
N ASN A 364 -32.11 -33.50 -11.38
CA ASN A 364 -33.43 -32.99 -11.71
C ASN A 364 -33.38 -31.65 -12.41
N ASP A 365 -32.29 -30.89 -12.22
CA ASP A 365 -32.06 -29.65 -12.94
C ASP A 365 -31.14 -29.84 -14.14
N SER A 366 -30.86 -31.09 -14.51
CA SER A 366 -29.97 -31.48 -15.62
C SER A 366 -28.59 -30.86 -15.47
N MET A 367 -27.94 -31.21 -14.37
CA MET A 367 -26.64 -30.64 -14.02
C MET A 367 -25.65 -31.77 -13.82
N SER A 368 -24.50 -31.66 -14.49
CA SER A 368 -23.40 -32.59 -14.30
C SER A 368 -22.65 -32.17 -13.04
N PRO A 369 -21.74 -33.00 -12.52
CA PRO A 369 -20.89 -32.52 -11.41
C PRO A 369 -19.98 -31.36 -11.79
N LEU A 370 -19.62 -31.22 -13.06
CA LEU A 370 -18.94 -30.01 -13.51
C LEU A 370 -19.89 -28.83 -13.56
N MET A 371 -21.16 -29.08 -13.92
CA MET A 371 -22.15 -28.01 -13.96
C MET A 371 -22.54 -27.56 -12.56
N MET A 372 -22.47 -28.47 -11.59
CA MET A 372 -22.87 -28.12 -10.22
C MET A 372 -21.83 -27.27 -9.51
N ALA A 373 -20.55 -27.51 -9.79
CA ALA A 373 -19.47 -26.78 -9.11
C ALA A 373 -19.44 -25.30 -9.45
N ALA A 374 -20.02 -24.90 -10.59
CA ALA A 374 -20.15 -23.49 -10.90
C ALA A 374 -21.28 -22.84 -10.12
N LYS A 375 -22.30 -23.61 -9.75
CA LYS A 375 -23.43 -23.04 -9.01
C LYS A 375 -23.03 -22.69 -7.59
N LEU A 376 -22.51 -23.67 -6.85
CA LEU A 376 -22.10 -23.45 -5.47
C LEU A 376 -20.77 -22.72 -5.37
N GLY A 377 -20.05 -22.56 -6.47
CA GLY A 377 -18.82 -21.80 -6.49
C GLY A 377 -17.68 -22.48 -5.77
N LYS A 378 -17.40 -23.72 -6.15
CA LYS A 378 -16.35 -24.50 -5.51
C LYS A 378 -15.21 -24.68 -6.51
N ILE A 379 -14.00 -24.35 -6.07
CA ILE A 379 -12.86 -24.19 -6.97
C ILE A 379 -12.06 -25.48 -7.09
N GLY A 380 -11.82 -26.16 -5.96
CA GLY A 380 -10.93 -27.31 -5.97
C GLY A 380 -11.48 -28.50 -6.73
N ILE A 381 -12.80 -28.74 -6.62
CA ILE A 381 -13.40 -29.79 -7.43
C ILE A 381 -13.55 -29.32 -8.88
N PHE A 382 -13.56 -28.01 -9.12
CA PHE A 382 -13.66 -27.51 -10.48
C PHE A 382 -12.36 -27.69 -11.22
N GLN A 383 -11.23 -27.35 -10.58
CA GLN A 383 -9.94 -27.42 -11.23
C GLN A 383 -9.41 -28.84 -11.38
N HIS A 384 -10.05 -29.82 -10.73
CA HIS A 384 -9.64 -31.21 -10.90
C HIS A 384 -10.40 -31.90 -12.02
N ILE A 385 -11.66 -31.55 -12.23
CA ILE A 385 -12.42 -32.11 -13.34
C ILE A 385 -11.89 -31.57 -14.67
N ILE A 386 -11.45 -30.31 -14.68
CA ILE A 386 -10.83 -29.76 -15.88
C ILE A 386 -9.47 -30.38 -16.13
N ARG A 387 -8.65 -30.51 -15.09
CA ARG A 387 -7.35 -31.18 -15.23
C ARG A 387 -7.54 -32.64 -14.85
N LEU A 388 -8.16 -33.39 -15.77
CA LEU A 388 -8.47 -34.79 -15.57
C LEU A 388 -7.72 -35.62 -16.61
N GLU A 389 -6.64 -36.26 -16.19
CA GLU A 389 -5.87 -37.14 -17.05
C GLU A 389 -5.65 -38.45 -16.33
N ILE A 390 -6.41 -39.48 -16.70
CA ILE A 390 -6.43 -40.76 -16.00
C ILE A 390 -5.46 -41.71 -16.69
N LYS A 391 -4.53 -42.26 -15.91
CA LYS A 391 -3.51 -43.16 -16.42
C LYS A 391 -3.97 -44.62 -16.42
N ASP A 392 -5.24 -44.87 -16.12
CA ASP A 392 -5.82 -46.19 -16.29
C ASP A 392 -6.37 -46.29 -17.71
N GLU A 393 -5.77 -47.16 -18.52
CA GLU A 393 -6.07 -47.22 -19.94
C GLU A 393 -7.45 -47.77 -20.25
N GLU A 394 -8.08 -48.48 -19.32
CA GLU A 394 -9.45 -48.90 -19.52
C GLU A 394 -10.43 -47.75 -19.37
N ALA A 395 -10.09 -46.74 -18.57
CA ALA A 395 -10.90 -45.54 -18.40
C ALA A 395 -10.29 -44.33 -19.08
N ARG A 396 -9.59 -44.53 -20.20
CA ARG A 396 -8.95 -43.44 -20.91
C ARG A 396 -9.93 -42.55 -21.64
N HIS A 397 -11.03 -43.12 -22.16
CA HIS A 397 -11.89 -42.42 -23.11
C HIS A 397 -12.74 -41.32 -22.51
N LEU A 398 -12.62 -41.03 -21.21
CA LEU A 398 -13.31 -39.92 -20.60
C LEU A 398 -12.35 -38.92 -19.97
N SER A 399 -11.04 -39.06 -20.21
CA SER A 399 -10.08 -38.11 -19.67
C SER A 399 -10.22 -36.77 -20.37
N ARG A 400 -9.97 -35.70 -19.63
CA ARG A 400 -10.20 -34.34 -20.12
C ARG A 400 -8.92 -33.70 -20.67
N LYS A 401 -7.80 -33.87 -19.99
CA LYS A 401 -6.53 -33.30 -20.43
C LYS A 401 -5.76 -34.34 -21.23
N PHE A 402 -5.13 -33.89 -22.32
CA PHE A 402 -4.38 -34.78 -23.19
C PHE A 402 -2.99 -34.21 -23.43
N ARG A 403 -2.15 -35.03 -24.07
CA ARG A 403 -0.78 -34.66 -24.43
C ARG A 403 -0.60 -34.99 -25.90
N ASP A 404 -0.57 -33.95 -26.74
CA ASP A 404 -0.51 -34.17 -28.19
C ASP A 404 0.90 -34.52 -28.65
N TRP A 405 1.84 -33.61 -28.45
CA TRP A 405 3.21 -33.82 -28.85
C TRP A 405 4.13 -33.00 -27.96
N ALA A 406 5.35 -33.50 -27.78
CA ALA A 406 6.35 -32.84 -26.94
C ALA A 406 7.66 -32.80 -27.71
N TYR A 407 7.96 -31.65 -28.32
CA TYR A 407 9.24 -31.46 -28.99
C TYR A 407 10.14 -30.71 -28.02
N GLY A 408 10.64 -31.45 -27.03
CA GLY A 408 11.56 -30.92 -26.05
C GLY A 408 10.93 -29.92 -25.11
N PRO A 409 11.33 -28.66 -25.25
CA PRO A 409 10.82 -27.63 -24.32
C PRO A 409 9.36 -27.29 -24.51
N VAL A 410 8.76 -27.61 -25.65
CA VAL A 410 7.39 -27.23 -25.95
C VAL A 410 6.48 -28.43 -25.72
N TYR A 411 5.52 -28.28 -24.82
CA TYR A 411 4.48 -29.28 -24.60
C TYR A 411 3.19 -28.80 -25.27
N SER A 412 2.42 -29.75 -25.80
CA SER A 412 1.18 -29.43 -26.51
C SER A 412 0.04 -30.12 -25.77
N SER A 413 -0.53 -29.43 -24.78
CA SER A 413 -1.67 -29.96 -24.07
C SER A 413 -2.94 -29.82 -24.92
N LEU A 414 -4.02 -30.42 -24.44
CA LEU A 414 -5.25 -30.48 -25.22
C LEU A 414 -6.42 -30.58 -24.25
N TYR A 415 -7.27 -29.56 -24.23
CA TYR A 415 -8.46 -29.53 -23.38
C TYR A 415 -9.71 -29.65 -24.24
N ASP A 416 -10.70 -30.37 -23.73
CA ASP A 416 -11.94 -30.60 -24.46
C ASP A 416 -12.93 -29.49 -24.16
N LEU A 417 -13.69 -29.11 -25.18
CA LEU A 417 -14.76 -28.12 -25.08
C LEU A 417 -16.13 -28.77 -25.11
N SER A 418 -16.26 -29.94 -24.47
CA SER A 418 -17.50 -30.72 -24.59
C SER A 418 -18.66 -30.04 -23.88
N MET A 419 -18.40 -29.34 -22.78
CA MET A 419 -19.43 -28.62 -22.07
C MET A 419 -19.12 -27.15 -21.89
N LEU A 420 -17.93 -26.70 -22.28
CA LEU A 420 -17.54 -25.31 -22.06
C LEU A 420 -18.22 -24.37 -23.06
N ASP A 421 -18.31 -24.78 -24.32
CA ASP A 421 -19.01 -24.00 -25.34
C ASP A 421 -20.03 -24.91 -26.00
N THR A 422 -21.23 -24.97 -25.40
CA THR A 422 -22.32 -25.75 -25.96
C THR A 422 -22.87 -25.04 -27.18
N CYS A 423 -22.64 -25.61 -28.36
CA CYS A 423 -23.11 -25.00 -29.59
C CYS A 423 -24.62 -25.15 -29.74
N GLY A 424 -25.09 -26.39 -29.81
CA GLY A 424 -26.51 -26.65 -29.98
C GLY A 424 -27.12 -27.43 -28.83
N GLU A 425 -26.72 -27.11 -27.60
CA GLU A 425 -27.21 -27.80 -26.43
C GLU A 425 -27.99 -26.83 -25.54
N GLU A 426 -28.37 -27.30 -24.35
CA GLU A 426 -29.26 -26.52 -23.50
C GLU A 426 -28.54 -25.35 -22.85
N VAL A 427 -27.52 -25.64 -22.03
CA VAL A 427 -26.85 -24.62 -21.24
C VAL A 427 -25.41 -25.07 -21.01
N SER A 428 -24.51 -24.11 -20.89
CA SER A 428 -23.08 -24.35 -20.86
C SER A 428 -22.51 -24.15 -19.46
N VAL A 429 -21.24 -24.53 -19.32
CA VAL A 429 -20.49 -24.23 -18.10
C VAL A 429 -20.28 -22.73 -17.98
N LEU A 430 -19.77 -22.12 -19.06
CA LEU A 430 -19.37 -20.72 -19.06
C LEU A 430 -20.56 -19.78 -18.89
N GLU A 431 -21.74 -20.21 -19.34
CA GLU A 431 -22.94 -19.39 -19.18
C GLU A 431 -23.34 -19.29 -17.72
N ILE A 432 -23.26 -20.39 -16.98
CA ILE A 432 -23.60 -20.37 -15.56
C ILE A 432 -22.50 -19.72 -14.74
N LEU A 433 -21.26 -19.69 -15.25
CA LEU A 433 -20.20 -18.93 -14.60
C LEU A 433 -20.48 -17.43 -14.58
N VAL A 434 -21.25 -16.95 -15.55
CA VAL A 434 -21.51 -15.53 -15.70
C VAL A 434 -22.94 -15.17 -15.34
N TYR A 435 -23.92 -15.87 -15.94
CA TYR A 435 -25.31 -15.46 -15.83
C TYR A 435 -25.99 -15.91 -14.54
N ASN A 436 -25.49 -16.94 -13.88
CA ASN A 436 -26.22 -17.54 -12.77
C ASN A 436 -25.46 -17.58 -11.45
N SER A 437 -24.14 -17.75 -11.49
CA SER A 437 -23.37 -17.87 -10.25
C SER A 437 -23.25 -16.51 -9.57
N LYS A 438 -23.71 -16.45 -8.32
CA LYS A 438 -23.57 -15.25 -7.50
C LYS A 438 -22.55 -15.44 -6.38
N VAL A 439 -21.64 -16.38 -6.54
CA VAL A 439 -20.61 -16.67 -5.55
C VAL A 439 -19.48 -15.67 -5.76
N GLU A 440 -18.84 -15.26 -4.66
CA GLU A 440 -17.72 -14.33 -4.72
C GLU A 440 -16.52 -14.93 -5.44
N ASN A 441 -16.37 -16.25 -5.42
CA ASN A 441 -15.22 -16.93 -6.00
C ASN A 441 -15.25 -17.03 -7.52
N ARG A 442 -16.19 -16.37 -8.19
CA ARG A 442 -16.28 -16.41 -9.64
C ARG A 442 -15.14 -15.68 -10.33
N HIS A 443 -14.48 -14.74 -9.63
CA HIS A 443 -13.33 -14.09 -10.21
C HIS A 443 -12.13 -15.02 -10.27
N GLU A 444 -11.94 -15.81 -9.21
CA GLU A 444 -10.90 -16.83 -9.21
C GLU A 444 -11.26 -17.98 -10.14
N MET A 445 -12.56 -18.30 -10.25
CA MET A 445 -12.96 -19.47 -11.03
C MET A 445 -12.85 -19.21 -12.52
N LEU A 446 -12.95 -17.95 -12.94
CA LEU A 446 -12.63 -17.62 -14.32
C LEU A 446 -11.14 -17.62 -14.60
N ALA A 447 -10.30 -17.64 -13.57
CA ALA A 447 -8.86 -17.65 -13.74
C ALA A 447 -8.27 -19.06 -13.82
N VAL A 448 -9.08 -20.04 -14.20
CA VAL A 448 -8.59 -21.40 -14.45
C VAL A 448 -7.97 -21.42 -15.83
N GLU A 449 -7.30 -22.55 -16.17
CA GLU A 449 -6.43 -22.57 -17.34
C GLU A 449 -7.14 -22.43 -18.69
N PRO A 450 -8.16 -23.27 -19.05
CA PRO A 450 -8.66 -23.17 -20.44
C PRO A 450 -9.54 -21.95 -20.68
N ILE A 451 -10.25 -21.48 -19.66
CA ILE A 451 -11.23 -20.42 -19.83
C ILE A 451 -10.53 -19.07 -20.00
N ASN A 452 -9.31 -18.93 -19.47
CA ASN A 452 -8.52 -17.74 -19.74
C ASN A 452 -8.12 -17.65 -21.21
N GLU A 453 -7.99 -18.79 -21.89
CA GLU A 453 -7.71 -18.79 -23.32
C GLU A 453 -8.95 -19.02 -24.16
N LEU A 454 -10.02 -19.59 -23.58
CA LEU A 454 -11.25 -19.78 -24.35
C LEU A 454 -11.95 -18.44 -24.57
N LEU A 455 -11.86 -17.54 -23.59
CA LEU A 455 -12.46 -16.22 -23.75
C LEU A 455 -11.65 -15.36 -24.71
N ARG A 456 -10.36 -15.64 -24.86
CA ARG A 456 -9.55 -14.93 -25.84
C ARG A 456 -9.75 -15.48 -27.24
N ASP A 457 -10.37 -16.66 -27.39
CA ASP A 457 -10.66 -17.18 -28.72
C ASP A 457 -11.73 -16.36 -29.40
N LYS A 458 -12.91 -16.29 -28.79
CA LYS A 458 -14.04 -15.57 -29.37
C LYS A 458 -13.91 -14.06 -29.25
N TRP A 459 -13.00 -13.56 -28.42
CA TRP A 459 -12.76 -12.12 -28.42
C TRP A 459 -11.99 -11.69 -29.67
N GLN A 460 -11.07 -12.54 -30.13
CA GLN A 460 -10.31 -12.24 -31.34
C GLN A 460 -11.12 -12.43 -32.61
N LYS A 461 -12.29 -13.04 -32.53
CA LYS A 461 -13.14 -13.23 -33.70
C LYS A 461 -14.42 -12.42 -33.66
N PHE A 462 -14.97 -12.15 -32.48
CA PHE A 462 -16.22 -11.40 -32.36
C PHE A 462 -16.02 -10.04 -31.71
N GLY A 463 -14.78 -9.64 -31.46
CA GLY A 463 -14.54 -8.36 -30.83
C GLY A 463 -14.54 -7.20 -31.80
N ALA A 464 -13.66 -7.25 -32.79
CA ALA A 464 -13.54 -6.15 -33.74
C ALA A 464 -14.72 -6.11 -34.70
N VAL A 465 -15.37 -7.25 -34.92
CA VAL A 465 -16.52 -7.27 -35.82
C VAL A 465 -17.73 -6.60 -35.17
N SER A 466 -18.00 -6.94 -33.90
CA SER A 466 -19.14 -6.37 -33.21
C SER A 466 -18.92 -4.90 -32.85
N PHE A 467 -17.66 -4.49 -32.70
CA PHE A 467 -17.38 -3.09 -32.40
C PHE A 467 -17.60 -2.20 -33.62
N TYR A 468 -17.21 -2.68 -34.81
CA TYR A 468 -17.33 -1.86 -36.01
C TYR A 468 -18.77 -1.67 -36.43
N ILE A 469 -19.64 -2.64 -36.12
CA ILE A 469 -21.06 -2.46 -36.38
C ILE A 469 -21.64 -1.40 -35.47
N SER A 470 -21.16 -1.34 -34.22
CA SER A 470 -21.64 -0.35 -33.26
C SER A 470 -21.23 1.07 -33.66
N VAL A 471 -20.11 1.21 -34.36
CA VAL A 471 -19.72 2.52 -34.86
C VAL A 471 -20.61 2.94 -36.02
N VAL A 472 -20.89 2.01 -36.93
CA VAL A 472 -21.71 2.31 -38.10
C VAL A 472 -23.16 2.54 -37.72
N SER A 473 -23.70 1.73 -36.81
CA SER A 473 -25.09 1.85 -36.40
C SER A 473 -25.36 3.12 -35.60
N TYR A 474 -24.32 3.74 -35.02
CA TYR A 474 -24.48 5.08 -34.48
C TYR A 474 -24.46 6.13 -35.57
N LEU A 475 -23.67 5.92 -36.63
CA LEU A 475 -23.63 6.87 -37.73
C LEU A 475 -24.92 6.84 -38.54
N ILE A 476 -25.62 5.69 -38.55
CA ILE A 476 -26.91 5.62 -39.22
C ILE A 476 -27.93 6.49 -38.50
N ALA A 477 -27.91 6.47 -37.16
CA ALA A 477 -28.84 7.29 -36.38
C ALA A 477 -28.52 8.77 -36.45
N MET A 478 -27.31 9.14 -36.87
CA MET A 478 -26.96 10.55 -36.99
C MET A 478 -27.42 11.14 -38.32
N ILE A 479 -27.20 10.41 -39.42
CA ILE A 479 -27.53 10.91 -40.75
C ILE A 479 -29.04 11.00 -40.93
N ILE A 480 -29.80 10.15 -40.24
CA ILE A 480 -31.25 10.29 -40.20
C ILE A 480 -31.65 11.59 -39.54
N PHE A 481 -31.00 11.94 -38.43
CA PHE A 481 -31.35 13.15 -37.70
C PHE A 481 -30.89 14.41 -38.42
N THR A 482 -29.87 14.33 -39.28
CA THR A 482 -29.48 15.48 -40.08
C THR A 482 -30.53 15.81 -41.13
N LEU A 483 -31.14 14.78 -41.72
CA LEU A 483 -32.19 15.00 -42.72
C LEU A 483 -33.46 15.57 -42.10
N ILE A 484 -33.67 15.35 -40.80
CA ILE A 484 -34.84 15.93 -40.14
C ILE A 484 -34.65 17.42 -39.95
N ALA A 485 -33.45 17.84 -39.52
CA ALA A 485 -33.25 19.20 -39.07
C ALA A 485 -33.18 20.18 -40.24
N TYR A 486 -32.40 19.87 -41.26
CA TYR A 486 -32.18 20.81 -42.36
C TYR A 486 -33.33 20.89 -43.35
N TYR A 487 -34.36 20.06 -43.21
CA TYR A 487 -35.45 20.02 -44.17
C TYR A 487 -36.77 20.52 -43.57
N ARG A 488 -36.74 21.15 -42.41
CA ARG A 488 -37.97 21.68 -41.81
C ARG A 488 -38.41 22.92 -42.57
N PRO A 489 -39.72 23.13 -42.75
CA PRO A 489 -40.17 24.32 -43.49
C PRO A 489 -40.02 25.61 -42.71
N MET A 490 -40.12 25.55 -41.37
CA MET A 490 -39.80 26.64 -40.45
C MET A 490 -40.64 27.88 -40.70
N ASP A 491 -41.96 27.72 -40.50
CA ASP A 491 -42.87 28.85 -40.64
C ASP A 491 -43.03 29.63 -39.33
N GLY A 492 -42.98 28.92 -38.20
CA GLY A 492 -43.22 29.51 -36.89
C GLY A 492 -44.40 28.91 -36.15
N THR A 493 -45.21 28.05 -36.76
CA THR A 493 -46.37 27.44 -36.11
C THR A 493 -46.24 25.92 -36.16
N PRO A 494 -45.62 25.30 -35.17
CA PRO A 494 -45.61 23.84 -35.09
C PRO A 494 -46.84 23.33 -34.38
N PRO A 495 -47.31 22.10 -34.69
CA PRO A 495 -46.80 21.14 -35.67
C PRO A 495 -47.26 21.43 -37.11
N TYR A 496 -47.17 20.42 -37.97
CA TYR A 496 -47.25 20.59 -39.41
C TYR A 496 -48.20 19.58 -40.03
N PRO A 497 -48.75 19.89 -41.21
CA PRO A 497 -49.51 18.87 -41.95
C PRO A 497 -48.60 17.78 -42.47
N TYR A 498 -49.03 16.53 -42.33
CA TYR A 498 -48.19 15.39 -42.65
C TYR A 498 -48.69 14.57 -43.84
N ARG A 499 -49.54 15.15 -44.69
CA ARG A 499 -50.11 14.40 -45.81
C ARG A 499 -49.12 14.23 -46.95
N THR A 500 -48.16 15.14 -47.06
CA THR A 500 -47.17 15.10 -48.13
C THR A 500 -46.24 13.91 -47.97
N THR A 501 -46.10 13.13 -49.05
CA THR A 501 -45.28 11.91 -49.02
C THR A 501 -43.81 12.22 -48.80
N MET A 502 -43.29 13.26 -49.44
CA MET A 502 -41.91 13.69 -49.20
C MET A 502 -41.74 14.35 -47.84
N ASP A 503 -42.82 14.75 -47.18
CA ASP A 503 -42.80 15.10 -45.77
C ASP A 503 -43.20 13.95 -44.87
N TYR A 504 -43.84 12.91 -45.41
CA TYR A 504 -44.10 11.69 -44.65
C TYR A 504 -42.82 10.91 -44.39
N MET A 505 -41.80 11.08 -45.22
CA MET A 505 -40.51 10.40 -45.07
C MET A 505 -39.76 10.88 -43.84
N ARG A 506 -39.75 12.19 -43.60
CA ARG A 506 -39.08 12.73 -42.42
C ARG A 506 -39.91 12.51 -41.16
N LEU A 507 -41.20 12.21 -41.32
CA LEU A 507 -42.05 11.85 -40.20
C LEU A 507 -41.61 10.51 -39.63
N ALA A 508 -41.13 9.62 -40.51
CA ALA A 508 -40.55 8.36 -40.05
C ALA A 508 -39.24 8.56 -39.32
N GLY A 509 -38.53 9.66 -39.57
CA GLY A 509 -37.30 9.93 -38.86
C GLY A 509 -37.52 10.24 -37.40
N GLU A 510 -38.65 10.85 -37.06
CA GLU A 510 -38.98 11.07 -35.67
C GLU A 510 -39.33 9.78 -34.94
N ILE A 511 -39.72 8.73 -35.68
CA ILE A 511 -39.92 7.43 -35.06
C ILE A 511 -38.58 6.81 -34.69
N VAL A 512 -37.58 6.98 -35.55
CA VAL A 512 -36.29 6.33 -35.34
C VAL A 512 -35.49 7.06 -34.27
N THR A 513 -35.46 8.39 -34.32
CA THR A 513 -34.56 9.16 -33.47
C THR A 513 -35.08 9.24 -32.05
N LEU A 514 -36.37 9.56 -31.89
CA LEU A 514 -36.94 9.79 -30.56
C LEU A 514 -36.97 8.51 -29.74
N LEU A 515 -37.37 7.40 -30.36
CA LEU A 515 -37.52 6.14 -29.64
C LEU A 515 -36.18 5.59 -29.16
N THR A 516 -35.10 5.85 -29.89
CA THR A 516 -33.77 5.43 -29.45
C THR A 516 -33.37 6.20 -28.19
N GLY A 517 -33.73 7.47 -28.11
CA GLY A 517 -33.50 8.22 -26.89
C GLY A 517 -34.40 7.79 -25.75
N VAL A 518 -35.58 7.26 -26.07
CA VAL A 518 -36.50 6.81 -25.03
C VAL A 518 -36.02 5.51 -24.40
N VAL A 519 -35.54 4.58 -25.23
CA VAL A 519 -35.06 3.28 -24.74
C VAL A 519 -33.82 3.45 -23.86
N PHE A 520 -32.92 4.37 -24.25
CA PHE A 520 -31.73 4.60 -23.43
C PHE A 520 -32.07 5.36 -22.16
N PHE A 521 -33.19 6.08 -22.14
CA PHE A 521 -33.57 6.84 -20.95
C PHE A 521 -34.19 5.94 -19.89
N ILE A 522 -35.10 5.06 -20.30
CA ILE A 522 -35.85 4.22 -19.37
C ILE A 522 -35.01 3.07 -18.82
N THR A 523 -34.16 2.46 -19.64
CA THR A 523 -33.42 1.27 -19.22
C THR A 523 -32.36 1.62 -18.18
N ASN A 524 -31.75 2.80 -18.29
CA ASN A 524 -30.72 3.19 -17.34
C ASN A 524 -31.29 3.55 -15.98
N ILE A 525 -32.51 4.08 -15.94
CA ILE A 525 -33.18 4.30 -14.67
C ILE A 525 -33.56 2.97 -14.02
N LYS A 526 -34.02 2.00 -14.82
CA LYS A 526 -34.25 0.66 -14.32
C LYS A 526 -32.96 -0.01 -13.87
N ASP A 527 -31.87 0.20 -14.61
CA ASP A 527 -30.58 -0.34 -14.21
C ASP A 527 -30.03 0.36 -12.97
N LEU A 528 -30.42 1.61 -12.73
CA LEU A 528 -30.03 2.31 -11.51
C LEU A 528 -30.69 1.67 -10.29
N PHE A 529 -31.99 1.38 -10.40
CA PHE A 529 -32.71 0.83 -9.25
C PHE A 529 -32.41 -0.64 -9.04
N MET A 530 -32.37 -1.42 -10.12
CA MET A 530 -32.06 -2.84 -10.03
C MET A 530 -30.57 -3.06 -9.79
N VAL A 536 -21.55 1.37 -18.41
CA VAL A 536 -20.15 1.57 -18.09
C VAL A 536 -19.29 0.46 -18.70
N ASN A 537 -19.77 -0.10 -19.80
CA ASN A 537 -19.05 -1.13 -20.54
C ASN A 537 -17.90 -0.45 -21.28
N SER A 538 -16.80 -0.21 -20.56
CA SER A 538 -15.67 0.55 -21.09
C SER A 538 -14.73 -0.30 -21.94
N LEU A 539 -15.14 -1.52 -22.29
CA LEU A 539 -14.43 -2.29 -23.30
C LEU A 539 -14.43 -1.58 -24.65
N PHE A 540 -15.63 -1.35 -25.19
CA PHE A 540 -15.75 -0.70 -26.48
C PHE A 540 -15.52 0.81 -26.35
N ILE A 541 -16.40 1.48 -25.62
CA ILE A 541 -16.38 2.93 -25.45
C ILE A 541 -16.36 3.20 -23.95
N ASP A 542 -15.51 4.12 -23.51
CA ASP A 542 -15.33 4.39 -22.09
C ASP A 542 -16.59 4.99 -21.47
N GLY A 543 -16.67 4.90 -20.14
CA GLY A 543 -17.88 5.23 -19.39
C GLY A 543 -18.25 6.70 -19.37
N SER A 544 -17.37 7.58 -19.87
CA SER A 544 -17.73 8.98 -20.00
C SER A 544 -18.72 9.21 -21.14
N PHE A 545 -18.82 8.26 -22.07
CA PHE A 545 -19.76 8.40 -23.17
C PHE A 545 -21.20 8.17 -22.73
N GLN A 546 -21.39 7.24 -21.78
CA GLN A 546 -22.74 6.88 -21.34
C GLN A 546 -23.43 8.05 -20.64
N LEU A 547 -22.66 8.90 -19.96
CA LEU A 547 -23.24 10.12 -19.40
C LEU A 547 -23.51 11.14 -20.50
N LEU A 548 -22.62 11.24 -21.48
CA LEU A 548 -22.80 12.24 -22.54
C LEU A 548 -23.90 11.84 -23.51
N TYR A 549 -24.01 10.54 -23.81
CA TYR A 549 -25.12 10.06 -24.62
C TYR A 549 -26.44 10.14 -23.87
N PHE A 550 -26.39 10.15 -22.54
CA PHE A 550 -27.60 10.37 -21.76
C PHE A 550 -28.08 11.80 -21.89
N ILE A 551 -27.15 12.77 -21.87
CA ILE A 551 -27.51 14.17 -22.05
C ILE A 551 -28.03 14.40 -23.47
N TYR A 552 -27.49 13.66 -24.44
CA TYR A 552 -28.09 13.61 -25.77
C TYR A 552 -29.50 13.04 -25.71
N SER A 553 -29.72 12.03 -24.86
CA SER A 553 -31.03 11.41 -24.78
C SER A 553 -32.03 12.31 -24.06
N VAL A 554 -31.56 13.18 -23.16
CA VAL A 554 -32.47 14.06 -22.45
C VAL A 554 -32.95 15.18 -23.37
N LEU A 555 -32.05 15.74 -24.18
CA LEU A 555 -32.40 16.87 -25.02
C LEU A 555 -33.31 16.50 -26.18
N VAL A 556 -33.36 15.21 -26.55
CA VAL A 556 -34.26 14.80 -27.62
C VAL A 556 -35.70 14.80 -27.14
N ILE A 557 -35.96 14.23 -25.96
CA ILE A 557 -37.33 14.15 -25.47
C ILE A 557 -37.84 15.50 -24.98
N ILE A 558 -36.95 16.42 -24.62
CA ILE A 558 -37.38 17.79 -24.34
C ILE A 558 -37.78 18.47 -25.64
N THR A 559 -37.03 18.20 -26.72
CA THR A 559 -37.33 18.77 -28.02
C THR A 559 -38.68 18.30 -28.54
N ALA A 560 -39.02 17.03 -28.28
CA ALA A 560 -40.28 16.47 -28.76
C ALA A 560 -41.48 17.10 -28.07
N VAL A 561 -41.30 17.63 -26.86
CA VAL A 561 -42.40 18.29 -26.17
C VAL A 561 -42.68 19.65 -26.78
N LEU A 562 -41.61 20.39 -27.15
CA LEU A 562 -41.72 21.83 -27.37
C LEU A 562 -42.49 22.17 -28.64
N TYR A 563 -42.39 21.36 -29.69
CA TYR A 563 -43.21 21.62 -30.87
C TYR A 563 -44.59 20.97 -30.78
N LEU A 564 -44.86 20.24 -29.71
CA LEU A 564 -46.22 19.76 -29.45
C LEU A 564 -46.98 20.68 -28.50
N VAL A 565 -46.27 21.48 -27.69
CA VAL A 565 -46.94 22.50 -26.90
C VAL A 565 -47.42 23.62 -27.80
N GLY A 566 -46.60 24.04 -28.74
CA GLY A 566 -46.94 25.12 -29.66
C GLY A 566 -45.92 26.23 -29.72
N ILE A 567 -44.81 26.13 -29.01
CA ILE A 567 -43.78 27.17 -29.00
C ILE A 567 -42.70 26.78 -30.01
N GLU A 568 -42.41 27.69 -30.94
CA GLU A 568 -41.55 27.42 -32.08
C GLU A 568 -40.07 27.52 -31.76
N SER A 569 -39.70 27.67 -30.48
CA SER A 569 -38.30 27.80 -30.08
C SER A 569 -37.63 26.45 -29.87
N TYR A 570 -38.25 25.37 -30.36
CA TYR A 570 -37.68 24.03 -30.34
C TYR A 570 -36.45 23.90 -31.22
N LEU A 571 -36.30 24.78 -32.22
CA LEU A 571 -35.24 24.71 -33.21
C LEU A 571 -33.85 24.96 -32.61
N ALA A 572 -33.78 25.66 -31.48
CA ALA A 572 -32.49 25.87 -30.83
C ALA A 572 -31.97 24.57 -30.23
N VAL A 573 -32.81 23.85 -29.48
CA VAL A 573 -32.38 22.64 -28.79
C VAL A 573 -32.17 21.50 -29.78
N MET A 574 -32.95 21.48 -30.87
CA MET A 574 -32.90 20.37 -31.82
C MET A 574 -31.56 20.33 -32.55
N VAL A 575 -31.06 21.49 -32.96
CA VAL A 575 -29.78 21.53 -33.65
C VAL A 575 -28.65 21.49 -32.63
N PHE A 576 -28.95 21.80 -31.36
CA PHE A 576 -27.94 21.76 -30.31
C PHE A 576 -27.45 20.34 -30.07
N ALA A 577 -28.37 19.38 -29.95
CA ALA A 577 -27.99 17.99 -29.77
C ALA A 577 -27.36 17.40 -31.03
N LEU A 578 -27.63 17.99 -32.19
CA LEU A 578 -26.95 17.57 -33.41
C LEU A 578 -25.46 17.88 -33.35
N VAL A 579 -25.09 18.96 -32.67
CA VAL A 579 -23.68 19.32 -32.55
C VAL A 579 -22.97 18.35 -31.61
N LEU A 580 -23.65 17.93 -30.54
CA LEU A 580 -23.04 17.00 -29.59
C LEU A 580 -22.85 15.61 -30.22
N GLY A 581 -23.83 15.16 -30.99
CA GLY A 581 -23.84 13.82 -31.54
C GLY A 581 -22.70 13.52 -32.51
N TRP A 582 -22.37 14.49 -33.36
CA TRP A 582 -21.18 14.34 -34.18
C TRP A 582 -19.91 14.48 -33.37
N MET A 583 -19.93 15.25 -32.29
CA MET A 583 -18.80 15.36 -31.40
C MET A 583 -18.75 14.25 -30.37
N ASN A 584 -19.83 13.48 -30.22
CA ASN A 584 -19.78 12.25 -29.44
C ASN A 584 -19.03 11.14 -30.18
N ALA A 585 -18.83 11.29 -31.48
CA ALA A 585 -18.09 10.30 -32.26
C ALA A 585 -16.59 10.34 -32.01
N LEU A 586 -16.10 11.32 -31.23
CA LEU A 586 -14.68 11.39 -30.93
C LEU A 586 -14.24 10.34 -29.92
N TYR A 587 -15.17 9.67 -29.26
CA TYR A 587 -14.80 8.53 -28.42
C TYR A 587 -14.64 7.24 -29.21
N PHE A 588 -14.98 7.25 -30.50
CA PHE A 588 -14.78 6.09 -31.34
C PHE A 588 -13.33 5.91 -31.77
N THR A 589 -12.52 6.94 -31.61
CA THR A 589 -11.16 6.94 -32.13
C THR A 589 -10.16 6.24 -31.21
N ARG A 590 -10.58 5.81 -30.02
CA ARG A 590 -9.66 5.10 -29.14
C ARG A 590 -9.35 3.71 -29.65
N GLY A 591 -10.35 3.00 -30.13
CA GLY A 591 -10.15 1.65 -30.62
C GLY A 591 -10.80 0.59 -29.75
N LEU A 592 -9.99 -0.16 -29.02
CA LEU A 592 -10.50 -1.20 -28.14
C LEU A 592 -9.57 -1.30 -26.93
N LYS A 593 -10.16 -1.46 -25.76
CA LYS A 593 -9.42 -1.50 -24.51
C LYS A 593 -9.54 -2.87 -23.85
N LEU A 594 -8.41 -3.43 -23.42
CA LEU A 594 -8.40 -4.70 -22.70
C LEU A 594 -7.70 -4.64 -21.36
N THR A 595 -6.81 -3.68 -21.14
CA THR A 595 -6.12 -3.53 -19.87
C THR A 595 -6.95 -2.67 -18.93
N GLY A 596 -7.26 -3.21 -17.74
CA GLY A 596 -8.15 -2.53 -16.83
C GLY A 596 -7.44 -1.46 -16.03
N THR A 597 -8.03 -0.27 -15.99
CA THR A 597 -7.58 0.80 -15.13
C THR A 597 -8.44 0.85 -13.88
N TYR A 598 -8.11 1.77 -12.99
CA TYR A 598 -8.83 1.94 -11.74
C TYR A 598 -9.98 2.93 -11.87
N SER A 599 -9.99 3.74 -12.92
CA SER A 599 -11.00 4.77 -13.13
C SER A 599 -12.30 4.22 -13.71
N ILE A 600 -12.37 2.92 -13.95
CA ILE A 600 -13.55 2.34 -14.60
C ILE A 600 -14.68 2.17 -13.60
N MET A 601 -14.37 1.67 -12.41
CA MET A 601 -15.34 1.52 -11.35
C MET A 601 -15.75 2.90 -10.81
N LEU A 602 -14.84 3.87 -10.93
CA LEU A 602 -15.14 5.23 -10.50
C LEU A 602 -16.24 5.89 -11.33
N GLN A 603 -16.29 5.59 -12.63
CA GLN A 603 -17.24 6.26 -13.49
C GLN A 603 -18.65 5.68 -13.43
N LYS A 604 -18.83 4.53 -12.77
CA LYS A 604 -20.18 4.06 -12.49
C LYS A 604 -20.82 4.90 -11.41
N ILE A 605 -20.07 5.19 -10.34
CA ILE A 605 -20.54 6.05 -9.27
C ILE A 605 -20.64 7.50 -9.73
N LEU A 606 -19.79 7.90 -10.69
CA LEU A 606 -19.93 9.22 -11.30
C LEU A 606 -21.26 9.35 -12.05
N PHE A 607 -21.61 8.32 -12.82
CA PHE A 607 -22.90 8.29 -13.49
C PHE A 607 -24.06 8.09 -12.52
N LYS A 608 -23.83 7.39 -11.41
CA LYS A 608 -24.87 7.10 -10.43
C LYS A 608 -25.34 8.34 -9.69
N ASP A 609 -24.42 9.12 -9.13
CA ASP A 609 -24.82 10.19 -8.23
C ASP A 609 -25.06 11.51 -8.93
N LEU A 610 -24.46 11.74 -10.11
CA LEU A 610 -24.80 12.95 -10.87
C LEU A 610 -26.21 12.90 -11.40
N PHE A 611 -26.68 11.71 -11.78
CA PHE A 611 -28.09 11.56 -12.11
C PHE A 611 -28.96 11.73 -10.87
N ARG A 612 -28.46 11.31 -9.70
CA ARG A 612 -29.11 11.63 -8.45
C ARG A 612 -28.98 13.11 -8.13
N PHE A 613 -27.88 13.74 -8.55
CA PHE A 613 -27.70 15.17 -8.32
C PHE A 613 -28.64 16.00 -9.17
N LEU A 614 -28.99 15.52 -10.37
CA LEU A 614 -29.92 16.26 -11.21
C LEU A 614 -31.35 16.11 -10.70
N LEU A 615 -31.72 14.93 -10.22
CA LEU A 615 -33.07 14.72 -9.72
C LEU A 615 -33.29 15.42 -8.39
N VAL A 616 -32.26 15.49 -7.54
CA VAL A 616 -32.41 16.22 -6.30
C VAL A 616 -32.39 17.72 -6.56
N TYR A 617 -31.87 18.14 -7.71
CA TYR A 617 -31.99 19.52 -8.13
C TYR A 617 -33.40 19.83 -8.59
N LEU A 618 -33.88 19.10 -9.61
CA LEU A 618 -35.12 19.46 -10.30
C LEU A 618 -36.35 19.24 -9.44
N LEU A 619 -36.36 18.21 -8.59
CA LEU A 619 -37.48 18.03 -7.68
C LEU A 619 -37.48 19.10 -6.59
N PHE A 620 -36.31 19.68 -6.30
CA PHE A 620 -36.26 20.78 -5.34
C PHE A 620 -36.74 22.08 -5.96
N MET A 621 -36.41 22.31 -7.23
CA MET A 621 -36.81 23.55 -7.89
C MET A 621 -38.31 23.55 -8.18
N ILE A 622 -38.85 22.41 -8.60
CA ILE A 622 -40.29 22.26 -8.79
C ILE A 622 -41.01 22.33 -7.45
N GLY A 623 -40.44 21.67 -6.43
CA GLY A 623 -41.10 21.63 -5.13
C GLY A 623 -41.14 22.97 -4.43
N TYR A 624 -40.08 23.76 -4.58
CA TYR A 624 -40.08 25.09 -3.97
C TYR A 624 -40.94 26.07 -4.76
N ALA A 625 -41.04 25.87 -6.08
CA ALA A 625 -41.94 26.71 -6.88
C ALA A 625 -43.40 26.36 -6.59
N SER A 626 -43.71 25.07 -6.46
CA SER A 626 -45.05 24.65 -6.07
C SER A 626 -45.37 25.03 -4.63
N ALA A 627 -44.35 25.23 -3.80
CA ALA A 627 -44.58 25.69 -2.44
C ALA A 627 -45.07 27.14 -2.42
N LEU A 628 -44.47 28.00 -3.24
CA LEU A 628 -44.80 29.42 -3.22
C LEU A 628 -46.16 29.73 -3.80
N VAL A 629 -46.71 28.84 -4.63
CA VAL A 629 -48.06 29.03 -5.12
C VAL A 629 -49.06 28.81 -4.00
N SER A 630 -48.74 27.92 -3.05
CA SER A 630 -49.60 27.68 -1.90
C SER A 630 -49.62 28.85 -0.94
N LEU A 631 -48.64 29.75 -1.00
CA LEU A 631 -48.70 30.99 -0.22
C LEU A 631 -49.76 31.93 -0.77
N LEU A 632 -50.05 31.85 -2.07
CA LEU A 632 -51.00 32.76 -2.70
C LEU A 632 -52.41 32.34 -2.34
N ASN A 633 -52.93 32.93 -1.27
CA ASN A 633 -54.31 32.66 -0.85
C ASN A 633 -55.33 33.47 -1.66
N PRO A 634 -55.17 34.77 -1.94
CA PRO A 634 -56.11 35.41 -2.86
C PRO A 634 -55.82 35.03 -4.31
N CYS A 635 -56.79 35.34 -5.17
CA CYS A 635 -56.67 35.06 -6.60
C CYS A 635 -56.16 36.28 -7.35
N ARG A 657 -53.11 31.80 -6.50
CA ARG A 657 -53.68 32.86 -7.33
C ARG A 657 -53.92 32.36 -8.75
N ASP A 658 -53.36 33.07 -9.72
CA ASP A 658 -53.51 32.67 -11.11
C ASP A 658 -52.66 31.44 -11.40
N SER A 659 -53.18 30.59 -12.30
CA SER A 659 -52.47 29.37 -12.67
C SER A 659 -51.26 29.66 -13.56
N SER A 660 -51.19 30.85 -14.16
CA SER A 660 -50.05 31.26 -14.95
C SER A 660 -48.94 31.87 -14.12
N THR A 661 -49.10 31.92 -12.79
CA THR A 661 -48.04 32.43 -11.93
C THR A 661 -46.96 31.39 -11.70
N PHE A 662 -47.33 30.10 -11.73
CA PHE A 662 -46.37 29.02 -11.46
C PHE A 662 -45.29 28.96 -12.54
N SER A 663 -45.63 29.34 -13.77
CA SER A 663 -44.63 29.48 -14.81
C SER A 663 -43.69 30.64 -14.55
N LYS A 664 -44.13 31.65 -13.80
CA LYS A 664 -43.31 32.80 -13.49
C LYS A 664 -42.46 32.58 -12.25
N PHE A 665 -42.93 31.75 -11.30
CA PHE A 665 -42.10 31.39 -10.16
C PHE A 665 -40.93 30.52 -10.58
N LEU A 666 -41.19 29.53 -11.43
CA LEU A 666 -40.14 28.58 -11.81
C LEU A 666 -39.14 29.23 -12.77
N LEU A 667 -39.59 30.25 -13.51
CA LEU A 667 -38.68 30.96 -14.41
C LEU A 667 -37.70 31.82 -13.62
N ASP A 668 -38.18 32.51 -12.59
CA ASP A 668 -37.30 33.37 -11.81
C ASP A 668 -36.44 32.56 -10.86
N LEU A 669 -36.82 31.31 -10.59
CA LEU A 669 -36.09 30.51 -9.61
C LEU A 669 -34.86 29.87 -10.26
N PHE A 670 -34.96 29.51 -11.54
CA PHE A 670 -33.82 28.96 -12.27
C PHE A 670 -32.72 29.99 -12.46
N LYS A 671 -33.09 31.26 -12.64
CA LYS A 671 -32.11 32.29 -12.97
C LYS A 671 -31.23 32.64 -11.78
N LEU A 672 -31.70 32.39 -10.56
CA LEU A 672 -30.93 32.73 -9.38
C LEU A 672 -29.76 31.76 -9.17
N THR A 673 -29.93 30.51 -9.59
CA THR A 673 -28.85 29.54 -9.44
C THR A 673 -27.74 29.80 -10.45
N ILE A 674 -28.09 30.25 -11.65
CA ILE A 674 -27.08 30.64 -12.62
C ILE A 674 -26.48 31.98 -12.26
N GLY A 675 -27.33 32.97 -12.02
CA GLY A 675 -26.89 34.32 -11.76
C GLY A 675 -27.21 35.29 -12.88
N MET A 676 -28.33 35.12 -13.59
CA MET A 676 -28.69 36.05 -14.64
C MET A 676 -29.15 37.38 -14.07
N GLY A 677 -29.96 37.34 -13.03
CA GLY A 677 -30.42 38.55 -12.39
C GLY A 677 -31.45 39.33 -13.18
N ASP A 678 -32.20 38.67 -14.05
CA ASP A 678 -33.25 39.31 -14.85
C ASP A 678 -34.57 38.66 -14.47
N LEU A 679 -35.17 39.16 -13.39
CA LEU A 679 -36.30 38.51 -12.76
C LEU A 679 -37.59 39.26 -13.05
N GLU A 680 -38.71 38.65 -12.65
CA GLU A 680 -40.02 39.19 -12.94
C GLU A 680 -40.88 39.45 -11.72
N MET A 681 -40.85 38.58 -10.71
CA MET A 681 -41.62 38.82 -9.49
C MET A 681 -40.75 39.01 -8.26
N ILE A 682 -39.76 38.14 -8.04
CA ILE A 682 -38.98 38.15 -6.81
C ILE A 682 -38.06 39.36 -6.81
N ASN A 683 -38.37 40.33 -5.95
CA ASN A 683 -37.55 41.52 -5.77
C ASN A 683 -36.72 41.35 -4.51
N SER A 684 -35.40 41.33 -4.67
CA SER A 684 -34.51 41.20 -3.51
C SER A 684 -34.48 42.47 -2.69
N ALA A 685 -34.89 43.61 -3.25
CA ALA A 685 -34.96 44.84 -2.49
C ALA A 685 -36.15 44.87 -1.53
N LYS A 686 -37.12 43.97 -1.72
CA LYS A 686 -38.28 43.95 -0.84
C LYS A 686 -37.95 43.32 0.51
N TYR A 687 -37.48 42.07 0.50
CA TYR A 687 -37.02 41.39 1.72
C TYR A 687 -35.54 41.06 1.56
N PRO A 688 -34.64 41.94 1.98
CA PRO A 688 -33.22 41.69 1.77
C PRO A 688 -32.62 40.70 2.76
N ALA A 689 -33.04 40.74 4.02
CA ALA A 689 -32.42 39.92 5.05
C ALA A 689 -32.84 38.47 4.99
N VAL A 690 -33.88 38.15 4.24
CA VAL A 690 -34.35 36.77 4.09
C VAL A 690 -33.85 36.16 2.79
N PHE A 691 -33.79 36.96 1.73
CA PHE A 691 -33.30 36.49 0.44
C PHE A 691 -31.84 36.09 0.49
N ILE A 692 -31.04 36.77 1.33
CA ILE A 692 -29.63 36.42 1.45
C ILE A 692 -29.47 35.10 2.17
N ILE A 693 -30.12 34.96 3.34
CA ILE A 693 -29.90 33.78 4.17
C ILE A 693 -30.55 32.53 3.57
N LEU A 694 -31.49 32.68 2.64
CA LEU A 694 -31.89 31.53 1.86
C LEU A 694 -30.88 31.22 0.77
N LEU A 695 -30.26 32.26 0.20
CA LEU A 695 -29.29 32.05 -0.87
C LEU A 695 -27.95 31.56 -0.32
N VAL A 696 -27.57 32.01 0.89
CA VAL A 696 -26.35 31.53 1.50
C VAL A 696 -26.47 30.06 1.85
N THR A 697 -27.59 29.67 2.47
CA THR A 697 -27.84 28.26 2.75
C THR A 697 -28.04 27.43 1.49
N TYR A 698 -28.47 28.04 0.38
CA TYR A 698 -28.53 27.30 -0.87
C TYR A 698 -27.14 26.98 -1.40
N ILE A 699 -26.16 27.85 -1.16
CA ILE A 699 -24.79 27.55 -1.51
C ILE A 699 -24.27 26.40 -0.66
N ILE A 700 -24.59 26.43 0.64
CA ILE A 700 -24.10 25.41 1.58
C ILE A 700 -24.73 24.05 1.29
N LEU A 701 -26.00 24.02 0.84
CA LEU A 701 -26.61 22.76 0.43
C LEU A 701 -25.93 22.20 -0.81
N THR A 702 -25.63 23.05 -1.78
CA THR A 702 -25.01 22.57 -3.02
C THR A 702 -23.53 22.27 -2.85
N PHE A 703 -22.85 22.95 -1.94
CA PHE A 703 -21.41 22.74 -1.80
C PHE A 703 -21.11 21.42 -1.09
N VAL A 704 -22.01 20.95 -0.25
CA VAL A 704 -21.79 19.68 0.43
C VAL A 704 -22.10 18.52 -0.50
N LEU A 705 -23.11 18.68 -1.36
CA LEU A 705 -23.43 17.64 -2.34
C LEU A 705 -22.33 17.50 -3.39
N LEU A 706 -21.55 18.57 -3.62
CA LEU A 706 -20.36 18.42 -4.45
C LEU A 706 -19.26 17.68 -3.70
N LEU A 707 -19.14 17.89 -2.40
CA LEU A 707 -18.15 17.18 -1.61
C LEU A 707 -18.55 15.74 -1.35
N ASN A 708 -19.85 15.41 -1.46
CA ASN A 708 -20.26 14.02 -1.39
C ASN A 708 -19.83 13.24 -2.61
N MET A 709 -19.56 13.92 -3.73
CA MET A 709 -18.95 13.26 -4.88
C MET A 709 -17.51 12.89 -4.59
N LEU A 710 -16.74 13.84 -4.04
CA LEU A 710 -15.30 13.63 -3.88
C LEU A 710 -14.98 12.66 -2.75
N ILE A 711 -15.78 12.68 -1.67
CA ILE A 711 -15.54 11.75 -0.58
C ILE A 711 -15.93 10.33 -0.99
N ALA A 712 -16.96 10.19 -1.82
CA ALA A 712 -17.30 8.87 -2.36
C ALA A 712 -16.26 8.37 -3.34
N LEU A 713 -15.44 9.25 -3.92
CA LEU A 713 -14.34 8.81 -4.75
C LEU A 713 -13.07 8.59 -3.95
N MET A 714 -12.75 9.49 -3.02
CA MET A 714 -11.56 9.32 -2.19
C MET A 714 -11.71 8.16 -1.21
N GLY A 715 -12.94 7.89 -0.74
CA GLY A 715 -13.19 6.74 0.10
C GLY A 715 -13.24 5.43 -0.65
N GLU A 716 -13.10 5.46 -1.97
CA GLU A 716 -13.15 4.28 -2.83
C GLU A 716 -11.78 3.87 -3.33
N THR A 717 -10.91 4.84 -3.63
CA THR A 717 -9.63 4.57 -4.26
C THR A 717 -8.53 4.19 -3.29
N VAL A 718 -8.85 3.67 -2.10
CA VAL A 718 -7.79 3.35 -1.16
C VAL A 718 -7.64 1.84 -0.93
N GLY A 719 -8.66 1.17 -0.41
CA GLY A 719 -8.47 -0.19 0.08
C GLY A 719 -8.70 -1.32 -0.91
N GLN A 720 -9.91 -1.39 -1.47
CA GLN A 720 -10.34 -2.55 -2.24
C GLN A 720 -10.22 -2.33 -3.73
N VAL A 721 -9.88 -1.10 -4.15
CA VAL A 721 -9.72 -0.82 -5.58
C VAL A 721 -8.50 -1.52 -6.16
N SER A 722 -7.54 -1.93 -5.33
CA SER A 722 -6.36 -2.63 -5.81
C SER A 722 -6.67 -4.05 -6.25
N LYS A 723 -7.77 -4.63 -5.74
CA LYS A 723 -8.20 -5.96 -6.14
C LYS A 723 -9.42 -5.93 -7.05
N GLU A 724 -10.42 -5.11 -6.71
CA GLU A 724 -11.72 -5.18 -7.36
C GLU A 724 -11.68 -4.65 -8.79
N SER A 725 -10.78 -3.70 -9.07
CA SER A 725 -10.63 -3.20 -10.44
C SER A 725 -9.98 -4.20 -11.36
N LYS A 726 -9.31 -5.22 -10.83
CA LYS A 726 -8.83 -6.35 -11.62
C LYS A 726 -9.71 -7.58 -11.44
N GLN A 727 -10.92 -7.39 -10.92
CA GLN A 727 -11.92 -8.44 -10.80
C GLN A 727 -13.13 -8.20 -11.69
N ILE A 728 -13.76 -7.03 -11.58
CA ILE A 728 -14.94 -6.74 -12.39
C ILE A 728 -14.54 -6.49 -13.84
N TRP A 729 -13.34 -5.93 -14.06
CA TRP A 729 -12.83 -5.78 -15.41
C TRP A 729 -12.61 -7.13 -16.09
N LYS A 730 -12.13 -8.12 -15.33
CA LYS A 730 -12.11 -9.48 -15.85
C LYS A 730 -13.52 -10.04 -15.98
N LEU A 731 -14.42 -9.65 -15.07
CA LEU A 731 -15.77 -10.19 -15.10
C LEU A 731 -16.59 -9.56 -16.23
N GLN A 732 -16.46 -8.25 -16.44
CA GLN A 732 -17.23 -7.58 -17.48
C GLN A 732 -16.70 -7.93 -18.87
N TRP A 733 -15.40 -8.22 -18.97
CA TRP A 733 -14.85 -8.70 -20.24
C TRP A 733 -15.42 -10.05 -20.63
N ALA A 734 -15.72 -10.89 -19.64
CA ALA A 734 -16.39 -12.15 -19.90
C ALA A 734 -17.90 -11.98 -20.05
N THR A 735 -18.47 -10.95 -19.41
CA THR A 735 -19.91 -10.76 -19.43
C THR A 735 -20.37 -10.27 -20.79
N THR A 736 -19.63 -9.34 -21.39
CA THR A 736 -20.06 -8.71 -22.63
C THR A 736 -19.89 -9.66 -23.82
N ILE A 737 -18.84 -10.48 -23.81
CA ILE A 737 -18.55 -11.35 -24.96
C ILE A 737 -19.58 -12.47 -25.04
N LEU A 738 -20.22 -12.84 -23.92
CA LEU A 738 -21.31 -13.79 -24.01
C LEU A 738 -22.61 -13.13 -24.45
N ASP A 739 -22.76 -11.83 -24.16
CA ASP A 739 -23.91 -11.10 -24.69
C ASP A 739 -23.79 -10.89 -26.19
N ILE A 740 -22.56 -10.79 -26.70
CA ILE A 740 -22.35 -10.79 -28.14
C ILE A 740 -22.65 -12.16 -28.71
N GLU A 741 -22.33 -13.22 -27.95
CA GLU A 741 -22.56 -14.59 -28.41
C GLU A 741 -24.04 -14.91 -28.49
N ARG A 742 -24.85 -14.37 -27.58
CA ARG A 742 -26.29 -14.57 -27.66
C ARG A 742 -26.93 -13.80 -28.81
N SER A 743 -26.25 -12.78 -29.33
CA SER A 743 -26.83 -11.95 -30.38
C SER A 743 -26.84 -12.65 -31.73
N PHE A 744 -25.89 -13.54 -31.99
CA PHE A 744 -25.85 -14.20 -33.27
C PHE A 744 -26.86 -15.35 -33.31
N PRO A 745 -27.42 -15.64 -34.49
CA PRO A 745 -28.32 -16.79 -34.62
C PRO A 745 -27.60 -18.13 -34.56
N VAL A 746 -28.36 -19.21 -34.68
CA VAL A 746 -27.78 -20.54 -34.63
C VAL A 746 -27.04 -20.88 -35.93
N CYS A 747 -27.34 -20.18 -37.02
CA CYS A 747 -26.67 -20.47 -38.29
C CYS A 747 -25.24 -19.94 -38.30
N MET A 748 -25.06 -18.69 -37.87
CA MET A 748 -23.73 -18.09 -37.81
C MET A 748 -22.94 -18.50 -36.58
N ARG A 749 -23.54 -19.28 -35.68
CA ARG A 749 -22.83 -19.73 -34.49
C ARG A 749 -21.78 -20.78 -34.83
N LYS A 750 -22.09 -21.67 -35.77
CA LYS A 750 -21.16 -22.72 -36.17
C LYS A 750 -20.04 -22.23 -37.07
N ALA A 751 -20.09 -20.98 -37.53
CA ALA A 751 -19.09 -20.48 -38.46
C ALA A 751 -17.76 -20.23 -37.76
N PHE A 752 -17.77 -19.36 -36.75
CA PHE A 752 -16.56 -19.01 -36.03
C PHE A 752 -16.42 -19.75 -34.71
N ARG A 753 -16.84 -21.00 -34.65
CA ARG A 753 -16.70 -21.79 -33.44
C ARG A 753 -15.25 -22.18 -33.22
N SER A 754 -14.74 -21.91 -32.02
CA SER A 754 -13.36 -22.24 -31.70
C SER A 754 -13.23 -23.74 -31.43
N GLY A 755 -11.99 -24.20 -31.44
CA GLY A 755 -11.70 -25.60 -31.23
C GLY A 755 -11.70 -26.40 -32.52
N GLU A 756 -11.07 -27.57 -32.45
CA GLU A 756 -10.90 -28.44 -33.61
C GLU A 756 -11.32 -29.86 -33.27
N MET A 757 -11.45 -30.68 -34.31
CA MET A 757 -11.68 -32.10 -34.14
C MET A 757 -10.34 -32.83 -34.19
N VAL A 758 -9.97 -33.47 -33.09
CA VAL A 758 -8.75 -34.26 -33.00
C VAL A 758 -9.16 -35.68 -32.63
N THR A 759 -8.90 -36.62 -33.54
CA THR A 759 -9.30 -38.00 -33.33
C THR A 759 -8.39 -38.65 -32.30
N VAL A 760 -8.90 -38.86 -31.10
CA VAL A 760 -8.16 -39.46 -30.00
C VAL A 760 -8.90 -40.73 -29.56
N GLY A 761 -8.18 -41.84 -29.50
CA GLY A 761 -8.74 -43.08 -29.02
C GLY A 761 -9.61 -43.80 -30.03
N LYS A 762 -10.60 -44.54 -29.55
CA LYS A 762 -11.51 -45.26 -30.43
C LYS A 762 -12.88 -44.60 -30.47
N ARG A 770 -12.67 -39.02 -31.40
CA ARG A 770 -12.90 -37.75 -32.07
C ARG A 770 -13.85 -36.88 -31.26
N ARG A 771 -13.43 -35.64 -31.01
CA ARG A 771 -14.20 -34.72 -30.18
C ARG A 771 -13.76 -33.30 -30.51
N TRP A 772 -14.58 -32.33 -30.09
CA TRP A 772 -14.33 -30.92 -30.36
C TRP A 772 -13.56 -30.34 -29.17
N CYS A 773 -12.26 -30.56 -29.20
CA CYS A 773 -11.34 -30.11 -28.17
C CYS A 773 -10.60 -28.85 -28.62
N PHE A 774 -9.81 -28.29 -27.70
CA PHE A 774 -9.09 -27.05 -27.95
C PHE A 774 -7.60 -27.22 -27.68
N ARG A 775 -6.78 -26.67 -28.58
CA ARG A 775 -5.34 -26.81 -28.52
C ARG A 775 -4.73 -25.71 -27.65
N VAL A 776 -3.88 -26.13 -26.71
CA VAL A 776 -3.20 -25.23 -25.78
C VAL A 776 -1.72 -25.55 -25.81
N ASP A 777 -0.88 -24.53 -26.02
CA ASP A 777 0.56 -24.69 -26.02
C ASP A 777 1.15 -24.53 -24.63
N GLU A 778 2.31 -25.13 -24.42
CA GLU A 778 3.03 -25.03 -23.15
C GLU A 778 4.53 -24.92 -23.42
N VAL A 779 5.26 -24.41 -22.44
CA VAL A 779 6.72 -24.35 -22.45
C VAL A 779 7.21 -24.81 -21.08
N ASN A 780 8.02 -25.87 -21.05
CA ASN A 780 8.56 -26.38 -19.80
C ASN A 780 9.98 -26.87 -20.03
N TRP A 781 10.84 -26.61 -19.05
CA TRP A 781 12.25 -26.99 -19.12
C TRP A 781 12.65 -28.03 -18.10
N SER A 782 11.84 -28.27 -17.08
CA SER A 782 12.23 -29.16 -15.98
C SER A 782 11.89 -30.61 -16.24
N HIS A 783 10.69 -30.88 -16.77
CA HIS A 783 10.23 -32.25 -16.95
C HIS A 783 10.86 -32.84 -18.22
N TRP A 784 11.44 -34.03 -18.09
CA TRP A 784 12.05 -34.70 -19.23
C TRP A 784 11.74 -36.19 -19.22
N MET B 144 32.90 -8.90 65.33
CA MET B 144 33.02 -7.93 66.41
C MET B 144 31.76 -7.90 67.26
N PHE B 145 31.63 -6.85 68.08
CA PHE B 145 30.53 -6.73 69.02
C PHE B 145 29.54 -5.63 68.64
N ASN B 146 29.78 -4.89 67.57
CA ASN B 146 28.93 -3.81 67.14
C ASN B 146 27.88 -4.31 66.16
N ARG B 147 27.01 -3.40 65.71
CA ARG B 147 25.95 -3.78 64.79
C ARG B 147 26.45 -3.79 63.34
N HIS B 148 27.41 -2.92 63.01
CA HIS B 148 27.81 -2.75 61.63
C HIS B 148 28.63 -3.93 61.13
N MET B 149 29.37 -4.58 62.03
CA MET B 149 30.07 -5.81 61.67
C MET B 149 29.09 -6.94 61.43
N LEU B 150 27.95 -6.93 62.12
CA LEU B 150 27.00 -8.03 62.00
C LEU B 150 26.20 -7.94 60.71
N PHE B 151 25.81 -6.74 60.28
CA PHE B 151 25.07 -6.60 59.03
C PHE B 151 25.94 -6.80 57.79
N ASP B 152 27.26 -6.81 57.94
CA ASP B 152 28.14 -7.01 56.80
C ASP B 152 28.43 -8.49 56.53
N ILE B 153 28.88 -9.22 57.56
CA ILE B 153 29.37 -10.59 57.40
C ILE B 153 28.27 -11.55 56.93
N VAL B 154 27.01 -11.23 57.25
CA VAL B 154 25.87 -11.97 56.70
C VAL B 154 25.84 -11.86 55.18
N SER B 155 26.15 -10.68 54.64
CA SER B 155 26.30 -10.55 53.20
C SER B 155 27.60 -11.19 52.70
N ARG B 156 28.63 -11.23 53.54
CA ARG B 156 29.86 -11.94 53.18
C ARG B 156 29.61 -13.45 53.11
N GLY B 157 28.78 -13.97 54.02
CA GLY B 157 28.47 -15.38 54.03
C GLY B 157 29.59 -16.25 54.58
N SER B 158 30.03 -15.95 55.80
CA SER B 158 31.08 -16.71 56.48
C SER B 158 30.61 -16.95 57.91
N THR B 159 30.16 -18.18 58.19
CA THR B 159 29.65 -18.51 59.52
C THR B 159 30.76 -18.63 60.56
N ALA B 160 32.01 -18.83 60.13
CA ALA B 160 33.12 -18.87 61.07
C ALA B 160 33.45 -17.50 61.62
N GLU B 161 33.09 -16.42 60.91
CA GLU B 161 33.24 -15.07 61.40
C GLU B 161 32.03 -14.61 62.22
N LEU B 162 31.10 -15.51 62.51
CA LEU B 162 29.92 -15.19 63.33
C LEU B 162 29.82 -16.13 64.53
N GLU B 163 30.90 -16.85 64.84
CA GLU B 163 30.88 -17.80 65.93
C GLU B 163 30.93 -17.09 67.28
N GLY B 164 30.43 -17.78 68.31
CA GLY B 164 30.43 -17.24 69.66
C GLY B 164 29.48 -16.09 69.91
N PHE B 165 28.59 -15.79 68.97
CA PHE B 165 27.66 -14.68 69.15
C PHE B 165 26.42 -15.10 69.92
N LEU B 166 26.05 -16.37 69.84
CA LEU B 166 24.96 -16.87 70.68
C LEU B 166 25.28 -16.85 72.17
N PRO B 167 26.49 -17.19 72.67
CA PRO B 167 26.78 -16.88 74.08
C PRO B 167 26.96 -15.40 74.34
N PHE B 168 27.25 -14.60 73.31
CA PHE B 168 27.45 -13.16 73.51
C PHE B 168 26.13 -12.46 73.82
N LEU B 169 25.02 -12.93 73.26
CA LEU B 169 23.73 -12.36 73.59
C LEU B 169 23.22 -12.83 74.95
N LEU B 170 23.80 -13.90 75.51
CA LEU B 170 23.42 -14.32 76.85
C LEU B 170 23.93 -13.35 77.90
N ALA B 171 25.08 -12.73 77.65
CA ALA B 171 25.64 -11.78 78.60
C ALA B 171 24.92 -10.44 78.55
N GLN B 172 24.78 -9.87 77.35
CA GLN B 172 24.23 -8.53 77.19
C GLN B 172 22.72 -8.53 76.97
N LYS B 173 22.05 -9.67 77.23
CA LYS B 173 20.60 -9.92 77.21
C LYS B 173 19.85 -9.30 76.03
N LYS B 174 20.49 -9.26 74.86
CA LYS B 174 19.97 -8.54 73.71
C LYS B 174 19.25 -9.49 72.76
N ARG B 175 18.04 -9.10 72.34
CA ARG B 175 17.31 -9.87 71.36
C ARG B 175 17.75 -9.52 69.95
N LEU B 176 17.48 -10.42 69.01
CA LEU B 176 17.86 -10.19 67.63
C LEU B 176 16.94 -9.18 66.95
N THR B 177 15.71 -9.04 67.45
CA THR B 177 14.75 -8.08 66.92
C THR B 177 14.76 -6.77 67.69
N ASP B 178 15.90 -6.39 68.26
CA ASP B 178 16.01 -5.15 69.01
C ASP B 178 16.19 -4.00 68.02
N GLU B 179 16.21 -2.77 68.54
CA GLU B 179 16.29 -1.60 67.68
C GLU B 179 17.67 -1.46 67.05
N GLU B 180 18.73 -1.73 67.81
CA GLU B 180 20.08 -1.61 67.27
C GLU B 180 20.48 -2.80 66.42
N PHE B 181 19.74 -3.90 66.49
CA PHE B 181 19.95 -5.05 65.62
C PHE B 181 18.98 -5.06 64.45
N ARG B 182 18.62 -3.89 63.97
CA ARG B 182 17.66 -3.71 62.89
C ARG B 182 17.89 -2.32 62.31
N GLU B 183 17.68 -2.17 61.00
CA GLU B 183 17.96 -0.90 60.35
C GLU B 183 16.94 0.15 60.77
N ALA B 184 17.45 1.33 61.15
CA ALA B 184 16.61 2.37 61.73
C ALA B 184 15.72 3.04 60.68
N SER B 185 16.08 2.97 59.41
CA SER B 185 15.31 3.64 58.37
C SER B 185 14.15 2.78 57.87
N THR B 186 14.43 1.52 57.55
CA THR B 186 13.45 0.64 56.93
C THR B 186 12.94 -0.46 57.86
N GLY B 187 13.79 -1.01 58.71
CA GLY B 187 13.48 -2.19 59.46
C GLY B 187 14.08 -3.46 58.92
N LYS B 188 15.08 -3.35 58.03
CA LYS B 188 15.73 -4.52 57.44
C LYS B 188 16.53 -5.27 58.51
N THR B 189 16.19 -6.54 58.71
CA THR B 189 16.80 -7.36 59.74
C THR B 189 17.95 -8.19 59.15
N CYS B 190 18.50 -9.08 59.96
CA CYS B 190 19.62 -9.91 59.52
C CYS B 190 19.17 -10.98 58.54
N LEU B 191 18.00 -11.58 58.78
CA LEU B 191 17.49 -12.61 57.89
C LEU B 191 17.07 -12.02 56.54
N THR B 192 16.54 -10.80 56.55
CA THR B 192 16.21 -10.12 55.31
C THR B 192 17.46 -9.77 54.53
N LYS B 193 18.53 -9.37 55.23
CA LYS B 193 19.81 -9.13 54.59
C LYS B 193 20.43 -10.43 54.07
N ALA B 194 20.15 -11.55 54.75
CA ALA B 194 20.68 -12.85 54.31
C ALA B 194 20.07 -13.29 53.00
N LEU B 195 18.81 -12.93 52.74
CA LEU B 195 18.14 -13.36 51.53
C LEU B 195 18.38 -12.43 50.35
N MET B 196 18.81 -11.19 50.61
CA MET B 196 19.14 -10.28 49.50
C MET B 196 20.43 -10.70 48.83
N ASN B 197 21.53 -10.68 49.59
CA ASN B 197 22.83 -11.12 49.06
C ASN B 197 22.96 -12.62 49.26
N LEU B 198 23.10 -13.34 48.15
CA LEU B 198 23.12 -14.80 48.16
C LEU B 198 24.40 -15.29 47.50
N ASN B 199 24.93 -16.38 48.05
CA ASN B 199 26.13 -17.03 47.50
C ASN B 199 25.65 -18.20 46.65
N GLY B 200 25.27 -17.89 45.41
CA GLY B 200 24.65 -18.89 44.55
C GLY B 200 23.28 -19.33 45.03
N GLY B 201 22.55 -18.45 45.70
CA GLY B 201 21.27 -18.81 46.26
C GLY B 201 21.35 -19.60 47.54
N LYS B 202 22.51 -19.64 48.19
CA LYS B 202 22.69 -20.41 49.42
C LYS B 202 23.51 -19.60 50.40
N ASN B 203 22.95 -19.31 51.57
CA ASN B 203 23.68 -18.71 52.69
C ASN B 203 23.47 -19.59 53.91
N ASP B 204 24.57 -20.04 54.52
CA ASP B 204 24.51 -20.94 55.66
C ASP B 204 24.11 -20.25 56.95
N THR B 205 24.10 -18.91 56.98
CA THR B 205 23.64 -18.20 58.17
C THR B 205 22.13 -18.24 58.32
N ILE B 206 21.41 -18.63 57.26
CA ILE B 206 19.94 -18.62 57.32
C ILE B 206 19.38 -19.63 58.32
N PRO B 207 19.86 -20.89 58.40
CA PRO B 207 19.47 -21.69 59.58
C PRO B 207 20.16 -21.25 60.85
N MET B 208 21.26 -20.50 60.76
CA MET B 208 21.97 -20.07 61.96
C MET B 208 21.34 -18.84 62.58
N LEU B 209 20.77 -17.94 61.77
CA LEU B 209 20.03 -16.81 62.32
C LEU B 209 18.75 -17.27 62.99
N ILE B 210 18.15 -18.35 62.49
CA ILE B 210 17.01 -18.95 63.18
C ILE B 210 17.48 -19.69 64.43
N ASP B 211 18.71 -20.24 64.39
CA ASP B 211 19.26 -20.93 65.55
C ASP B 211 19.48 -19.99 66.71
N ILE B 212 20.01 -18.79 66.43
CA ILE B 212 20.26 -17.82 67.49
C ILE B 212 18.94 -17.22 67.98
N ALA B 213 17.98 -17.03 67.07
CA ALA B 213 16.67 -16.53 67.46
C ALA B 213 15.85 -17.56 68.22
N GLU B 214 16.16 -18.85 68.07
CA GLU B 214 15.41 -19.88 68.79
C GLU B 214 15.74 -19.85 70.27
N LYS B 215 17.00 -19.58 70.62
CA LYS B 215 17.39 -19.57 72.03
C LYS B 215 16.88 -18.33 72.74
N THR B 216 16.65 -17.24 71.99
CA THR B 216 16.04 -16.05 72.58
C THR B 216 14.52 -16.15 72.64
N GLY B 217 13.92 -16.96 71.79
CA GLY B 217 12.47 -17.15 71.81
C GLY B 217 11.72 -16.17 70.93
N ASN B 218 12.14 -16.04 69.67
CA ASN B 218 11.52 -15.14 68.72
C ASN B 218 11.35 -15.81 67.37
N LEU B 219 10.93 -17.09 67.38
CA LEU B 219 10.75 -17.82 66.13
C LEU B 219 9.57 -17.28 65.34
N ARG B 220 8.53 -16.85 66.01
CA ARG B 220 7.39 -16.22 65.36
C ARG B 220 7.54 -14.71 65.28
N GLU B 221 8.70 -14.18 65.66
CA GLU B 221 8.96 -12.74 65.59
C GLU B 221 10.09 -12.39 64.64
N PHE B 222 11.22 -13.12 64.71
CA PHE B 222 12.36 -12.82 63.85
C PHE B 222 12.09 -13.19 62.40
N ILE B 223 11.19 -14.15 62.17
CA ILE B 223 10.77 -14.45 60.81
C ILE B 223 9.63 -13.52 60.38
N ASN B 224 8.69 -13.26 61.27
CA ASN B 224 7.46 -12.53 60.95
C ASN B 224 7.56 -11.05 61.29
N SER B 225 8.74 -10.45 61.13
CA SER B 225 8.90 -9.02 61.32
C SER B 225 8.88 -8.35 59.96
N PRO B 226 7.82 -7.63 59.60
CA PRO B 226 7.76 -6.98 58.30
C PRO B 226 8.57 -5.69 58.31
N PHE B 227 8.63 -5.04 57.15
CA PHE B 227 9.36 -3.79 57.06
C PHE B 227 8.58 -2.66 57.72
N ARG B 228 9.31 -1.78 58.40
CA ARG B 228 8.75 -0.70 59.19
C ARG B 228 8.56 0.58 58.37
N ASP B 229 9.19 0.67 57.20
CA ASP B 229 9.15 1.88 56.39
C ASP B 229 7.80 2.05 55.69
N VAL B 230 7.76 3.02 54.79
CA VAL B 230 6.51 3.32 54.07
C VAL B 230 6.59 2.87 52.61
N TYR B 231 7.74 3.05 51.97
CA TYR B 231 7.85 2.76 50.54
C TYR B 231 7.91 1.26 50.28
N TYR B 232 8.64 0.51 51.09
CA TYR B 232 8.69 -0.95 51.01
C TYR B 232 7.88 -1.60 52.13
N ARG B 233 6.73 -1.02 52.47
CA ARG B 233 6.01 -1.39 53.68
C ARG B 233 5.39 -2.78 53.58
N GLY B 234 5.57 -3.58 54.63
CA GLY B 234 4.93 -4.86 54.75
C GLY B 234 5.69 -6.03 54.16
N GLN B 235 6.79 -5.78 53.48
CA GLN B 235 7.56 -6.88 52.88
C GLN B 235 8.33 -7.62 53.97
N THR B 236 8.21 -8.93 53.97
CA THR B 236 8.88 -9.79 54.94
C THR B 236 9.97 -10.60 54.26
N ALA B 237 10.61 -11.47 55.05
CA ALA B 237 11.61 -12.37 54.49
C ALA B 237 10.96 -13.45 53.64
N LEU B 238 9.69 -13.76 53.89
CA LEU B 238 8.98 -14.72 53.07
C LEU B 238 8.77 -14.21 51.66
N HIS B 239 8.56 -12.89 51.52
CA HIS B 239 8.41 -12.30 50.19
C HIS B 239 9.71 -12.31 49.42
N ILE B 240 10.85 -12.24 50.12
CA ILE B 240 12.13 -12.16 49.43
C ILE B 240 12.59 -13.53 48.98
N ALA B 241 12.33 -14.57 49.78
CA ALA B 241 12.77 -15.92 49.43
C ALA B 241 11.96 -16.48 48.27
N ILE B 242 10.66 -16.13 48.21
CA ILE B 242 9.86 -16.47 47.04
C ILE B 242 10.35 -15.70 45.82
N GLU B 243 10.82 -14.47 46.03
CA GLU B 243 11.24 -13.61 44.92
C GLU B 243 12.49 -14.14 44.23
N ARG B 244 13.49 -14.55 45.00
CA ARG B 244 14.74 -15.03 44.44
C ARG B 244 14.77 -16.54 44.28
N ARG B 245 13.61 -17.20 44.39
CA ARG B 245 13.40 -18.61 44.03
C ARG B 245 14.26 -19.55 44.87
N CYS B 246 14.34 -19.30 46.16
CA CYS B 246 15.05 -20.18 47.09
C CYS B 246 14.05 -21.18 47.66
N LYS B 247 13.77 -22.21 46.85
CA LYS B 247 12.78 -23.23 47.20
C LYS B 247 13.19 -24.03 48.44
N HIS B 248 14.50 -24.22 48.63
CA HIS B 248 14.98 -24.87 49.85
C HIS B 248 14.77 -23.99 51.08
N TYR B 249 14.78 -22.67 50.90
CA TYR B 249 14.66 -21.76 52.03
C TYR B 249 13.23 -21.30 52.28
N VAL B 250 12.32 -21.47 51.31
CA VAL B 250 10.90 -21.25 51.56
C VAL B 250 10.37 -22.29 52.53
N GLU B 251 10.84 -23.53 52.38
CA GLU B 251 10.43 -24.61 53.28
C GLU B 251 10.96 -24.39 54.70
N LEU B 252 12.10 -23.73 54.83
CA LEU B 252 12.70 -23.52 56.16
C LEU B 252 11.92 -22.49 56.97
N LEU B 253 11.30 -21.51 56.31
CA LEU B 253 10.64 -20.43 57.04
C LEU B 253 9.34 -20.90 57.70
N VAL B 254 8.53 -21.67 56.97
CA VAL B 254 7.22 -22.03 57.46
C VAL B 254 7.32 -23.11 58.54
N GLU B 255 8.28 -24.02 58.41
CA GLU B 255 8.46 -25.07 59.40
C GLU B 255 8.94 -24.52 60.74
N LYS B 256 9.72 -23.44 60.72
CA LYS B 256 10.07 -22.75 61.95
C LYS B 256 8.99 -21.76 62.39
N GLY B 257 7.97 -21.55 61.58
CA GLY B 257 6.91 -20.62 61.92
C GLY B 257 6.98 -19.35 61.11
N ALA B 258 6.12 -19.22 60.10
CA ALA B 258 6.08 -18.04 59.26
C ALA B 258 4.63 -17.68 58.97
N ASP B 259 4.36 -16.37 58.96
CA ASP B 259 3.01 -15.88 58.65
C ASP B 259 2.82 -15.95 57.14
N VAL B 260 1.88 -16.79 56.70
CA VAL B 260 1.60 -16.92 55.28
C VAL B 260 0.85 -15.69 54.78
N HIS B 261 0.01 -15.09 55.62
CA HIS B 261 -0.87 -14.01 55.20
C HIS B 261 -0.28 -12.63 55.44
N ALA B 262 1.04 -12.48 55.34
CA ALA B 262 1.65 -11.16 55.43
C ALA B 262 1.37 -10.37 54.16
N GLN B 263 1.08 -9.08 54.32
CA GLN B 263 0.71 -8.21 53.21
C GLN B 263 1.81 -7.18 52.98
N ALA B 264 2.40 -7.20 51.79
CA ALA B 264 3.39 -6.20 51.39
C ALA B 264 2.65 -5.05 50.73
N ARG B 265 2.10 -4.18 51.58
CA ARG B 265 1.22 -3.10 51.14
C ARG B 265 1.94 -1.78 50.96
N GLY B 266 3.22 -1.83 50.59
CA GLY B 266 3.99 -0.62 50.41
C GLY B 266 3.62 0.13 49.15
N ARG B 267 4.13 1.36 49.08
CA ARG B 267 3.96 2.22 47.91
C ARG B 267 4.65 1.66 46.67
N PHE B 268 5.76 0.96 46.86
CA PHE B 268 6.44 0.30 45.74
C PHE B 268 5.61 -0.85 45.18
N PHE B 269 4.84 -1.53 46.03
CA PHE B 269 4.05 -2.68 45.60
C PHE B 269 2.66 -2.30 45.12
N GLN B 270 2.48 -1.07 44.68
CA GLN B 270 1.26 -0.56 44.09
C GLN B 270 1.32 -0.71 42.58
N PRO B 271 0.20 -0.63 41.88
CA PRO B 271 0.25 -0.59 40.42
C PRO B 271 0.79 0.75 39.92
N LYS B 272 1.04 0.80 38.61
CA LYS B 272 1.73 1.92 37.99
C LYS B 272 0.91 3.21 38.01
N ASP B 273 -0.42 3.10 38.07
CA ASP B 273 -1.24 4.30 38.20
C ASP B 273 -1.15 4.89 39.60
N GLU B 274 -0.84 4.07 40.60
CA GLU B 274 -0.73 4.53 41.98
C GLU B 274 0.67 4.97 42.35
N GLY B 275 1.67 4.70 41.51
CA GLY B 275 3.03 5.13 41.77
C GLY B 275 4.03 4.00 41.96
N GLY B 276 3.59 2.75 42.12
CA GLY B 276 4.50 1.63 42.26
C GLY B 276 4.97 1.10 40.93
N TYR B 277 5.89 0.13 41.01
CA TYR B 277 6.47 -0.46 39.81
C TYR B 277 6.01 -1.88 39.54
N PHE B 278 5.46 -2.57 40.54
CA PHE B 278 5.04 -3.95 40.37
C PHE B 278 3.90 -4.23 41.33
N TYR B 279 2.89 -4.96 40.87
CA TYR B 279 1.74 -5.31 41.69
C TYR B 279 1.51 -6.81 41.60
N PHE B 280 1.23 -7.44 42.76
CA PHE B 280 0.90 -8.85 42.79
C PHE B 280 -0.19 -9.17 43.80
N GLY B 281 -0.91 -8.15 44.30
CA GLY B 281 -1.98 -8.42 45.22
C GLY B 281 -1.56 -8.71 46.65
N GLU B 282 -0.32 -8.36 47.02
CA GLU B 282 0.17 -8.32 48.39
C GLU B 282 0.20 -9.68 49.07
N LEU B 283 0.14 -10.77 48.31
CA LEU B 283 0.09 -12.07 48.97
C LEU B 283 1.20 -12.98 48.48
N PRO B 284 1.82 -13.73 49.39
CA PRO B 284 2.90 -14.65 48.97
C PRO B 284 2.40 -15.80 48.11
N LEU B 285 1.17 -16.24 48.30
CA LEU B 285 0.59 -17.23 47.39
C LEU B 285 0.39 -16.64 46.01
N SER B 286 -0.04 -15.38 45.93
CA SER B 286 -0.16 -14.73 44.64
C SER B 286 1.20 -14.34 44.09
N LEU B 287 2.19 -14.13 44.96
CA LEU B 287 3.53 -13.78 44.51
C LEU B 287 4.19 -14.95 43.80
N ALA B 288 3.96 -16.17 44.29
CA ALA B 288 4.54 -17.34 43.66
C ALA B 288 3.92 -17.61 42.29
N ALA B 289 2.66 -17.23 42.11
CA ALA B 289 2.06 -17.33 40.78
C ALA B 289 2.61 -16.27 39.84
N CYS B 290 3.05 -15.13 40.39
CA CYS B 290 3.59 -14.07 39.55
C CYS B 290 5.05 -14.28 39.17
N THR B 291 5.77 -15.14 39.88
CA THR B 291 7.15 -15.43 39.56
C THR B 291 7.31 -16.57 38.56
N ASN B 292 6.20 -17.03 37.96
CA ASN B 292 6.16 -18.18 37.06
C ASN B 292 6.75 -19.41 37.74
N GLN B 293 6.30 -19.65 38.98
CA GLN B 293 6.86 -20.72 39.80
C GLN B 293 5.73 -21.46 40.49
N PRO B 294 5.25 -22.56 39.89
CA PRO B 294 4.23 -23.37 40.57
C PRO B 294 4.79 -24.24 41.68
N ASP B 295 6.11 -24.30 41.85
CA ASP B 295 6.69 -25.21 42.82
C ASP B 295 6.44 -24.73 44.26
N ILE B 296 6.46 -23.42 44.47
CA ILE B 296 6.04 -22.89 45.77
C ILE B 296 4.53 -23.05 45.93
N VAL B 297 3.79 -22.98 44.82
CA VAL B 297 2.34 -23.17 44.84
C VAL B 297 1.99 -24.60 45.24
N HIS B 298 2.83 -25.57 44.86
CA HIS B 298 2.67 -26.91 45.40
C HIS B 298 2.98 -26.96 46.90
N TYR B 299 3.91 -26.12 47.37
CA TYR B 299 4.30 -26.20 48.76
C TYR B 299 3.37 -25.41 49.69
N LEU B 300 2.81 -24.30 49.21
CA LEU B 300 1.98 -23.48 50.09
C LEU B 300 0.60 -24.07 50.31
N THR B 301 0.06 -24.77 49.32
CA THR B 301 -1.32 -25.23 49.43
C THR B 301 -1.45 -26.47 50.29
N GLU B 302 -0.49 -27.40 50.19
CA GLU B 302 -0.46 -28.57 51.05
C GLU B 302 0.75 -28.46 51.98
N ASN B 303 0.50 -28.55 53.28
CA ASN B 303 1.53 -28.31 54.29
C ASN B 303 1.05 -28.89 55.60
N ALA B 304 1.93 -29.60 56.30
CA ALA B 304 1.60 -30.18 57.59
C ALA B 304 1.57 -29.14 58.70
N HIS B 305 2.15 -27.96 58.49
CA HIS B 305 2.16 -26.91 59.51
C HIS B 305 0.96 -25.98 59.36
N LYS B 306 0.85 -25.30 58.22
CA LYS B 306 -0.26 -24.40 57.96
C LYS B 306 -0.38 -24.20 56.46
N LYS B 307 -1.59 -24.29 55.94
CA LYS B 307 -1.84 -24.15 54.52
C LYS B 307 -1.99 -22.68 54.14
N ALA B 308 -2.19 -22.45 52.84
CA ALA B 308 -2.38 -21.12 52.29
C ALA B 308 -3.78 -21.01 51.72
N ASP B 309 -4.55 -20.04 52.23
CA ASP B 309 -5.90 -19.83 51.75
C ASP B 309 -5.88 -19.18 50.38
N ILE B 310 -6.48 -19.85 49.40
CA ILE B 310 -6.52 -19.31 48.04
C ILE B 310 -7.54 -18.19 47.95
N ARG B 311 -8.59 -18.26 48.76
CA ARG B 311 -9.69 -17.30 48.71
C ARG B 311 -9.36 -15.94 49.34
N ARG B 312 -8.15 -15.76 49.88
CA ARG B 312 -7.83 -14.55 50.62
C ARG B 312 -7.66 -13.37 49.67
N GLN B 313 -8.26 -12.24 50.03
CA GLN B 313 -8.15 -11.02 49.27
C GLN B 313 -7.00 -10.16 49.82
N ASP B 314 -6.94 -8.92 49.36
CA ASP B 314 -5.98 -7.94 49.85
C ASP B 314 -6.71 -6.67 50.27
N SER B 315 -5.94 -5.60 50.48
CA SER B 315 -6.54 -4.30 50.77
C SER B 315 -7.31 -3.75 49.58
N ARG B 316 -6.94 -4.15 48.37
CA ARG B 316 -7.71 -3.82 47.17
C ARG B 316 -8.80 -4.83 46.88
N GLY B 317 -8.98 -5.84 47.74
CA GLY B 317 -10.04 -6.82 47.54
C GLY B 317 -9.81 -7.76 46.39
N ASN B 318 -8.57 -7.97 45.98
CA ASN B 318 -8.23 -8.81 44.84
C ASN B 318 -7.70 -10.16 45.31
N THR B 319 -8.12 -11.22 44.62
CA THR B 319 -7.69 -12.56 44.95
C THR B 319 -6.45 -12.91 44.14
N VAL B 320 -6.09 -14.20 44.12
CA VAL B 320 -4.90 -14.65 43.42
C VAL B 320 -5.08 -14.55 41.90
N LEU B 321 -6.31 -14.65 41.41
CA LEU B 321 -6.53 -14.60 39.97
C LEU B 321 -6.41 -13.18 39.43
N HIS B 322 -6.81 -12.17 40.22
CA HIS B 322 -6.79 -10.80 39.76
C HIS B 322 -5.37 -10.29 39.59
N ALA B 323 -4.44 -10.80 40.39
CA ALA B 323 -3.04 -10.43 40.22
C ALA B 323 -2.47 -11.02 38.93
N LEU B 324 -2.97 -12.19 38.52
CA LEU B 324 -2.55 -12.77 37.25
C LEU B 324 -3.05 -11.95 36.08
N VAL B 325 -4.21 -11.32 36.23
CA VAL B 325 -4.72 -10.43 35.19
C VAL B 325 -3.91 -9.13 35.17
N ALA B 326 -3.47 -8.66 36.34
CA ALA B 326 -2.72 -7.41 36.41
C ALA B 326 -1.32 -7.55 35.87
N ILE B 327 -0.68 -8.72 36.05
CA ILE B 327 0.64 -8.94 35.48
C ILE B 327 0.57 -9.46 34.06
N ALA B 328 -0.62 -9.69 33.53
CA ALA B 328 -0.77 -10.23 32.18
C ALA B 328 -0.35 -9.20 31.15
N ASP B 329 0.46 -9.63 30.19
CA ASP B 329 0.84 -8.82 29.04
C ASP B 329 0.56 -9.64 27.79
N ASN B 330 0.39 -8.95 26.67
CA ASN B 330 0.00 -9.58 25.42
C ASN B 330 1.20 -10.07 24.61
N THR B 331 2.32 -10.35 25.26
CA THR B 331 3.50 -10.88 24.61
C THR B 331 3.34 -12.38 24.38
N ARG B 332 4.36 -12.98 23.77
CA ARG B 332 4.29 -14.41 23.49
C ARG B 332 4.50 -15.24 24.75
N GLU B 333 5.48 -14.86 25.57
CA GLU B 333 5.82 -15.66 26.74
C GLU B 333 4.79 -15.49 27.86
N ASN B 334 4.32 -14.27 28.08
CA ASN B 334 3.47 -14.01 29.24
C ASN B 334 2.06 -14.55 29.04
N THR B 335 1.61 -14.70 27.80
CA THR B 335 0.32 -15.35 27.60
C THR B 335 0.40 -16.87 27.74
N LYS B 336 1.60 -17.43 27.86
CA LYS B 336 1.72 -18.88 27.95
C LYS B 336 1.47 -19.37 29.37
N PHE B 337 2.30 -18.95 30.32
CA PHE B 337 2.29 -19.58 31.63
C PHE B 337 1.13 -19.13 32.51
N VAL B 338 0.57 -17.95 32.25
CA VAL B 338 -0.56 -17.48 33.04
C VAL B 338 -1.78 -18.36 32.79
N THR B 339 -1.94 -18.87 31.57
CA THR B 339 -2.99 -19.85 31.29
C THR B 339 -2.71 -21.18 31.96
N LYS B 340 -1.44 -21.49 32.23
CA LYS B 340 -1.12 -22.73 32.94
C LYS B 340 -1.44 -22.60 34.43
N VAL B 341 -1.20 -21.43 35.01
CA VAL B 341 -1.46 -21.22 36.43
C VAL B 341 -2.95 -21.08 36.68
N TYR B 342 -3.65 -20.44 35.75
CA TYR B 342 -5.10 -20.21 35.89
C TYR B 342 -5.86 -21.53 35.88
N ASP B 343 -5.41 -22.50 35.08
CA ASP B 343 -6.00 -23.83 35.13
C ASP B 343 -5.59 -24.57 36.39
N LEU B 344 -4.38 -24.31 36.89
CA LEU B 344 -3.87 -25.07 38.03
C LEU B 344 -4.57 -24.67 39.33
N LEU B 345 -4.87 -23.39 39.49
CA LEU B 345 -5.41 -22.92 40.76
C LEU B 345 -6.87 -23.29 40.94
N VAL B 346 -7.65 -23.24 39.86
CA VAL B 346 -9.09 -23.45 39.98
C VAL B 346 -9.41 -24.91 40.24
N ILE B 347 -8.70 -25.82 39.57
CA ILE B 347 -8.87 -27.26 39.82
C ILE B 347 -8.44 -27.60 41.24
N LYS B 348 -7.36 -26.96 41.72
CA LYS B 348 -6.94 -27.14 43.11
C LYS B 348 -7.93 -26.50 44.07
N CYS B 349 -8.63 -25.45 43.64
CA CYS B 349 -9.64 -24.84 44.50
C CYS B 349 -10.89 -25.71 44.60
N VAL B 350 -11.23 -26.41 43.52
CA VAL B 350 -12.40 -27.31 43.56
C VAL B 350 -12.09 -28.56 44.34
N LYS B 351 -10.87 -29.09 44.18
CA LYS B 351 -10.49 -30.33 44.87
C LYS B 351 -10.39 -30.12 46.37
N LEU B 352 -9.95 -28.94 46.79
CA LEU B 352 -9.92 -28.64 48.23
C LEU B 352 -11.27 -28.15 48.72
N TYR B 353 -12.03 -27.47 47.87
CA TYR B 353 -13.31 -26.87 48.26
C TYR B 353 -14.32 -27.06 47.13
N PRO B 354 -15.14 -28.11 47.18
CA PRO B 354 -16.11 -28.34 46.10
C PRO B 354 -17.32 -27.44 46.14
N ASP B 355 -17.52 -26.69 47.22
CA ASP B 355 -18.74 -25.90 47.37
C ASP B 355 -18.72 -24.63 46.52
N SER B 356 -17.60 -23.92 46.49
CA SER B 356 -17.50 -22.63 45.82
C SER B 356 -16.43 -22.67 44.74
N SER B 357 -16.57 -21.75 43.78
CA SER B 357 -15.57 -21.55 42.74
C SER B 357 -14.76 -20.31 43.03
N LEU B 358 -13.52 -20.31 42.57
CA LEU B 358 -12.64 -19.17 42.79
C LEU B 358 -13.02 -17.98 41.91
N GLU B 359 -13.71 -18.23 40.79
CA GLU B 359 -14.18 -17.16 39.93
C GLU B 359 -15.35 -16.41 40.53
N ALA B 360 -16.04 -16.99 41.52
CA ALA B 360 -17.24 -16.38 42.06
C ALA B 360 -16.93 -15.18 42.95
N ILE B 361 -15.74 -15.14 43.53
CA ILE B 361 -15.39 -14.08 44.47
C ILE B 361 -15.06 -12.81 43.70
N PHE B 362 -15.75 -11.73 44.05
CA PHE B 362 -15.58 -10.45 43.37
C PHE B 362 -14.63 -9.55 44.14
N ASN B 363 -14.53 -8.30 43.71
CA ASN B 363 -13.61 -7.32 44.25
C ASN B 363 -14.39 -6.28 45.05
N ASN B 364 -13.68 -5.22 45.46
CA ASN B 364 -14.37 -4.07 46.03
C ASN B 364 -15.22 -3.33 45.00
N ASP B 365 -14.89 -3.48 43.72
CA ASP B 365 -15.69 -2.93 42.63
C ASP B 365 -16.62 -3.97 42.02
N SER B 366 -16.74 -5.13 42.66
CA SER B 366 -17.57 -6.27 42.23
C SER B 366 -17.20 -6.72 40.82
N MET B 367 -15.94 -7.12 40.66
CA MET B 367 -15.39 -7.48 39.38
C MET B 367 -14.83 -8.90 39.46
N SER B 368 -15.24 -9.74 38.52
CA SER B 368 -14.67 -11.08 38.39
C SER B 368 -13.34 -10.96 37.65
N PRO B 369 -12.52 -12.02 37.61
CA PRO B 369 -11.33 -11.97 36.75
C PRO B 369 -11.65 -11.84 35.27
N LEU B 370 -12.82 -12.30 34.83
CA LEU B 370 -13.25 -12.01 33.46
C LEU B 370 -13.67 -10.56 33.32
N MET B 371 -14.28 -10.00 34.37
CA MET B 371 -14.68 -8.59 34.33
C MET B 371 -13.47 -7.67 34.39
N MET B 372 -12.39 -8.10 35.05
CA MET B 372 -11.21 -7.25 35.20
C MET B 372 -10.41 -7.16 33.91
N ALA B 373 -10.35 -8.25 33.13
CA ALA B 373 -9.55 -8.28 31.91
C ALA B 373 -10.07 -7.34 30.84
N ALA B 374 -11.35 -6.96 30.89
CA ALA B 374 -11.87 -5.96 29.97
C ALA B 374 -11.46 -4.55 30.38
N LYS B 375 -11.22 -4.32 31.68
CA LYS B 375 -10.84 -2.98 32.15
C LYS B 375 -9.42 -2.65 31.72
N LEU B 376 -8.47 -3.50 32.08
CA LEU B 376 -7.07 -3.28 31.73
C LEU B 376 -6.77 -3.61 30.28
N GLY B 377 -7.70 -4.24 29.57
CA GLY B 377 -7.53 -4.53 28.16
C GLY B 377 -6.50 -5.59 27.87
N LYS B 378 -6.63 -6.75 28.51
CA LYS B 378 -5.69 -7.84 28.35
C LYS B 378 -6.36 -8.96 27.59
N ILE B 379 -5.72 -9.42 26.52
CA ILE B 379 -6.35 -10.28 25.54
C ILE B 379 -6.11 -11.76 25.85
N GLY B 380 -4.88 -12.12 26.23
CA GLY B 380 -4.53 -13.52 26.40
C GLY B 380 -5.24 -14.18 27.57
N ILE B 381 -5.39 -13.46 28.68
CA ILE B 381 -6.18 -14.00 29.78
C ILE B 381 -7.67 -13.93 29.46
N PHE B 382 -8.07 -13.06 28.53
CA PHE B 382 -9.48 -12.97 28.17
C PHE B 382 -9.88 -14.16 27.30
N GLN B 383 -9.05 -14.50 26.32
CA GLN B 383 -9.38 -15.57 25.38
C GLN B 383 -9.21 -16.95 25.99
N HIS B 384 -8.60 -17.07 27.17
CA HIS B 384 -8.49 -18.36 27.83
C HIS B 384 -9.66 -18.63 28.77
N ILE B 385 -10.18 -17.59 29.43
CA ILE B 385 -11.36 -17.77 30.27
C ILE B 385 -12.58 -18.07 29.43
N ILE B 386 -12.66 -17.48 28.24
CA ILE B 386 -13.76 -17.79 27.32
C ILE B 386 -13.61 -19.20 26.77
N ARG B 387 -12.42 -19.57 26.34
CA ARG B 387 -12.16 -20.94 25.88
C ARG B 387 -11.65 -21.76 27.05
N LEU B 388 -12.57 -22.10 27.95
CA LEU B 388 -12.26 -22.84 29.17
C LEU B 388 -12.99 -24.18 29.13
N GLU B 389 -12.25 -25.24 28.83
CA GLU B 389 -12.80 -26.60 28.83
C GLU B 389 -11.87 -27.48 29.64
N ILE B 390 -12.28 -27.80 30.86
CA ILE B 390 -11.44 -28.50 31.83
C ILE B 390 -11.75 -29.99 31.74
N LYS B 391 -10.72 -30.80 31.51
CA LYS B 391 -10.87 -32.25 31.38
C LYS B 391 -10.77 -32.97 32.72
N ASP B 392 -10.75 -32.23 33.82
CA ASP B 392 -10.86 -32.83 35.15
C ASP B 392 -12.34 -32.88 35.51
N GLU B 393 -12.87 -34.10 35.63
CA GLU B 393 -14.30 -34.30 35.78
C GLU B 393 -14.84 -33.86 37.13
N GLU B 394 -13.98 -33.71 38.14
CA GLU B 394 -14.43 -33.14 39.40
C GLU B 394 -14.66 -31.65 39.30
N ALA B 395 -13.94 -30.96 38.41
CA ALA B 395 -14.12 -29.53 38.18
C ALA B 395 -14.81 -29.24 36.85
N ARG B 396 -15.69 -30.13 36.41
CA ARG B 396 -16.39 -29.98 35.14
C ARG B 396 -17.43 -28.86 35.18
N HIS B 397 -18.10 -28.67 36.31
CA HIS B 397 -19.31 -27.85 36.38
C HIS B 397 -19.06 -26.35 36.26
N LEU B 398 -17.82 -25.92 36.07
CA LEU B 398 -17.52 -24.51 35.82
C LEU B 398 -16.84 -24.28 34.49
N SER B 399 -16.76 -25.30 33.64
CA SER B 399 -16.15 -25.14 32.32
C SER B 399 -17.03 -24.27 31.44
N ARG B 400 -16.40 -23.50 30.57
CA ARG B 400 -17.10 -22.52 29.76
C ARG B 400 -17.44 -23.04 28.36
N LYS B 401 -16.51 -23.74 27.73
CA LYS B 401 -16.72 -24.29 26.39
C LYS B 401 -17.18 -25.73 26.50
N PHE B 402 -18.16 -26.10 25.67
CA PHE B 402 -18.71 -27.44 25.68
C PHE B 402 -18.71 -28.03 24.28
N ARG B 403 -19.02 -29.32 24.21
CA ARG B 403 -19.12 -30.06 22.95
C ARG B 403 -20.46 -30.78 22.93
N ASP B 404 -21.39 -30.29 22.14
CA ASP B 404 -22.74 -30.83 22.14
C ASP B 404 -22.83 -32.13 21.35
N TRP B 405 -22.54 -32.06 20.05
CA TRP B 405 -22.60 -33.22 19.19
C TRP B 405 -21.63 -33.02 18.03
N ALA B 406 -21.13 -34.13 17.51
CA ALA B 406 -20.18 -34.11 16.40
C ALA B 406 -20.63 -35.15 15.38
N TYR B 407 -21.31 -34.70 14.32
CA TYR B 407 -21.69 -35.58 13.24
C TYR B 407 -20.65 -35.41 12.13
N GLY B 408 -19.48 -36.02 12.36
CA GLY B 408 -18.40 -36.00 11.41
C GLY B 408 -17.76 -34.65 11.23
N PRO B 409 -17.98 -34.04 10.05
CA PRO B 409 -17.33 -32.75 9.76
C PRO B 409 -17.89 -31.58 10.56
N VAL B 410 -19.08 -31.70 11.13
CA VAL B 410 -19.73 -30.60 11.83
C VAL B 410 -19.56 -30.79 13.32
N TYR B 411 -18.92 -29.83 13.97
CA TYR B 411 -18.81 -29.80 15.42
C TYR B 411 -19.80 -28.77 15.96
N SER B 412 -20.36 -29.06 17.14
CA SER B 412 -21.36 -28.19 17.76
C SER B 412 -20.82 -27.73 19.10
N SER B 413 -20.09 -26.62 19.10
CA SER B 413 -19.59 -26.07 20.34
C SER B 413 -20.70 -25.33 21.08
N LEU B 414 -20.40 -24.93 22.31
CA LEU B 414 -21.43 -24.34 23.17
C LEU B 414 -20.74 -23.39 24.15
N TYR B 415 -21.04 -22.10 24.05
CA TYR B 415 -20.51 -21.09 24.93
C TYR B 415 -21.59 -20.57 25.85
N ASP B 416 -21.22 -20.29 27.10
CA ASP B 416 -22.18 -19.81 28.09
C ASP B 416 -22.26 -18.28 28.06
N LEU B 417 -23.47 -17.77 28.25
CA LEU B 417 -23.73 -16.35 28.33
C LEU B 417 -23.99 -15.91 29.77
N SER B 418 -23.25 -16.48 30.72
CA SER B 418 -23.53 -16.25 32.14
C SER B 418 -23.20 -14.81 32.55
N MET B 419 -22.18 -14.22 31.95
CA MET B 419 -21.82 -12.85 32.24
C MET B 419 -21.77 -11.97 31.00
N LEU B 420 -21.94 -12.54 29.82
CA LEU B 420 -21.82 -11.77 28.59
C LEU B 420 -23.06 -10.91 28.35
N ASP B 421 -24.24 -11.44 28.61
CA ASP B 421 -25.49 -10.70 28.49
C ASP B 421 -26.23 -10.81 29.82
N THR B 422 -25.92 -9.92 30.75
CA THR B 422 -26.60 -9.89 32.04
C THR B 422 -28.00 -9.32 31.85
N CYS B 423 -29.01 -10.18 32.00
CA CYS B 423 -30.38 -9.74 31.82
C CYS B 423 -30.85 -8.88 33.00
N GLY B 424 -30.86 -9.47 34.19
CA GLY B 424 -31.30 -8.75 35.37
C GLY B 424 -30.22 -8.62 36.43
N GLU B 425 -28.99 -8.34 36.01
CA GLU B 425 -27.87 -8.21 36.93
C GLU B 425 -27.33 -6.78 36.87
N GLU B 426 -26.20 -6.56 37.54
CA GLU B 426 -25.68 -5.22 37.71
C GLU B 426 -25.04 -4.70 36.43
N VAL B 427 -23.99 -5.38 35.96
CA VAL B 427 -23.20 -4.90 34.83
C VAL B 427 -22.61 -6.12 34.13
N SER B 428 -22.42 -6.01 32.82
CA SER B 428 -22.03 -7.12 31.96
C SER B 428 -20.57 -7.00 31.52
N VAL B 429 -20.10 -8.08 30.89
CA VAL B 429 -18.80 -8.05 30.24
C VAL B 429 -18.84 -7.10 29.04
N LEU B 430 -19.85 -7.28 28.17
CA LEU B 430 -19.93 -6.56 26.91
C LEU B 430 -20.17 -5.07 27.12
N GLU B 431 -20.81 -4.69 28.23
CA GLU B 431 -21.03 -3.28 28.53
C GLU B 431 -19.73 -2.58 28.85
N ILE B 432 -18.85 -3.23 29.61
CA ILE B 432 -17.56 -2.64 29.95
C ILE B 432 -16.60 -2.70 28.76
N LEU B 433 -16.82 -3.63 27.82
CA LEU B 433 -16.06 -3.63 26.58
C LEU B 433 -16.30 -2.38 25.74
N VAL B 434 -17.47 -1.77 25.89
CA VAL B 434 -17.87 -0.63 25.07
C VAL B 434 -17.88 0.66 25.88
N TYR B 435 -18.58 0.66 27.02
CA TYR B 435 -18.85 1.90 27.73
C TYR B 435 -17.71 2.36 28.62
N ASN B 436 -16.81 1.46 29.03
CA ASN B 436 -15.83 1.80 30.05
C ASN B 436 -14.38 1.61 29.62
N SER B 437 -14.09 0.60 28.80
CA SER B 437 -12.71 0.31 28.41
C SER B 437 -12.20 1.36 27.43
N LYS B 438 -11.11 2.02 27.80
CA LYS B 438 -10.45 2.98 26.93
C LYS B 438 -9.10 2.46 26.42
N VAL B 439 -8.93 1.15 26.41
CA VAL B 439 -7.72 0.51 25.94
C VAL B 439 -7.79 0.41 24.42
N GLU B 440 -6.64 0.56 23.76
CA GLU B 440 -6.57 0.46 22.30
C GLU B 440 -6.92 -0.94 21.81
N ASN B 441 -6.70 -1.97 22.63
CA ASN B 441 -6.90 -3.36 22.24
C ASN B 441 -8.36 -3.79 22.22
N ARG B 442 -9.31 -2.87 22.38
CA ARG B 442 -10.72 -3.20 22.38
C ARG B 442 -11.23 -3.61 21.00
N HIS B 443 -10.53 -3.22 19.93
CA HIS B 443 -10.93 -3.66 18.60
C HIS B 443 -10.58 -5.13 18.40
N GLU B 444 -9.41 -5.55 18.89
CA GLU B 444 -9.05 -6.96 18.86
C GLU B 444 -9.87 -7.76 19.85
N MET B 445 -10.22 -7.16 20.99
CA MET B 445 -10.91 -7.91 22.03
C MET B 445 -12.37 -8.17 21.66
N LEU B 446 -12.96 -7.32 20.83
CA LEU B 446 -14.27 -7.64 20.27
C LEU B 446 -14.21 -8.71 19.19
N ALA B 447 -13.03 -9.02 18.67
CA ALA B 447 -12.86 -10.02 17.63
C ALA B 447 -12.61 -11.42 18.20
N VAL B 448 -13.03 -11.68 19.43
CA VAL B 448 -12.99 -13.01 20.01
C VAL B 448 -14.18 -13.80 19.48
N GLU B 449 -14.20 -15.12 19.76
CA GLU B 449 -15.14 -16.00 19.07
C GLU B 449 -16.61 -15.77 19.39
N PRO B 450 -17.09 -15.77 20.68
CA PRO B 450 -18.55 -15.72 20.87
C PRO B 450 -19.14 -14.34 20.64
N ILE B 451 -18.36 -13.28 20.89
CA ILE B 451 -18.89 -11.93 20.83
C ILE B 451 -19.09 -11.49 19.38
N ASN B 452 -18.32 -12.06 18.45
CA ASN B 452 -18.56 -11.81 17.03
C ASN B 452 -19.90 -12.37 16.58
N GLU B 453 -20.38 -13.44 17.23
CA GLU B 453 -21.69 -13.98 16.94
C GLU B 453 -22.76 -13.53 17.93
N LEU B 454 -22.36 -13.09 19.13
CA LEU B 454 -23.35 -12.59 20.08
C LEU B 454 -23.89 -11.24 19.63
N LEU B 455 -23.05 -10.42 19.02
CA LEU B 455 -23.51 -9.13 18.51
C LEU B 455 -24.38 -9.31 17.27
N ARG B 456 -24.19 -10.39 16.53
CA ARG B 456 -25.05 -10.68 15.39
C ARG B 456 -26.39 -11.28 15.82
N ASP B 457 -26.50 -11.74 17.06
CA ASP B 457 -27.78 -12.25 17.54
C ASP B 457 -28.79 -11.12 17.69
N LYS B 458 -28.47 -10.14 18.53
CA LYS B 458 -29.37 -9.03 18.80
C LYS B 458 -29.44 -8.03 17.65
N TRP B 459 -28.49 -8.07 16.71
CA TRP B 459 -28.63 -7.22 15.54
C TRP B 459 -29.72 -7.74 14.60
N GLN B 460 -29.85 -9.06 14.50
CA GLN B 460 -30.89 -9.65 13.67
C GLN B 460 -32.27 -9.57 14.30
N LYS B 461 -32.38 -9.19 15.57
CA LYS B 461 -33.66 -9.07 16.21
C LYS B 461 -34.02 -7.63 16.56
N PHE B 462 -33.05 -6.79 16.86
CA PHE B 462 -33.31 -5.41 17.24
C PHE B 462 -32.81 -4.41 16.20
N GLY B 463 -32.35 -4.88 15.05
CA GLY B 463 -31.86 -3.97 14.03
C GLY B 463 -32.95 -3.40 13.16
N ALA B 464 -33.70 -4.27 12.49
CA ALA B 464 -34.74 -3.81 11.57
C ALA B 464 -35.94 -3.25 12.32
N VAL B 465 -36.15 -3.66 13.56
CA VAL B 465 -37.27 -3.14 14.34
C VAL B 465 -36.99 -1.71 14.78
N SER B 466 -35.79 -1.45 15.30
CA SER B 466 -35.45 -0.12 15.77
C SER B 466 -35.25 0.86 14.61
N PHE B 467 -34.87 0.36 13.44
CA PHE B 467 -34.71 1.23 12.28
C PHE B 467 -36.05 1.69 11.75
N TYR B 468 -37.05 0.80 11.71
CA TYR B 468 -38.35 1.15 11.14
C TYR B 468 -39.10 2.15 12.01
N ILE B 469 -38.87 2.12 13.32
CA ILE B 469 -39.46 3.11 14.20
C ILE B 469 -38.84 4.48 13.94
N SER B 470 -37.54 4.51 13.65
CA SER B 470 -36.86 5.77 13.36
C SER B 470 -37.33 6.40 12.07
N VAL B 471 -37.78 5.58 11.11
CA VAL B 471 -38.35 6.12 9.88
C VAL B 471 -39.72 6.72 10.15
N VAL B 472 -40.54 6.03 10.94
CA VAL B 472 -41.90 6.48 11.22
C VAL B 472 -41.88 7.71 12.12
N SER B 473 -41.02 7.71 13.15
CA SER B 473 -40.95 8.83 14.08
C SER B 473 -40.40 10.10 13.45
N TYR B 474 -39.70 9.99 12.32
CA TYR B 474 -39.38 11.18 11.53
C TYR B 474 -40.57 11.64 10.71
N LEU B 475 -41.39 10.69 10.22
CA LEU B 475 -42.57 11.06 9.46
C LEU B 475 -43.64 11.69 10.34
N ILE B 476 -43.66 11.35 11.63
CA ILE B 476 -44.58 11.99 12.55
C ILE B 476 -44.23 13.46 12.74
N ALA B 477 -42.93 13.76 12.82
CA ALA B 477 -42.50 15.15 12.98
C ALA B 477 -42.68 15.97 11.71
N MET B 478 -42.87 15.32 10.56
CA MET B 478 -43.09 16.06 9.33
C MET B 478 -44.56 16.44 9.15
N ILE B 479 -45.46 15.50 9.42
CA ILE B 479 -46.90 15.73 9.21
C ILE B 479 -47.42 16.77 10.22
N ILE B 480 -46.81 16.83 11.40
CA ILE B 480 -47.12 17.90 12.35
C ILE B 480 -46.75 19.26 11.77
N PHE B 481 -45.57 19.35 11.14
CA PHE B 481 -45.11 20.62 10.60
C PHE B 481 -45.87 21.03 9.35
N THR B 482 -46.44 20.07 8.61
CA THR B 482 -47.29 20.43 7.48
C THR B 482 -48.58 21.09 7.93
N LEU B 483 -49.16 20.63 9.04
CA LEU B 483 -50.38 21.23 9.55
C LEU B 483 -50.15 22.62 10.11
N ILE B 484 -48.92 22.93 10.51
CA ILE B 484 -48.61 24.28 10.98
C ILE B 484 -48.57 25.27 9.83
N ALA B 485 -47.95 24.86 8.72
CA ALA B 485 -47.65 25.81 7.64
C ALA B 485 -48.89 26.17 6.83
N TYR B 486 -49.67 25.17 6.42
CA TYR B 486 -50.80 25.41 5.53
C TYR B 486 -52.02 25.98 6.23
N TYR B 487 -52.01 26.12 7.56
CA TYR B 487 -53.17 26.58 8.30
C TYR B 487 -52.97 27.94 8.94
N ARG B 488 -51.91 28.66 8.56
CA ARG B 488 -51.68 29.99 9.11
C ARG B 488 -52.69 30.98 8.52
N PRO B 489 -53.17 31.95 9.29
CA PRO B 489 -54.15 32.90 8.73
C PRO B 489 -53.54 33.91 7.78
N MET B 490 -52.26 34.26 7.99
CA MET B 490 -51.44 35.05 7.06
C MET B 490 -52.03 36.43 6.79
N ASP B 491 -52.12 37.24 7.85
CA ASP B 491 -52.60 38.60 7.71
C ASP B 491 -51.47 39.58 7.38
N GLY B 492 -50.28 39.34 7.91
CA GLY B 492 -49.15 40.24 7.77
C GLY B 492 -48.61 40.78 9.08
N THR B 493 -49.27 40.56 10.21
CA THR B 493 -48.83 41.06 11.51
C THR B 493 -48.65 39.90 12.47
N PRO B 494 -47.47 39.28 12.53
CA PRO B 494 -47.20 38.26 13.54
C PRO B 494 -46.71 38.90 14.83
N PRO B 495 -46.96 38.26 15.99
CA PRO B 495 -47.67 37.00 16.23
C PRO B 495 -49.20 37.14 16.26
N TYR B 496 -49.87 36.17 16.84
CA TYR B 496 -51.30 35.97 16.67
C TYR B 496 -51.98 35.75 18.01
N PRO B 497 -53.28 36.03 18.10
CA PRO B 497 -54.04 35.62 19.30
C PRO B 497 -54.19 34.11 19.37
N TYR B 498 -54.00 33.56 20.56
CA TYR B 498 -53.95 32.12 20.74
C TYR B 498 -55.11 31.58 21.58
N ARG B 499 -56.20 32.33 21.73
CA ARG B 499 -57.30 31.90 22.58
C ARG B 499 -58.16 30.83 21.90
N THR B 500 -58.17 30.81 20.57
CA THR B 500 -58.99 29.86 19.82
C THR B 500 -58.46 28.44 19.99
N THR B 501 -59.37 27.52 20.35
CA THR B 501 -58.99 26.14 20.63
C THR B 501 -58.49 25.44 19.37
N MET B 502 -59.13 25.66 18.22
CA MET B 502 -58.65 25.12 16.97
C MET B 502 -57.38 25.81 16.47
N ASP B 503 -57.04 26.98 17.02
CA ASP B 503 -55.72 27.56 16.86
C ASP B 503 -54.79 27.24 18.01
N TYR B 504 -55.32 26.79 19.16
CA TYR B 504 -54.49 26.29 20.24
C TYR B 504 -53.84 24.96 19.88
N MET B 505 -54.44 24.19 18.98
CA MET B 505 -53.91 22.91 18.55
C MET B 505 -52.61 23.05 17.75
N ARG B 506 -52.56 24.03 16.85
CA ARG B 506 -51.33 24.26 16.09
C ARG B 506 -50.29 24.98 16.91
N LEU B 507 -50.68 25.57 18.04
CA LEU B 507 -49.75 26.17 18.98
C LEU B 507 -48.92 25.07 19.64
N ALA B 508 -49.54 23.91 19.85
CA ALA B 508 -48.81 22.75 20.34
C ALA B 508 -47.82 22.20 19.32
N GLY B 509 -48.06 22.45 18.03
CA GLY B 509 -47.13 21.99 17.01
C GLY B 509 -45.81 22.72 17.05
N GLU B 510 -45.82 23.99 17.47
CA GLU B 510 -44.58 24.72 17.65
C GLU B 510 -43.79 24.21 18.86
N ILE B 511 -44.45 23.56 19.80
CA ILE B 511 -43.71 22.92 20.90
C ILE B 511 -42.98 21.69 20.39
N VAL B 512 -43.62 20.92 19.51
CA VAL B 512 -43.04 19.67 19.04
C VAL B 512 -41.91 19.93 18.05
N THR B 513 -42.14 20.83 17.09
CA THR B 513 -41.22 20.99 15.97
C THR B 513 -39.97 21.75 16.38
N LEU B 514 -40.15 22.87 17.09
CA LEU B 514 -39.01 23.74 17.43
C LEU B 514 -38.06 23.07 18.41
N LEU B 515 -38.61 22.39 19.43
CA LEU B 515 -37.78 21.78 20.45
C LEU B 515 -36.95 20.62 19.92
N THR B 516 -37.44 19.91 18.90
CA THR B 516 -36.66 18.84 18.28
C THR B 516 -35.45 19.42 17.55
N GLY B 517 -35.63 20.59 16.92
CA GLY B 517 -34.49 21.27 16.33
C GLY B 517 -33.54 21.85 17.35
N VAL B 518 -34.04 22.18 18.55
CA VAL B 518 -33.19 22.73 19.60
C VAL B 518 -32.30 21.65 20.19
N VAL B 519 -32.87 20.47 20.45
CA VAL B 519 -32.11 19.36 21.04
C VAL B 519 -31.01 18.88 20.10
N PHE B 520 -31.31 18.83 18.79
CA PHE B 520 -30.29 18.42 17.83
C PHE B 520 -29.23 19.49 17.64
N PHE B 521 -29.56 20.75 17.93
CA PHE B 521 -28.60 21.83 17.76
C PHE B 521 -27.59 21.87 18.91
N ILE B 522 -28.08 21.76 20.14
CA ILE B 522 -27.23 21.89 21.32
C ILE B 522 -26.36 20.66 21.57
N THR B 523 -26.88 19.46 21.32
CA THR B 523 -26.16 18.23 21.64
C THR B 523 -24.96 18.05 20.73
N ASN B 524 -25.08 18.44 19.46
CA ASN B 524 -23.99 18.27 18.51
C ASN B 524 -22.85 19.24 18.78
N ILE B 525 -23.16 20.44 19.28
CA ILE B 525 -22.10 21.36 19.70
C ILE B 525 -21.39 20.84 20.93
N LYS B 526 -22.14 20.26 21.88
CA LYS B 526 -21.52 19.58 23.03
C LYS B 526 -20.71 18.37 22.59
N ASP B 527 -21.21 17.61 21.62
CA ASP B 527 -20.47 16.47 21.09
C ASP B 527 -19.24 16.91 20.30
N LEU B 528 -19.26 18.11 19.73
CA LEU B 528 -18.09 18.65 19.05
C LEU B 528 -16.97 18.94 20.05
N PHE B 529 -17.33 19.57 21.18
CA PHE B 529 -16.32 19.96 22.16
C PHE B 529 -15.84 18.76 22.97
N MET B 530 -16.78 17.92 23.41
CA MET B 530 -16.43 16.74 24.19
C MET B 530 -15.83 15.66 23.30
N VAL B 536 -22.73 10.65 13.15
CA VAL B 536 -22.13 9.94 12.03
C VAL B 536 -22.37 8.44 12.16
N ASN B 537 -23.47 8.08 12.82
CA ASN B 537 -23.89 6.69 12.95
C ASN B 537 -24.44 6.23 11.60
N SER B 538 -23.53 5.85 10.70
CA SER B 538 -23.89 5.50 9.34
C SER B 538 -24.38 4.07 9.20
N LEU B 539 -24.66 3.39 10.30
CA LEU B 539 -25.36 2.11 10.26
C LEU B 539 -26.76 2.30 9.68
N PHE B 540 -27.58 3.10 10.33
CA PHE B 540 -28.95 3.33 9.87
C PHE B 540 -28.96 4.26 8.68
N ILE B 541 -28.55 5.50 8.89
CA ILE B 541 -28.57 6.55 7.88
C ILE B 541 -27.15 7.11 7.78
N ASP B 542 -26.66 7.31 6.56
CA ASP B 542 -25.28 7.74 6.35
C ASP B 542 -25.04 9.16 6.87
N GLY B 543 -23.76 9.48 7.09
CA GLY B 543 -23.36 10.70 7.77
C GLY B 543 -23.62 11.98 7.01
N SER B 544 -24.02 11.89 5.75
CA SER B 544 -24.41 13.09 5.02
C SER B 544 -25.76 13.62 5.48
N PHE B 545 -26.56 12.79 6.15
CA PHE B 545 -27.85 13.24 6.65
C PHE B 545 -27.71 14.13 7.87
N GLN B 546 -26.72 13.84 8.72
CA GLN B 546 -26.54 14.59 9.96
C GLN B 546 -26.18 16.05 9.69
N LEU B 547 -25.46 16.30 8.60
CA LEU B 547 -25.22 17.69 8.20
C LEU B 547 -26.48 18.32 7.62
N LEU B 548 -27.24 17.55 6.84
CA LEU B 548 -28.43 18.12 6.19
C LEU B 548 -29.56 18.31 7.19
N TYR B 549 -29.70 17.40 8.15
CA TYR B 549 -30.67 17.59 9.22
C TYR B 549 -30.25 18.71 10.16
N PHE B 550 -28.96 19.01 10.22
CA PHE B 550 -28.50 20.17 10.99
C PHE B 550 -28.93 21.47 10.32
N ILE B 551 -28.83 21.53 8.99
CA ILE B 551 -29.27 22.72 8.26
C ILE B 551 -30.78 22.87 8.37
N TYR B 552 -31.50 21.74 8.42
CA TYR B 552 -32.91 21.78 8.80
C TYR B 552 -33.10 22.32 10.20
N SER B 553 -32.20 21.97 11.12
CA SER B 553 -32.34 22.43 12.50
C SER B 553 -31.97 23.90 12.64
N VAL B 554 -31.12 24.42 11.76
CA VAL B 554 -30.75 25.84 11.84
C VAL B 554 -31.89 26.71 11.34
N LEU B 555 -32.55 26.30 10.25
CA LEU B 555 -33.59 27.13 9.66
C LEU B 555 -34.87 27.16 10.48
N VAL B 556 -35.06 26.21 11.39
CA VAL B 556 -36.24 26.23 12.25
C VAL B 556 -36.10 27.32 13.31
N ILE B 557 -34.94 27.39 13.97
CA ILE B 557 -34.77 28.35 15.04
C ILE B 557 -34.59 29.77 14.52
N ILE B 558 -34.15 29.92 13.26
CA ILE B 558 -34.18 31.24 12.63
C ILE B 558 -35.60 31.66 12.34
N THR B 559 -36.44 30.70 11.93
CA THR B 559 -37.85 30.98 11.65
C THR B 559 -38.59 31.40 12.91
N ALA B 560 -38.25 30.80 14.05
CA ALA B 560 -38.91 31.12 15.31
C ALA B 560 -38.60 32.53 15.78
N VAL B 561 -37.46 33.09 15.37
CA VAL B 561 -37.13 34.46 15.74
C VAL B 561 -37.96 35.46 14.95
N LEU B 562 -38.17 35.18 13.65
CA LEU B 562 -38.60 36.21 12.71
C LEU B 562 -40.05 36.64 12.92
N TYR B 563 -40.94 35.74 13.36
CA TYR B 563 -42.29 36.18 13.67
C TYR B 563 -42.43 36.65 15.11
N LEU B 564 -41.36 36.58 15.90
CA LEU B 564 -41.34 37.20 17.21
C LEU B 564 -40.72 38.59 17.18
N VAL B 565 -39.89 38.88 16.18
CA VAL B 565 -39.41 40.25 16.00
C VAL B 565 -40.54 41.15 15.52
N GLY B 566 -41.32 40.65 14.56
CA GLY B 566 -42.42 41.41 13.99
C GLY B 566 -42.41 41.51 12.48
N ILE B 567 -41.45 40.88 11.80
CA ILE B 567 -41.35 40.94 10.35
C ILE B 567 -42.02 39.70 9.78
N GLU B 568 -42.98 39.91 8.87
CA GLU B 568 -43.85 38.86 8.36
C GLU B 568 -43.22 38.03 7.25
N SER B 569 -41.93 38.21 6.97
CA SER B 569 -41.25 37.47 5.92
C SER B 569 -40.71 36.13 6.40
N TYR B 570 -41.18 35.65 7.55
CA TYR B 570 -40.86 34.34 8.08
C TYR B 570 -41.42 33.21 7.22
N LEU B 571 -42.46 33.48 6.45
CA LEU B 571 -43.17 32.48 5.66
C LEU B 571 -42.31 31.89 4.54
N ALA B 572 -41.29 32.62 4.08
CA ALA B 572 -40.41 32.08 3.06
C ALA B 572 -39.54 30.96 3.63
N VAL B 573 -38.91 31.20 4.79
CA VAL B 573 -37.99 30.24 5.37
C VAL B 573 -38.75 29.05 5.94
N MET B 574 -39.97 29.28 6.44
CA MET B 574 -40.73 28.22 7.10
C MET B 574 -41.13 27.12 6.12
N VAL B 575 -41.57 27.51 4.93
CA VAL B 575 -41.96 26.52 3.94
C VAL B 575 -40.71 25.99 3.23
N PHE B 576 -39.60 26.73 3.31
CA PHE B 576 -38.34 26.29 2.70
C PHE B 576 -37.81 25.02 3.35
N ALA B 577 -37.78 24.99 4.69
CA ALA B 577 -37.34 23.80 5.39
C ALA B 577 -38.32 22.65 5.27
N LEU B 578 -39.59 22.95 4.95
CA LEU B 578 -40.57 21.90 4.68
C LEU B 578 -40.21 21.15 3.40
N VAL B 579 -39.61 21.84 2.44
CA VAL B 579 -39.23 21.19 1.19
C VAL B 579 -38.03 20.27 1.41
N LEU B 580 -37.09 20.68 2.28
CA LEU B 580 -35.93 19.86 2.56
C LEU B 580 -36.30 18.61 3.34
N GLY B 581 -37.21 18.75 4.31
CA GLY B 581 -37.57 17.66 5.20
C GLY B 581 -38.20 16.46 4.52
N TRP B 582 -39.08 16.71 3.56
CA TRP B 582 -39.59 15.60 2.76
C TRP B 582 -38.53 15.06 1.81
N MET B 583 -37.60 15.89 1.36
CA MET B 583 -36.50 15.45 0.53
C MET B 583 -35.34 14.89 1.34
N ASN B 584 -35.35 15.10 2.67
CA ASN B 584 -34.42 14.39 3.53
C ASN B 584 -34.80 12.93 3.73
N ALA B 585 -36.05 12.57 3.39
CA ALA B 585 -36.50 11.19 3.49
C ALA B 585 -35.92 10.29 2.40
N LEU B 586 -35.21 10.85 1.43
CA LEU B 586 -34.59 10.03 0.38
C LEU B 586 -33.38 9.26 0.87
N TYR B 587 -32.86 9.56 2.05
CA TYR B 587 -31.82 8.74 2.64
C TYR B 587 -32.38 7.52 3.37
N PHE B 588 -33.70 7.42 3.52
CA PHE B 588 -34.32 6.25 4.13
C PHE B 588 -34.38 5.06 3.18
N THR B 589 -34.19 5.29 1.88
CA THR B 589 -34.38 4.26 0.88
C THR B 589 -33.18 3.34 0.72
N ARG B 590 -32.06 3.61 1.41
CA ARG B 590 -30.90 2.72 1.29
C ARG B 590 -31.15 1.40 2.00
N GLY B 591 -31.74 1.45 3.19
CA GLY B 591 -31.99 0.23 3.95
C GLY B 591 -31.16 0.15 5.20
N LEU B 592 -30.17 -0.75 5.20
CA LEU B 592 -29.29 -0.93 6.35
C LEU B 592 -27.91 -1.31 5.84
N LYS B 593 -26.89 -0.74 6.47
CA LYS B 593 -25.51 -0.94 6.05
C LYS B 593 -24.72 -1.67 7.14
N LEU B 594 -23.98 -2.69 6.75
CA LEU B 594 -23.12 -3.42 7.66
C LEU B 594 -21.66 -3.51 7.22
N THR B 595 -21.38 -3.36 5.94
CA THR B 595 -20.02 -3.40 5.43
C THR B 595 -19.41 -2.00 5.50
N GLY B 596 -18.27 -1.89 6.16
CA GLY B 596 -17.68 -0.59 6.40
C GLY B 596 -16.89 -0.10 5.20
N THR B 597 -17.14 1.14 4.82
CA THR B 597 -16.35 1.81 3.79
C THR B 597 -15.35 2.73 4.47
N TYR B 598 -14.53 3.39 3.65
CA TYR B 598 -13.51 4.30 4.14
C TYR B 598 -14.02 5.73 4.25
N SER B 599 -15.14 6.04 3.63
CA SER B 599 -15.71 7.38 3.62
C SER B 599 -16.48 7.71 4.89
N ILE B 600 -16.57 6.78 5.83
CA ILE B 600 -17.38 6.98 7.02
C ILE B 600 -16.65 7.87 8.03
N MET B 601 -15.37 7.60 8.24
CA MET B 601 -14.53 8.41 9.11
C MET B 601 -14.29 9.78 8.48
N LEU B 602 -14.33 9.84 7.15
CA LEU B 602 -14.16 11.11 6.45
C LEU B 602 -15.29 12.09 6.71
N GLN B 603 -16.51 11.60 6.86
CA GLN B 603 -17.66 12.47 7.02
C GLN B 603 -17.83 13.01 8.43
N LYS B 604 -17.09 12.48 9.41
CA LYS B 604 -17.06 13.11 10.72
C LYS B 604 -16.27 14.42 10.66
N ILE B 605 -15.10 14.38 10.01
CA ILE B 605 -14.29 15.58 9.83
C ILE B 605 -14.95 16.55 8.85
N LEU B 606 -15.74 16.04 7.90
CA LEU B 606 -16.54 16.90 7.04
C LEU B 606 -17.57 17.68 7.84
N PHE B 607 -18.26 17.00 8.75
CA PHE B 607 -19.20 17.65 9.66
C PHE B 607 -18.49 18.52 10.69
N LYS B 608 -17.28 18.15 11.09
CA LYS B 608 -16.52 18.88 12.11
C LYS B 608 -16.08 20.26 11.64
N ASP B 609 -15.43 20.34 10.47
CA ASP B 609 -14.80 21.58 10.08
C ASP B 609 -15.71 22.51 9.28
N LEU B 610 -16.74 21.98 8.61
CA LEU B 610 -17.70 22.86 7.95
C LEU B 610 -18.53 23.64 8.96
N PHE B 611 -18.84 23.01 10.10
CA PHE B 611 -19.46 23.76 11.19
C PHE B 611 -18.48 24.76 11.78
N ARG B 612 -17.18 24.41 11.79
CA ARG B 612 -16.16 25.40 12.12
C ARG B 612 -16.02 26.44 11.02
N PHE B 613 -16.26 26.05 9.77
CA PHE B 613 -16.18 26.98 8.67
C PHE B 613 -17.33 27.99 8.70
N LEU B 614 -18.50 27.58 9.20
CA LEU B 614 -19.62 28.51 9.30
C LEU B 614 -19.42 29.48 10.45
N LEU B 615 -18.89 29.01 11.58
CA LEU B 615 -18.69 29.89 12.72
C LEU B 615 -17.54 30.85 12.49
N VAL B 616 -16.50 30.43 11.76
CA VAL B 616 -15.42 31.36 11.44
C VAL B 616 -15.88 32.34 10.37
N TYR B 617 -16.94 32.00 9.62
CA TYR B 617 -17.54 32.96 8.71
C TYR B 617 -18.35 34.00 9.48
N LEU B 618 -19.34 33.54 10.25
CA LEU B 618 -20.34 34.44 10.84
C LEU B 618 -19.75 35.32 11.95
N LEU B 619 -18.80 34.81 12.72
CA LEU B 619 -18.14 35.65 13.71
C LEU B 619 -17.23 36.68 13.05
N PHE B 620 -16.76 36.39 11.83
CA PHE B 620 -15.97 37.38 11.10
C PHE B 620 -16.85 38.45 10.49
N MET B 621 -18.04 38.08 10.00
CA MET B 621 -18.93 39.05 9.38
C MET B 621 -19.54 39.97 10.43
N ILE B 622 -19.92 39.41 11.58
CA ILE B 622 -20.41 40.22 12.69
C ILE B 622 -19.28 41.07 13.26
N GLY B 623 -18.09 40.50 13.38
CA GLY B 623 -16.97 41.22 13.98
C GLY B 623 -16.48 42.38 13.12
N TYR B 624 -16.49 42.19 11.80
CA TYR B 624 -16.08 43.28 10.92
C TYR B 624 -17.16 44.35 10.80
N ALA B 625 -18.43 43.95 10.91
CA ALA B 625 -19.50 44.94 10.92
C ALA B 625 -19.52 45.73 12.22
N SER B 626 -19.29 45.06 13.35
CA SER B 626 -19.16 45.75 14.62
C SER B 626 -17.90 46.58 14.70
N ALA B 627 -16.89 46.26 13.89
CA ALA B 627 -15.68 47.07 13.83
C ALA B 627 -15.97 48.42 13.18
N LEU B 628 -16.74 48.43 12.10
CA LEU B 628 -16.98 49.65 11.34
C LEU B 628 -17.88 50.64 12.06
N VAL B 629 -18.70 50.16 13.00
CA VAL B 629 -19.51 51.06 13.81
C VAL B 629 -18.61 51.85 14.75
N SER B 630 -17.51 51.25 15.20
CA SER B 630 -16.56 51.94 16.07
C SER B 630 -15.78 53.03 15.34
N LEU B 631 -15.74 52.99 14.00
CA LEU B 631 -15.17 54.09 13.26
C LEU B 631 -16.06 55.33 13.31
N LEU B 632 -17.37 55.14 13.48
CA LEU B 632 -18.32 56.25 13.48
C LEU B 632 -18.23 56.98 14.81
N ASN B 633 -17.39 58.01 14.85
CA ASN B 633 -17.25 58.84 16.05
C ASN B 633 -18.37 59.88 16.16
N PRO B 634 -18.77 60.62 15.12
CA PRO B 634 -19.97 61.47 15.27
C PRO B 634 -21.25 60.64 15.25
N CYS B 635 -22.33 61.29 15.65
CA CYS B 635 -23.65 60.66 15.66
C CYS B 635 -24.42 60.99 14.39
N ARG B 657 -22.33 56.02 15.40
CA ARG B 657 -23.39 56.93 15.00
C ARG B 657 -24.75 56.38 15.42
N ASP B 658 -25.66 56.27 14.46
CA ASP B 658 -26.99 55.74 14.75
C ASP B 658 -26.91 54.24 14.98
N SER B 659 -27.78 53.75 15.87
CA SER B 659 -27.83 52.33 16.18
C SER B 659 -28.44 51.51 15.06
N SER B 660 -29.17 52.16 14.14
CA SER B 660 -29.73 51.49 12.98
C SER B 660 -28.75 51.40 11.82
N THR B 661 -27.52 51.87 12.00
CA THR B 661 -26.51 51.74 10.95
C THR B 661 -25.92 50.34 10.91
N PHE B 662 -25.84 49.68 12.07
CA PHE B 662 -25.24 48.35 12.16
C PHE B 662 -26.03 47.32 11.35
N SER B 663 -27.34 47.50 11.24
CA SER B 663 -28.15 46.67 10.35
C SER B 663 -27.83 46.94 8.89
N LYS B 664 -27.34 48.14 8.56
CA LYS B 664 -27.01 48.48 7.19
C LYS B 664 -25.59 48.08 6.82
N PHE B 665 -24.68 48.04 7.81
CA PHE B 665 -23.34 47.52 7.55
C PHE B 665 -23.37 46.03 7.28
N LEU B 666 -24.11 45.28 8.10
CA LEU B 666 -24.12 43.83 7.97
C LEU B 666 -24.90 43.39 6.75
N LEU B 667 -25.86 44.21 6.31
CA LEU B 667 -26.62 43.89 5.10
C LEU B 667 -25.76 44.04 3.85
N ASP B 668 -24.95 45.11 3.79
CA ASP B 668 -24.11 45.33 2.61
C ASP B 668 -22.89 44.42 2.64
N LEU B 669 -22.56 43.86 3.80
CA LEU B 669 -21.35 43.05 3.90
C LEU B 669 -21.60 41.63 3.42
N PHE B 670 -22.82 41.12 3.65
CA PHE B 670 -23.20 39.80 3.17
C PHE B 670 -23.27 39.74 1.65
N LYS B 671 -23.70 40.84 1.02
CA LYS B 671 -23.92 40.84 -0.42
C LYS B 671 -22.63 40.81 -1.21
N LEU B 672 -21.53 41.24 -0.61
CA LEU B 672 -20.25 41.26 -1.32
C LEU B 672 -19.67 39.87 -1.47
N THR B 673 -19.94 38.98 -0.50
CA THR B 673 -19.43 37.63 -0.58
C THR B 673 -20.18 36.82 -1.63
N ILE B 674 -21.48 37.07 -1.78
CA ILE B 674 -22.25 36.42 -2.84
C ILE B 674 -21.93 37.07 -4.18
N GLY B 675 -22.03 38.39 -4.24
CA GLY B 675 -21.87 39.12 -5.48
C GLY B 675 -23.14 39.73 -6.01
N MET B 676 -24.05 40.17 -5.14
CA MET B 676 -25.27 40.80 -5.61
C MET B 676 -25.01 42.20 -6.15
N GLY B 677 -24.17 42.97 -5.47
CA GLY B 677 -23.82 44.29 -5.94
C GLY B 677 -24.91 45.32 -5.81
N ASP B 678 -25.83 45.13 -4.87
CA ASP B 678 -26.93 46.08 -4.63
C ASP B 678 -26.77 46.59 -3.20
N LEU B 679 -25.94 47.61 -3.05
CA LEU B 679 -25.49 48.05 -1.73
C LEU B 679 -26.16 49.36 -1.35
N GLU B 680 -25.93 49.78 -0.11
CA GLU B 680 -26.60 50.96 0.44
C GLU B 680 -25.64 52.02 0.96
N MET B 681 -24.54 51.64 1.62
CA MET B 681 -23.56 52.61 2.08
C MET B 681 -22.21 52.48 1.42
N ILE B 682 -21.67 51.27 1.33
CA ILE B 682 -20.30 51.06 0.85
C ILE B 682 -20.25 51.31 -0.65
N ASN B 683 -19.61 52.41 -1.03
CA ASN B 683 -19.42 52.76 -2.43
C ASN B 683 -18.00 52.41 -2.82
N SER B 684 -17.85 51.48 -3.77
CA SER B 684 -16.53 51.09 -4.24
C SER B 684 -15.88 52.17 -5.09
N ALA B 685 -16.67 53.11 -5.62
CA ALA B 685 -16.11 54.22 -6.37
C ALA B 685 -15.45 55.25 -5.47
N LYS B 686 -15.73 55.22 -4.17
CA LYS B 686 -15.14 56.20 -3.26
C LYS B 686 -13.68 55.87 -2.97
N TYR B 687 -13.41 54.68 -2.44
CA TYR B 687 -12.06 54.20 -2.20
C TYR B 687 -11.84 52.94 -3.04
N PRO B 688 -11.34 53.08 -4.27
CA PRO B 688 -11.18 51.90 -5.13
C PRO B 688 -9.97 51.04 -4.80
N ALA B 689 -8.85 51.68 -4.43
CA ALA B 689 -7.60 50.96 -4.23
C ALA B 689 -7.57 50.17 -2.93
N VAL B 690 -8.49 50.46 -2.01
CA VAL B 690 -8.55 49.77 -0.73
C VAL B 690 -9.62 48.67 -0.75
N PHE B 691 -10.73 48.94 -1.44
CA PHE B 691 -11.81 47.95 -1.53
C PHE B 691 -11.37 46.72 -2.31
N ILE B 692 -10.48 46.88 -3.28
CA ILE B 692 -10.00 45.73 -4.04
C ILE B 692 -9.08 44.86 -3.19
N ILE B 693 -8.09 45.49 -2.55
CA ILE B 693 -7.08 44.73 -1.82
C ILE B 693 -7.63 44.12 -0.54
N LEU B 694 -8.77 44.60 -0.03
CA LEU B 694 -9.46 43.87 1.01
C LEU B 694 -10.26 42.71 0.41
N LEU B 695 -10.80 42.89 -0.79
CA LEU B 695 -11.57 41.83 -1.41
C LEU B 695 -10.69 40.74 -1.99
N VAL B 696 -9.50 41.11 -2.49
CA VAL B 696 -8.55 40.11 -2.99
C VAL B 696 -8.06 39.23 -1.85
N THR B 697 -7.67 39.86 -0.73
CA THR B 697 -7.26 39.10 0.44
C THR B 697 -8.41 38.33 1.07
N TYR B 698 -9.65 38.77 0.87
CA TYR B 698 -10.79 37.98 1.35
C TYR B 698 -10.95 36.70 0.54
N ILE B 699 -10.61 36.73 -0.75
CA ILE B 699 -10.60 35.51 -1.54
C ILE B 699 -9.50 34.57 -1.07
N ILE B 700 -8.32 35.12 -0.75
CA ILE B 700 -7.19 34.32 -0.33
C ILE B 700 -7.43 33.71 1.04
N LEU B 701 -8.12 34.41 1.93
CA LEU B 701 -8.50 33.83 3.22
C LEU B 701 -9.47 32.66 3.04
N THR B 702 -10.45 32.82 2.16
CA THR B 702 -11.44 31.78 1.97
C THR B 702 -10.91 30.62 1.13
N PHE B 703 -9.97 30.88 0.23
CA PHE B 703 -9.48 29.80 -0.64
C PHE B 703 -8.56 28.85 0.10
N VAL B 704 -7.88 29.33 1.15
CA VAL B 704 -7.01 28.46 1.92
C VAL B 704 -7.82 27.60 2.89
N LEU B 705 -8.90 28.18 3.44
CA LEU B 705 -9.79 27.41 4.31
C LEU B 705 -10.54 26.32 3.54
N LEU B 706 -10.72 26.49 2.24
CA LEU B 706 -11.23 25.40 1.42
C LEU B 706 -10.17 24.33 1.22
N LEU B 707 -8.91 24.74 1.07
CA LEU B 707 -7.83 23.77 0.92
C LEU B 707 -7.48 23.08 2.23
N ASN B 708 -7.83 23.68 3.36
CA ASN B 708 -7.67 22.99 4.64
C ASN B 708 -8.66 21.84 4.79
N MET B 709 -9.76 21.87 4.04
CA MET B 709 -10.65 20.72 3.98
C MET B 709 -9.99 19.57 3.23
N LEU B 710 -9.43 19.86 2.06
CA LEU B 710 -8.91 18.81 1.18
C LEU B 710 -7.63 18.20 1.71
N ILE B 711 -6.76 19.00 2.34
CA ILE B 711 -5.53 18.46 2.90
C ILE B 711 -5.83 17.61 4.14
N ALA B 712 -6.85 18.00 4.91
CA ALA B 712 -7.28 17.16 6.03
C ALA B 712 -7.91 15.86 5.57
N LEU B 713 -8.41 15.80 4.34
CA LEU B 713 -8.91 14.54 3.79
C LEU B 713 -7.81 13.75 3.09
N MET B 714 -6.96 14.41 2.30
CA MET B 714 -5.87 13.71 1.64
C MET B 714 -4.81 13.23 2.62
N GLY B 715 -4.60 13.98 3.71
CA GLY B 715 -3.69 13.54 4.75
C GLY B 715 -4.25 12.46 5.66
N GLU B 716 -5.50 12.06 5.44
CA GLU B 716 -6.18 11.05 6.23
C GLU B 716 -6.30 9.72 5.49
N THR B 717 -6.52 9.75 4.18
CA THR B 717 -6.81 8.56 3.41
C THR B 717 -5.57 7.81 2.95
N VAL B 718 -4.44 7.94 3.63
CA VAL B 718 -3.24 7.26 3.17
C VAL B 718 -2.79 6.15 4.12
N GLY B 719 -2.43 6.48 5.36
CA GLY B 719 -1.74 5.51 6.19
C GLY B 719 -2.59 4.62 7.07
N GLN B 720 -3.39 5.23 7.95
CA GLN B 720 -4.07 4.50 9.01
C GLN B 720 -5.53 4.21 8.67
N VAL B 721 -6.02 4.74 7.54
CA VAL B 721 -7.39 4.48 7.12
C VAL B 721 -7.59 3.03 6.69
N SER B 722 -6.51 2.32 6.35
CA SER B 722 -6.62 0.92 5.96
C SER B 722 -6.93 0.01 7.15
N LYS B 723 -6.61 0.46 8.37
CA LYS B 723 -6.92 -0.30 9.58
C LYS B 723 -8.07 0.30 10.36
N GLU B 724 -8.07 1.63 10.54
CA GLU B 724 -8.99 2.28 11.46
C GLU B 724 -10.42 2.27 10.95
N SER B 725 -10.62 2.27 9.63
CA SER B 725 -11.97 2.19 9.09
C SER B 725 -12.59 0.81 9.26
N LYS B 726 -11.79 -0.21 9.52
CA LYS B 726 -12.29 -1.52 9.91
C LYS B 726 -12.16 -1.76 11.41
N GLN B 727 -11.95 -0.70 12.19
CA GLN B 727 -11.92 -0.75 13.64
C GLN B 727 -13.09 0.00 14.26
N ILE B 728 -13.26 1.27 13.91
CA ILE B 728 -14.36 2.04 14.50
C ILE B 728 -15.70 1.60 13.92
N TRP B 729 -15.72 1.14 12.67
CA TRP B 729 -16.93 0.57 12.10
C TRP B 729 -17.36 -0.69 12.83
N LYS B 730 -16.39 -1.52 13.24
CA LYS B 730 -16.71 -2.63 14.13
C LYS B 730 -17.07 -2.12 15.52
N LEU B 731 -16.44 -1.03 15.95
CA LEU B 731 -16.71 -0.51 17.29
C LEU B 731 -18.06 0.18 17.37
N GLN B 732 -18.41 0.98 16.35
CA GLN B 732 -19.68 1.70 16.37
C GLN B 732 -20.84 0.75 16.13
N TRP B 733 -20.62 -0.34 15.40
CA TRP B 733 -21.66 -1.36 15.23
C TRP B 733 -21.98 -2.03 16.56
N ALA B 734 -20.98 -2.17 17.42
CA ALA B 734 -21.21 -2.69 18.77
C ALA B 734 -21.71 -1.61 19.71
N THR B 735 -21.36 -0.35 19.44
CA THR B 735 -21.74 0.73 20.34
C THR B 735 -23.23 1.05 20.23
N THR B 736 -23.76 1.07 19.02
CA THR B 736 -25.13 1.48 18.80
C THR B 736 -26.12 0.41 19.25
N ILE B 737 -25.76 -0.87 19.07
CA ILE B 737 -26.69 -1.94 19.39
C ILE B 737 -26.85 -2.09 20.91
N LEU B 738 -25.87 -1.65 21.69
CA LEU B 738 -26.07 -1.62 23.14
C LEU B 738 -26.87 -0.40 23.56
N ASP B 739 -26.81 0.69 22.80
CA ASP B 739 -27.66 1.83 23.07
C ASP B 739 -29.12 1.52 22.73
N ILE B 740 -29.34 0.65 21.75
CA ILE B 740 -30.68 0.16 21.49
C ILE B 740 -31.12 -0.77 22.63
N GLU B 741 -30.18 -1.54 23.18
CA GLU B 741 -30.49 -2.46 24.27
C GLU B 741 -30.86 -1.73 25.55
N ARG B 742 -30.24 -0.57 25.81
CA ARG B 742 -30.60 0.22 26.97
C ARG B 742 -31.95 0.89 26.82
N SER B 743 -32.45 1.04 25.58
CA SER B 743 -33.71 1.74 25.35
C SER B 743 -34.92 0.91 25.75
N PHE B 744 -34.83 -0.41 25.66
CA PHE B 744 -35.98 -1.23 26.01
C PHE B 744 -36.09 -1.39 27.53
N PRO B 745 -37.32 -1.51 28.04
CA PRO B 745 -37.49 -1.75 29.48
C PRO B 745 -37.09 -3.16 29.91
N VAL B 746 -37.24 -3.45 31.19
CA VAL B 746 -36.87 -4.77 31.70
C VAL B 746 -37.91 -5.82 31.32
N CYS B 747 -39.13 -5.40 30.97
CA CYS B 747 -40.17 -6.37 30.60
C CYS B 747 -39.93 -6.93 29.21
N MET B 748 -39.64 -6.07 28.24
CA MET B 748 -39.38 -6.52 26.88
C MET B 748 -37.94 -7.01 26.69
N ARG B 749 -37.11 -6.94 27.72
CA ARG B 749 -35.74 -7.43 27.61
C ARG B 749 -35.70 -8.96 27.57
N LYS B 750 -36.56 -9.61 28.34
CA LYS B 750 -36.60 -11.08 28.38
C LYS B 750 -37.28 -11.70 27.17
N ALA B 751 -37.90 -10.89 26.30
CA ALA B 751 -38.64 -11.44 25.18
C ALA B 751 -37.70 -11.96 24.10
N PHE B 752 -36.84 -11.09 23.57
CA PHE B 752 -35.92 -11.46 22.51
C PHE B 752 -34.52 -11.74 23.03
N ARG B 753 -34.39 -12.34 24.21
CA ARG B 753 -33.07 -12.68 24.74
C ARG B 753 -32.49 -13.87 23.97
N SER B 754 -31.25 -13.71 23.51
CA SER B 754 -30.59 -14.78 22.79
C SER B 754 -30.11 -15.86 23.75
N GLY B 755 -29.78 -17.01 23.18
CA GLY B 755 -29.32 -18.14 23.97
C GLY B 755 -30.46 -19.03 24.44
N GLU B 756 -30.11 -20.25 24.80
CA GLU B 756 -31.07 -21.26 25.20
C GLU B 756 -30.65 -21.90 26.51
N MET B 757 -31.57 -22.65 27.11
CA MET B 757 -31.28 -23.47 28.27
C MET B 757 -30.92 -24.88 27.81
N VAL B 758 -29.69 -25.30 28.07
CA VAL B 758 -29.23 -26.64 27.75
C VAL B 758 -28.78 -27.29 29.06
N THR B 759 -29.47 -28.34 29.47
CA THR B 759 -29.18 -29.00 30.73
C THR B 759 -27.89 -29.81 30.61
N VAL B 760 -26.81 -29.31 31.21
CA VAL B 760 -25.51 -29.96 31.17
C VAL B 760 -25.09 -30.25 32.61
N GLY B 761 -24.71 -31.50 32.87
CA GLY B 761 -24.21 -31.89 34.17
C GLY B 761 -25.29 -32.07 35.22
N LYS B 762 -24.95 -31.81 36.48
CA LYS B 762 -25.91 -31.95 37.57
C LYS B 762 -26.35 -30.57 38.07
N ARG B 770 -27.93 -27.02 33.99
CA ARG B 770 -28.80 -26.13 33.22
C ARG B 770 -28.33 -24.69 33.34
N ARG B 771 -28.16 -24.02 32.21
CA ARG B 771 -27.67 -22.66 32.18
C ARG B 771 -28.08 -22.02 30.85
N TRP B 772 -27.98 -20.70 30.79
CA TRP B 772 -28.36 -19.93 29.61
C TRP B 772 -27.13 -19.73 28.73
N CYS B 773 -26.83 -20.76 27.95
CA CYS B 773 -25.68 -20.78 27.06
C CYS B 773 -26.13 -20.50 25.62
N PHE B 774 -25.14 -20.40 24.73
CA PHE B 774 -25.38 -20.06 23.34
C PHE B 774 -24.77 -21.10 22.41
N ARG B 775 -25.52 -21.47 21.38
CA ARG B 775 -25.13 -22.52 20.44
C ARG B 775 -24.29 -21.94 19.32
N VAL B 776 -23.13 -22.56 19.06
CA VAL B 776 -22.21 -22.13 18.01
C VAL B 776 -21.85 -23.35 17.17
N ASP B 777 -22.01 -23.24 15.86
CA ASP B 777 -21.67 -24.31 14.94
C ASP B 777 -20.21 -24.22 14.50
N GLU B 778 -19.67 -25.37 14.11
CA GLU B 778 -18.30 -25.46 13.61
C GLU B 778 -18.24 -26.44 12.44
N VAL B 779 -17.19 -26.32 11.64
CA VAL B 779 -16.88 -27.25 10.56
C VAL B 779 -15.39 -27.55 10.61
N ASN B 780 -15.04 -28.83 10.77
CA ASN B 780 -13.64 -29.24 10.84
C ASN B 780 -13.47 -30.59 10.15
N TRP B 781 -12.37 -30.72 9.41
CA TRP B 781 -12.08 -31.94 8.67
C TRP B 781 -10.86 -32.69 9.18
N SER B 782 -10.03 -32.06 10.01
CA SER B 782 -8.76 -32.67 10.41
C SER B 782 -8.90 -33.53 11.66
N HIS B 783 -9.64 -33.06 12.66
CA HIS B 783 -9.74 -33.78 13.92
C HIS B 783 -10.74 -34.92 13.79
N TRP B 784 -10.33 -36.11 14.22
CA TRP B 784 -11.21 -37.28 14.16
C TRP B 784 -11.07 -38.13 15.42
N MET C 144 5.30 -58.88 -44.01
CA MET C 144 4.73 -59.05 -45.35
C MET C 144 5.63 -58.42 -46.42
N PHE C 145 5.06 -58.23 -47.61
CA PHE C 145 5.82 -57.73 -48.75
C PHE C 145 5.39 -56.32 -49.17
N ASN C 146 4.40 -55.73 -48.51
CA ASN C 146 3.90 -54.42 -48.84
C ASN C 146 4.63 -53.36 -48.03
N ARG C 147 4.28 -52.09 -48.27
CA ARG C 147 4.93 -51.00 -47.57
C ARG C 147 4.30 -50.75 -46.19
N HIS C 148 3.00 -51.02 -46.07
CA HIS C 148 2.29 -50.65 -44.85
C HIS C 148 2.66 -51.57 -43.69
N MET C 149 2.98 -52.82 -43.99
CA MET C 149 3.49 -53.72 -42.95
C MET C 149 4.87 -53.31 -42.48
N LEU C 150 5.66 -52.70 -43.37
CA LEU C 150 7.03 -52.33 -43.02
C LEU C 150 7.07 -51.09 -42.14
N PHE C 151 6.23 -50.09 -42.41
CA PHE C 151 6.21 -48.89 -41.58
C PHE C 151 5.58 -49.12 -40.20
N ASP C 152 4.90 -50.25 -39.99
CA ASP C 152 4.28 -50.52 -38.71
C ASP C 152 5.23 -51.25 -37.75
N ILE C 153 5.83 -52.35 -38.20
CA ILE C 153 6.60 -53.25 -37.33
C ILE C 153 7.85 -52.55 -36.78
N VAL C 154 8.37 -51.56 -37.50
CA VAL C 154 9.44 -50.72 -36.99
C VAL C 154 9.00 -49.97 -35.74
N SER C 155 7.75 -49.50 -35.72
CA SER C 155 7.21 -48.92 -34.50
C SER C 155 6.87 -49.99 -33.46
N ARG C 156 6.54 -51.20 -33.91
CA ARG C 156 6.34 -52.32 -32.97
C ARG C 156 7.66 -52.71 -32.31
N GLY C 157 8.76 -52.67 -33.06
CA GLY C 157 10.06 -53.01 -32.51
C GLY C 157 10.26 -54.50 -32.33
N SER C 158 10.09 -55.27 -33.40
CA SER C 158 10.30 -56.72 -33.38
C SER C 158 11.10 -57.09 -34.63
N THR C 159 12.39 -57.36 -34.44
CA THR C 159 13.27 -57.67 -35.56
C THR C 159 13.02 -59.07 -36.12
N ALA C 160 12.38 -59.96 -35.34
CA ALA C 160 12.03 -61.27 -35.86
C ALA C 160 10.90 -61.20 -36.88
N GLU C 161 10.07 -60.16 -36.83
CA GLU C 161 9.03 -59.95 -37.82
C GLU C 161 9.53 -59.16 -39.03
N LEU C 162 10.84 -58.90 -39.10
CA LEU C 162 11.44 -58.22 -40.23
C LEU C 162 12.54 -59.04 -40.89
N GLU C 163 12.60 -60.34 -40.57
CA GLU C 163 13.65 -61.20 -41.08
C GLU C 163 13.39 -61.55 -42.55
N GLY C 164 14.47 -61.89 -43.25
CA GLY C 164 14.39 -62.27 -44.64
C GLY C 164 14.06 -61.15 -45.61
N PHE C 165 14.08 -59.89 -45.16
CA PHE C 165 13.75 -58.79 -46.04
C PHE C 165 14.96 -58.30 -46.83
N LEU C 166 16.16 -58.50 -46.29
CA LEU C 166 17.38 -58.22 -47.05
C LEU C 166 17.55 -59.12 -48.27
N PRO C 167 17.28 -60.44 -48.24
CA PRO C 167 17.23 -61.17 -49.51
C PRO C 167 16.01 -60.83 -50.36
N PHE C 168 14.96 -60.28 -49.76
CA PHE C 168 13.77 -59.93 -50.51
C PHE C 168 14.00 -58.73 -51.43
N LEU C 169 14.84 -57.79 -51.01
CA LEU C 169 15.20 -56.67 -51.87
C LEU C 169 16.19 -57.06 -52.96
N LEU C 170 16.86 -58.20 -52.82
CA LEU C 170 17.75 -58.66 -53.87
C LEU C 170 16.96 -59.15 -55.09
N ALA C 171 15.76 -59.69 -54.86
CA ALA C 171 14.94 -60.17 -55.96
C ALA C 171 14.27 -59.02 -56.70
N GLN C 172 13.58 -58.15 -55.95
CA GLN C 172 12.78 -57.08 -56.54
C GLN C 172 13.56 -55.79 -56.74
N LYS C 173 14.90 -55.85 -56.61
CA LYS C 173 15.89 -54.77 -56.84
C LYS C 173 15.51 -53.40 -56.30
N LYS C 174 14.84 -53.38 -55.14
CA LYS C 174 14.27 -52.15 -54.61
C LYS C 174 15.18 -51.55 -53.55
N ARG C 175 15.43 -50.25 -53.66
CA ARG C 175 16.21 -49.53 -52.66
C ARG C 175 15.32 -49.12 -51.49
N LEU C 176 15.96 -48.86 -50.35
CA LEU C 176 15.21 -48.46 -49.17
C LEU C 176 14.75 -47.01 -49.27
N THR C 177 15.44 -46.20 -50.06
CA THR C 177 15.08 -44.80 -50.27
C THR C 177 14.22 -44.60 -51.52
N ASP C 178 13.43 -45.61 -51.89
CA ASP C 178 12.57 -45.52 -53.05
C ASP C 178 11.31 -44.75 -52.67
N GLU C 179 10.45 -44.49 -53.66
CA GLU C 179 9.26 -43.69 -53.43
C GLU C 179 8.22 -44.45 -52.60
N GLU C 180 8.04 -45.74 -52.87
CA GLU C 180 7.08 -46.53 -52.13
C GLU C 180 7.59 -46.95 -50.77
N PHE C 181 8.89 -46.86 -50.52
CA PHE C 181 9.46 -47.12 -49.20
C PHE C 181 9.72 -45.83 -48.43
N ARG C 182 8.86 -44.83 -48.64
CA ARG C 182 8.98 -43.52 -48.03
C ARG C 182 7.61 -42.88 -48.09
N GLU C 183 7.27 -42.07 -47.10
CA GLU C 183 5.94 -41.48 -47.02
C GLU C 183 5.77 -40.43 -48.11
N ALA C 184 4.66 -40.51 -48.83
CA ALA C 184 4.43 -39.66 -50.00
C ALA C 184 4.12 -38.22 -49.62
N SER C 185 3.66 -37.97 -48.40
CA SER C 185 3.30 -36.61 -48.01
C SER C 185 4.49 -35.83 -47.47
N THR C 186 5.26 -36.43 -46.56
CA THR C 186 6.35 -35.74 -45.88
C THR C 186 7.73 -36.19 -46.32
N GLY C 187 7.91 -37.48 -46.59
CA GLY C 187 9.22 -38.05 -46.80
C GLY C 187 9.76 -38.81 -45.61
N LYS C 188 8.90 -39.16 -44.66
CA LYS C 188 9.31 -39.90 -43.47
C LYS C 188 9.74 -41.32 -43.85
N THR C 189 10.99 -41.67 -43.54
CA THR C 189 11.55 -42.94 -43.91
C THR C 189 11.43 -43.93 -42.75
N CYS C 190 12.06 -45.11 -42.91
CA CYS C 190 11.98 -46.14 -41.89
C CYS C 190 12.83 -45.79 -40.69
N LEU C 191 14.01 -45.21 -40.91
CA LEU C 191 14.88 -44.84 -39.81
C LEU C 191 14.31 -43.67 -39.01
N THR C 192 13.64 -42.74 -39.70
CA THR C 192 12.96 -41.64 -39.01
C THR C 192 11.79 -42.15 -38.19
N LYS C 193 11.07 -43.15 -38.71
CA LYS C 193 10.01 -43.79 -37.94
C LYS C 193 10.57 -44.59 -36.76
N ALA C 194 11.79 -45.13 -36.91
CA ALA C 194 12.42 -45.89 -35.84
C ALA C 194 12.78 -45.00 -34.66
N LEU C 195 13.11 -43.74 -34.91
CA LEU C 195 13.52 -42.84 -33.85
C LEU C 195 12.35 -42.13 -33.19
N MET C 196 11.19 -42.07 -33.85
CA MET C 196 10.03 -41.47 -33.22
C MET C 196 9.47 -42.38 -32.13
N ASN C 197 9.04 -43.58 -32.51
CA ASN C 197 8.54 -44.56 -31.56
C ASN C 197 9.71 -45.37 -31.02
N LEU C 198 9.93 -45.29 -29.72
CA LEU C 198 11.06 -45.89 -29.05
C LEU C 198 10.59 -46.84 -27.96
N ASN C 199 11.30 -47.94 -27.81
CA ASN C 199 11.02 -48.93 -26.76
C ASN C 199 11.99 -48.65 -25.61
N GLY C 200 11.65 -47.67 -24.79
CA GLY C 200 12.57 -47.21 -23.76
C GLY C 200 13.79 -46.52 -24.31
N GLY C 201 13.66 -45.87 -25.46
CA GLY C 201 14.81 -45.24 -26.10
C GLY C 201 15.71 -46.20 -26.84
N LYS C 202 15.27 -47.43 -27.09
CA LYS C 202 16.09 -48.43 -27.77
C LYS C 202 15.23 -49.19 -28.76
N ASN C 203 15.61 -49.14 -30.03
CA ASN C 203 15.02 -49.98 -31.07
C ASN C 203 16.13 -50.71 -31.79
N ASP C 204 16.03 -52.04 -31.84
CA ASP C 204 17.08 -52.86 -32.43
C ASP C 204 17.07 -52.84 -33.96
N THR C 205 16.03 -52.29 -34.58
CA THR C 205 16.00 -52.15 -36.03
C THR C 205 16.91 -51.05 -36.51
N ILE C 206 17.35 -50.16 -35.62
CA ILE C 206 18.17 -49.02 -36.02
C ILE C 206 19.53 -49.43 -36.58
N PRO C 207 20.29 -50.37 -35.97
CA PRO C 207 21.44 -50.91 -36.72
C PRO C 207 21.02 -51.84 -37.85
N MET C 208 19.80 -52.38 -37.82
CA MET C 208 19.37 -53.28 -38.87
C MET C 208 18.89 -52.55 -40.11
N LEU C 209 18.29 -51.38 -39.95
CA LEU C 209 17.94 -50.57 -41.11
C LEU C 209 19.18 -50.02 -41.80
N ILE C 210 20.25 -49.77 -41.04
CA ILE C 210 21.52 -49.42 -41.66
C ILE C 210 22.17 -50.65 -42.28
N ASP C 211 21.92 -51.84 -41.70
CA ASP C 211 22.46 -53.08 -42.25
C ASP C 211 21.87 -53.39 -43.62
N ILE C 212 20.55 -53.19 -43.78
CA ILE C 212 19.92 -53.45 -45.07
C ILE C 212 20.29 -52.37 -46.07
N ALA C 213 20.44 -51.12 -45.62
CA ALA C 213 20.86 -50.04 -46.50
C ALA C 213 22.32 -50.16 -46.91
N GLU C 214 23.14 -50.86 -46.12
CA GLU C 214 24.55 -51.01 -46.47
C GLU C 214 24.73 -51.92 -47.67
N LYS C 215 23.91 -52.97 -47.78
CA LYS C 215 24.04 -53.90 -48.90
C LYS C 215 23.50 -53.30 -50.18
N THR C 216 22.59 -52.33 -50.09
CA THR C 216 22.12 -51.62 -51.27
C THR C 216 23.05 -50.48 -51.66
N GLY C 217 23.82 -49.96 -50.72
CA GLY C 217 24.77 -48.89 -51.01
C GLY C 217 24.18 -47.51 -50.87
N ASN C 218 23.53 -47.23 -49.74
CA ASN C 218 22.92 -45.93 -49.48
C ASN C 218 23.21 -45.48 -48.07
N LEU C 219 24.46 -45.68 -47.61
CA LEU C 219 24.82 -45.29 -46.26
C LEU C 219 24.85 -43.77 -46.10
N ARG C 220 25.26 -43.06 -47.14
CA ARG C 220 25.21 -41.60 -47.14
C ARG C 220 23.90 -41.06 -47.71
N GLU C 221 22.94 -41.93 -47.98
CA GLU C 221 21.64 -41.52 -48.49
C GLU C 221 20.49 -41.86 -47.55
N PHE C 222 20.47 -43.08 -47.01
CA PHE C 222 19.38 -43.49 -46.12
C PHE C 222 19.47 -42.77 -44.78
N ILE C 223 20.66 -42.36 -44.37
CA ILE C 223 20.79 -41.54 -43.18
C ILE C 223 20.58 -40.06 -43.51
N ASN C 224 21.12 -39.60 -44.63
CA ASN C 224 21.12 -38.18 -44.98
C ASN C 224 19.98 -37.81 -45.90
N SER C 225 18.82 -38.43 -45.73
CA SER C 225 17.64 -38.05 -46.49
C SER C 225 16.77 -37.15 -45.63
N PRO C 226 16.71 -35.86 -45.90
CA PRO C 226 15.88 -34.95 -45.08
C PRO C 226 14.42 -35.07 -45.48
N PHE C 227 13.58 -34.35 -44.75
CA PHE C 227 12.15 -34.35 -45.04
C PHE C 227 11.84 -33.57 -46.32
N ARG C 228 10.92 -34.10 -47.10
CA ARG C 228 10.58 -33.55 -48.40
C ARG C 228 9.46 -32.51 -48.32
N ASP C 229 8.74 -32.45 -47.20
CA ASP C 229 7.59 -31.56 -47.04
C ASP C 229 8.03 -30.10 -46.85
N VAL C 230 7.06 -29.27 -46.52
CA VAL C 230 7.32 -27.84 -46.34
C VAL C 230 7.28 -27.45 -44.88
N TYR C 231 6.33 -27.99 -44.12
CA TYR C 231 6.14 -27.58 -42.73
C TYR C 231 7.24 -28.13 -41.82
N TYR C 232 7.64 -29.38 -42.01
CA TYR C 232 8.75 -29.98 -41.27
C TYR C 232 9.99 -30.10 -42.15
N ARG C 233 10.25 -29.10 -42.98
CA ARG C 233 11.25 -29.21 -44.04
C ARG C 233 12.66 -29.25 -43.48
N GLY C 234 13.47 -30.19 -44.00
CA GLY C 234 14.88 -30.25 -43.68
C GLY C 234 15.23 -31.08 -42.47
N GLN C 235 14.26 -31.56 -41.72
CA GLN C 235 14.55 -32.35 -40.53
C GLN C 235 14.99 -33.76 -40.94
N THR C 236 16.11 -34.20 -40.38
CA THR C 236 16.66 -35.52 -40.68
C THR C 236 16.52 -36.41 -39.45
N ALA C 237 17.06 -37.64 -39.58
CA ALA C 237 17.09 -38.55 -38.45
C ALA C 237 18.08 -38.11 -37.40
N LEU C 238 19.10 -37.34 -37.80
CA LEU C 238 20.06 -36.80 -36.84
C LEU C 238 19.40 -35.80 -35.91
N HIS C 239 18.44 -35.02 -36.43
CA HIS C 239 17.72 -34.07 -35.59
C HIS C 239 16.81 -34.77 -34.59
N ILE C 240 16.31 -35.96 -34.94
CA ILE C 240 15.36 -36.63 -34.06
C ILE C 240 16.09 -37.37 -32.94
N ALA C 241 17.25 -37.95 -33.24
CA ALA C 241 18.00 -38.69 -32.24
C ALA C 241 18.60 -37.76 -31.20
N ILE C 242 19.02 -36.57 -31.61
CA ILE C 242 19.44 -35.54 -30.65
C ILE C 242 18.26 -35.08 -29.83
N GLU C 243 17.06 -35.03 -30.43
CA GLU C 243 15.87 -34.53 -29.76
C GLU C 243 15.43 -35.43 -28.63
N ARG C 244 15.40 -36.74 -28.86
CA ARG C 244 14.94 -37.68 -27.85
C ARG C 244 16.09 -38.26 -27.03
N ARG C 245 17.28 -37.66 -27.12
CA ARG C 245 18.42 -37.91 -26.23
C ARG C 245 18.92 -39.35 -26.31
N CYS C 246 19.00 -39.88 -27.54
CA CYS C 246 19.53 -41.22 -27.75
C CYS C 246 21.02 -41.09 -28.04
N LYS C 247 21.80 -40.94 -26.96
CA LYS C 247 23.24 -40.72 -27.06
C LYS C 247 23.96 -41.93 -27.67
N HIS C 248 23.44 -43.14 -27.42
CA HIS C 248 23.99 -44.33 -28.06
C HIS C 248 23.72 -44.34 -29.55
N TYR C 249 22.62 -43.72 -29.99
CA TYR C 249 22.25 -43.76 -31.40
C TYR C 249 22.73 -42.54 -32.18
N VAL C 250 23.12 -41.46 -31.49
CA VAL C 250 23.79 -40.34 -32.17
C VAL C 250 25.16 -40.79 -32.66
N GLU C 251 25.85 -41.61 -31.87
CA GLU C 251 27.16 -42.12 -32.26
C GLU C 251 27.06 -43.09 -33.44
N LEU C 252 25.93 -43.78 -33.58
CA LEU C 252 25.77 -44.75 -34.65
C LEU C 252 25.59 -44.08 -36.00
N LEU C 253 25.00 -42.88 -36.03
CA LEU C 253 24.67 -42.24 -37.30
C LEU C 253 25.92 -41.69 -37.98
N VAL C 254 26.80 -41.04 -37.21
CA VAL C 254 27.95 -40.36 -37.81
C VAL C 254 29.01 -41.35 -38.23
N GLU C 255 29.18 -42.44 -37.46
CA GLU C 255 30.16 -43.47 -37.81
C GLU C 255 29.79 -44.21 -39.08
N LYS C 256 28.50 -44.36 -39.35
CA LYS C 256 28.07 -44.91 -40.63
C LYS C 256 27.99 -43.85 -41.72
N GLY C 257 28.18 -42.58 -41.37
CA GLY C 257 28.11 -41.51 -42.34
C GLY C 257 26.85 -40.68 -42.19
N ALA C 258 26.98 -39.50 -41.60
CA ALA C 258 25.85 -38.60 -41.41
C ALA C 258 26.29 -37.17 -41.68
N ASP C 259 25.40 -36.42 -42.32
CA ASP C 259 25.67 -35.01 -42.60
C ASP C 259 25.45 -34.20 -41.32
N VAL C 260 26.53 -33.62 -40.81
CA VAL C 260 26.43 -32.80 -39.60
C VAL C 260 25.74 -31.48 -39.91
N HIS C 261 25.94 -30.95 -41.11
CA HIS C 261 25.46 -29.61 -41.45
C HIS C 261 24.09 -29.62 -42.12
N ALA C 262 23.22 -30.57 -41.76
CA ALA C 262 21.86 -30.55 -42.28
C ALA C 262 21.07 -29.43 -41.61
N GLN C 263 20.24 -28.74 -42.40
CA GLN C 263 19.48 -27.60 -41.92
C GLN C 263 17.99 -27.94 -41.91
N ALA C 264 17.38 -27.90 -40.72
CA ALA C 264 15.94 -28.10 -40.58
C ALA C 264 15.28 -26.73 -40.71
N ARG C 265 15.09 -26.32 -41.97
CA ARG C 265 14.62 -24.98 -42.29
C ARG C 265 13.12 -24.92 -42.54
N GLY C 266 12.37 -25.80 -41.88
CA GLY C 266 10.93 -25.83 -42.07
C GLY C 266 10.21 -24.67 -41.41
N ARG C 267 8.94 -24.54 -41.77
CA ARG C 267 8.06 -23.53 -41.19
C ARG C 267 7.81 -23.76 -39.71
N PHE C 268 7.80 -25.02 -39.28
CA PHE C 268 7.67 -25.32 -37.86
C PHE C 268 8.90 -24.91 -37.07
N PHE C 269 10.08 -24.95 -37.69
CA PHE C 269 11.32 -24.61 -37.00
C PHE C 269 11.67 -23.13 -37.12
N GLN C 270 10.67 -22.28 -37.33
CA GLN C 270 10.79 -20.84 -37.35
C GLN C 270 10.50 -20.28 -35.97
N PRO C 271 10.89 -19.03 -35.67
CA PRO C 271 10.45 -18.41 -34.42
C PRO C 271 8.96 -18.07 -34.46
N LYS C 272 8.47 -17.67 -33.29
CA LYS C 272 7.03 -17.47 -33.09
C LYS C 272 6.47 -16.30 -33.88
N ASP C 273 7.31 -15.32 -34.22
CA ASP C 273 6.84 -14.23 -35.07
C ASP C 273 6.67 -14.68 -36.50
N GLU C 274 7.40 -15.71 -36.92
CA GLU C 274 7.33 -16.21 -38.29
C GLU C 274 6.29 -17.31 -38.46
N GLY C 275 5.75 -17.85 -37.37
CA GLY C 275 4.72 -18.87 -37.44
C GLY C 275 5.10 -20.22 -36.85
N GLY C 276 6.38 -20.45 -36.54
CA GLY C 276 6.81 -21.69 -35.95
C GLY C 276 6.64 -21.70 -34.44
N TYR C 277 6.92 -22.87 -33.84
CA TYR C 277 6.77 -23.05 -32.41
C TYR C 277 8.09 -23.14 -31.66
N PHE C 278 9.19 -23.43 -32.35
CA PHE C 278 10.47 -23.59 -31.70
C PHE C 278 11.56 -23.22 -32.69
N TYR C 279 12.58 -22.51 -32.21
CA TYR C 279 13.71 -22.10 -33.04
C TYR C 279 15.01 -22.50 -32.36
N PHE C 280 15.94 -23.06 -33.14
CA PHE C 280 17.26 -23.39 -32.63
C PHE C 280 18.37 -23.09 -33.63
N GLY C 281 18.08 -22.34 -34.68
CA GLY C 281 19.12 -22.00 -35.63
C GLY C 281 19.47 -23.08 -36.62
N GLU C 282 18.61 -24.08 -36.78
CA GLU C 282 18.64 -25.08 -37.86
C GLU C 282 19.89 -25.96 -37.84
N LEU C 283 20.60 -26.04 -36.71
CA LEU C 283 21.83 -26.81 -36.71
C LEU C 283 21.81 -27.86 -35.60
N PRO C 284 22.29 -29.07 -35.89
CA PRO C 284 22.33 -30.11 -34.86
C PRO C 284 23.29 -29.81 -33.72
N LEU C 285 24.38 -29.09 -34.01
CA LEU C 285 25.25 -28.64 -32.93
C LEU C 285 24.54 -27.62 -32.05
N SER C 286 23.76 -26.74 -32.65
CA SER C 286 22.99 -25.80 -31.87
C SER C 286 21.79 -26.47 -31.22
N LEU C 287 21.29 -27.55 -31.83
CA LEU C 287 20.16 -28.27 -31.26
C LEU C 287 20.54 -28.97 -29.95
N ALA C 288 21.76 -29.50 -29.89
CA ALA C 288 22.22 -30.17 -28.68
C ALA C 288 22.44 -29.18 -27.55
N ALA C 289 22.78 -27.94 -27.87
CA ALA C 289 22.85 -26.91 -26.83
C ALA C 289 21.47 -26.49 -26.36
N CYS C 290 20.46 -26.62 -27.22
CA CYS C 290 19.11 -26.24 -26.84
C CYS C 290 18.37 -27.32 -26.07
N THR C 291 18.84 -28.56 -26.11
CA THR C 291 18.23 -29.65 -25.36
C THR C 291 18.79 -29.79 -23.96
N ASN C 292 19.62 -28.83 -23.51
CA ASN C 292 20.34 -28.86 -22.23
C ASN C 292 21.16 -30.15 -22.12
N GLN C 293 21.90 -30.44 -23.19
CA GLN C 293 22.65 -31.69 -23.28
C GLN C 293 24.04 -31.40 -23.82
N PRO C 294 25.02 -31.21 -22.95
CA PRO C 294 26.40 -31.04 -23.41
C PRO C 294 27.07 -32.33 -23.84
N ASP C 295 26.43 -33.48 -23.64
CA ASP C 295 27.08 -34.76 -23.93
C ASP C 295 27.20 -35.00 -25.43
N ILE C 296 26.19 -34.57 -26.20
CA ILE C 296 26.33 -34.59 -27.65
C ILE C 296 27.33 -33.52 -28.10
N VAL C 297 27.41 -32.42 -27.36
CA VAL C 297 28.36 -31.35 -27.67
C VAL C 297 29.79 -31.84 -27.45
N HIS C 298 30.01 -32.73 -26.48
CA HIS C 298 31.30 -33.41 -26.39
C HIS C 298 31.54 -34.33 -27.58
N TYR C 299 30.48 -34.93 -28.13
CA TYR C 299 30.68 -35.89 -29.20
C TYR C 299 30.79 -35.24 -30.57
N LEU C 300 30.11 -34.12 -30.79
CA LEU C 300 30.12 -33.52 -32.12
C LEU C 300 31.41 -32.75 -32.39
N THR C 301 32.02 -32.18 -31.36
CA THR C 301 33.18 -31.32 -31.60
C THR C 301 34.45 -32.12 -31.81
N GLU C 302 34.63 -33.20 -31.08
CA GLU C 302 35.76 -34.10 -31.29
C GLU C 302 35.24 -35.43 -31.84
N ASN C 303 35.78 -35.84 -32.98
CA ASN C 303 35.27 -37.01 -33.70
C ASN C 303 36.34 -37.45 -34.69
N ALA C 304 36.58 -38.76 -34.74
CA ALA C 304 37.55 -39.31 -35.69
C ALA C 304 37.02 -39.34 -37.12
N HIS C 305 35.71 -39.22 -37.31
CA HIS C 305 35.13 -39.25 -38.65
C HIS C 305 35.01 -37.85 -39.25
N LYS C 306 34.24 -36.98 -38.59
CA LYS C 306 34.08 -35.61 -39.05
C LYS C 306 33.61 -34.76 -37.86
N LYS C 307 34.22 -33.60 -37.68
CA LYS C 307 33.89 -32.71 -36.58
C LYS C 307 32.71 -31.81 -36.94
N ALA C 308 32.31 -31.00 -35.98
CA ALA C 308 31.21 -30.06 -36.16
C ALA C 308 31.75 -28.64 -36.06
N ASP C 309 31.54 -27.85 -37.12
CA ASP C 309 32.01 -26.48 -37.14
C ASP C 309 31.13 -25.62 -36.24
N ILE C 310 31.74 -24.99 -35.25
CA ILE C 310 30.99 -24.14 -34.33
C ILE C 310 30.65 -22.81 -35.01
N ARG C 311 31.48 -22.36 -35.94
CA ARG C 311 31.31 -21.07 -36.59
C ARG C 311 30.21 -21.06 -37.66
N ARG C 312 29.54 -22.19 -37.90
CA ARG C 312 28.58 -22.28 -38.99
C ARG C 312 27.31 -21.51 -38.66
N GLN C 313 26.83 -20.71 -39.63
CA GLN C 313 25.61 -19.96 -39.50
C GLN C 313 24.43 -20.76 -40.05
N ASP C 314 23.30 -20.08 -40.20
CA ASP C 314 22.11 -20.67 -40.80
C ASP C 314 21.61 -19.75 -41.93
N SER C 315 20.38 -20.01 -42.39
CA SER C 315 19.75 -19.14 -43.36
C SER C 315 19.45 -17.77 -42.78
N ARG C 316 19.25 -17.69 -41.47
CA ARG C 316 19.12 -16.41 -40.78
C ARG C 316 20.46 -15.83 -40.35
N GLY C 317 21.57 -16.47 -40.68
CA GLY C 317 22.87 -15.96 -40.34
C GLY C 317 23.21 -16.01 -38.87
N ASN C 318 22.58 -16.91 -38.11
CA ASN C 318 22.78 -17.02 -36.68
C ASN C 318 23.68 -18.19 -36.35
N THR C 319 24.59 -18.00 -35.40
CA THR C 319 25.50 -19.05 -34.97
C THR C 319 24.88 -19.81 -33.81
N VAL C 320 25.70 -20.62 -33.13
CA VAL C 320 25.23 -21.44 -32.03
C VAL C 320 24.87 -20.59 -30.81
N LEU C 321 25.50 -19.42 -30.66
CA LEU C 321 25.21 -18.60 -29.50
C LEU C 321 23.89 -17.86 -29.63
N HIS C 322 23.52 -17.49 -30.85
CA HIS C 322 22.29 -16.72 -31.06
C HIS C 322 21.06 -17.57 -30.79
N ALA C 323 21.15 -18.88 -31.03
CA ALA C 323 20.05 -19.77 -30.68
C ALA C 323 19.87 -19.89 -29.18
N LEU C 324 20.98 -19.79 -28.44
CA LEU C 324 20.89 -19.81 -26.97
C LEU C 324 20.21 -18.55 -26.45
N VAL C 325 20.39 -17.42 -27.16
CA VAL C 325 19.70 -16.19 -26.79
C VAL C 325 18.22 -16.29 -27.13
N ALA C 326 17.90 -16.97 -28.25
CA ALA C 326 16.51 -17.08 -28.68
C ALA C 326 15.71 -18.01 -27.79
N ILE C 327 16.33 -19.09 -27.28
CA ILE C 327 15.64 -19.98 -26.36
C ILE C 327 15.73 -19.51 -24.92
N ALA C 328 16.43 -18.41 -24.67
CA ALA C 328 16.61 -17.93 -23.30
C ALA C 328 15.29 -17.38 -22.76
N ASP C 329 14.95 -17.77 -21.55
CA ASP C 329 13.81 -17.23 -20.84
C ASP C 329 14.29 -16.79 -19.46
N ASN C 330 13.56 -15.87 -18.84
CA ASN C 330 13.96 -15.27 -17.59
C ASN C 330 13.49 -16.06 -16.38
N THR C 331 13.25 -17.36 -16.53
CA THR C 331 12.87 -18.23 -15.43
C THR C 331 14.09 -18.62 -14.61
N ARG C 332 13.85 -19.41 -13.56
CA ARG C 332 14.95 -19.82 -12.70
C ARG C 332 15.82 -20.88 -13.37
N GLU C 333 15.18 -21.88 -14.00
CA GLU C 333 15.92 -23.00 -14.57
C GLU C 333 16.63 -22.60 -15.86
N ASN C 334 15.98 -21.82 -16.71
CA ASN C 334 16.53 -21.56 -18.03
C ASN C 334 17.69 -20.56 -17.97
N THR C 335 17.75 -19.71 -16.95
CA THR C 335 18.93 -18.87 -16.81
C THR C 335 20.12 -19.61 -16.23
N LYS C 336 19.94 -20.86 -15.78
CA LYS C 336 21.05 -21.59 -15.19
C LYS C 336 21.94 -22.23 -16.26
N PHE C 337 21.38 -23.13 -17.06
CA PHE C 337 22.22 -23.97 -17.91
C PHE C 337 22.71 -23.25 -19.15
N VAL C 338 22.03 -22.19 -19.59
CA VAL C 338 22.47 -21.45 -20.76
C VAL C 338 23.79 -20.74 -20.46
N THR C 339 23.97 -20.28 -19.22
CA THR C 339 25.25 -19.73 -18.81
C THR C 339 26.33 -20.79 -18.72
N LYS C 340 25.95 -22.05 -18.50
CA LYS C 340 26.93 -23.13 -18.48
C LYS C 340 27.38 -23.48 -19.90
N VAL C 341 26.45 -23.46 -20.85
CA VAL C 341 26.80 -23.79 -22.23
C VAL C 341 27.57 -22.66 -22.88
N TYR C 342 27.21 -21.41 -22.54
CA TYR C 342 27.87 -20.24 -23.12
C TYR C 342 29.33 -20.16 -22.72
N ASP C 343 29.65 -20.58 -21.49
CA ASP C 343 31.05 -20.67 -21.09
C ASP C 343 31.74 -21.87 -21.74
N LEU C 344 30.99 -22.94 -21.98
CA LEU C 344 31.59 -24.17 -22.50
C LEU C 344 31.99 -24.03 -23.97
N LEU C 345 31.17 -23.33 -24.75
CA LEU C 345 31.42 -23.27 -26.19
C LEU C 345 32.56 -22.33 -26.54
N VAL C 346 32.69 -21.22 -25.82
CA VAL C 346 33.67 -20.20 -26.19
C VAL C 346 35.07 -20.67 -25.85
N ILE C 347 35.25 -21.31 -24.69
CA ILE C 347 36.54 -21.88 -24.31
C ILE C 347 36.93 -23.00 -25.28
N LYS C 348 35.95 -23.81 -25.70
CA LYS C 348 36.21 -24.82 -26.70
C LYS C 348 36.49 -24.20 -28.07
N CYS C 349 35.93 -23.02 -28.34
CA CYS C 349 36.22 -22.35 -29.60
C CYS C 349 37.63 -21.76 -29.60
N VAL C 350 38.11 -21.30 -28.46
CA VAL C 350 39.46 -20.75 -28.38
C VAL C 350 40.49 -21.87 -28.42
N LYS C 351 40.21 -22.98 -27.74
CA LYS C 351 41.15 -24.10 -27.68
C LYS C 351 41.31 -24.77 -29.05
N LEU C 352 40.23 -24.82 -29.83
CA LEU C 352 40.34 -25.35 -31.18
C LEU C 352 40.82 -24.28 -32.17
N TYR C 353 40.48 -23.03 -31.92
CA TYR C 353 40.81 -21.93 -32.85
C TYR C 353 41.23 -20.71 -32.04
N PRO C 354 42.53 -20.51 -31.82
CA PRO C 354 42.97 -19.36 -31.02
C PRO C 354 42.95 -18.04 -31.76
N ASP C 355 42.72 -18.05 -33.09
CA ASP C 355 42.80 -16.82 -33.86
C ASP C 355 41.57 -15.94 -33.69
N SER C 356 40.38 -16.52 -33.71
CA SER C 356 39.13 -15.77 -33.68
C SER C 356 38.30 -16.16 -32.47
N SER C 357 37.41 -15.25 -32.08
CA SER C 357 36.45 -15.50 -31.02
C SER C 357 35.07 -15.76 -31.63
N LEU C 358 34.27 -16.54 -30.92
CA LEU C 358 32.93 -16.87 -31.40
C LEU C 358 31.98 -15.68 -31.27
N GLU C 359 32.28 -14.74 -30.36
CA GLU C 359 31.47 -13.54 -30.22
C GLU C 359 31.67 -12.57 -31.38
N ALA C 360 32.76 -12.70 -32.12
CA ALA C 360 33.08 -11.74 -33.17
C ALA C 360 32.18 -11.89 -34.39
N ILE C 361 31.64 -13.07 -34.61
CA ILE C 361 30.83 -13.33 -35.80
C ILE C 361 29.45 -12.72 -35.62
N PHE C 362 29.05 -11.89 -36.57
CA PHE C 362 27.78 -11.19 -36.51
C PHE C 362 26.73 -11.92 -37.34
N ASN C 363 25.58 -11.29 -37.50
CA ASN C 363 24.42 -11.86 -38.18
C ASN C 363 24.23 -11.17 -39.52
N ASN C 364 23.10 -11.47 -40.17
CA ASN C 364 22.71 -10.70 -41.35
C ASN C 364 22.32 -9.27 -40.99
N ASP C 365 21.94 -9.02 -39.74
CA ASP C 365 21.67 -7.67 -39.26
C ASP C 365 22.86 -7.09 -38.50
N SER C 366 24.01 -7.76 -38.56
CA SER C 366 25.27 -7.37 -37.89
C SER C 366 25.07 -7.23 -36.39
N MET C 367 24.65 -8.32 -35.76
CA MET C 367 24.30 -8.35 -34.35
C MET C 367 25.13 -9.41 -33.65
N SER C 368 25.81 -9.02 -32.57
CA SER C 368 26.52 -9.96 -31.72
C SER C 368 25.51 -10.64 -30.81
N PRO C 369 25.89 -11.72 -30.10
CA PRO C 369 24.97 -12.26 -29.09
C PRO C 369 24.68 -11.30 -27.95
N LEU C 370 25.58 -10.36 -27.65
CA LEU C 370 25.24 -9.29 -26.71
C LEU C 370 24.29 -8.29 -27.35
N MET C 371 24.43 -8.04 -28.65
CA MET C 371 23.53 -7.13 -29.34
C MET C 371 22.14 -7.74 -29.52
N MET C 372 22.06 -9.07 -29.61
CA MET C 372 20.77 -9.72 -29.83
C MET C 372 19.92 -9.76 -28.55
N ALA C 373 20.56 -9.90 -27.39
CA ALA C 373 19.84 -10.01 -26.13
C ALA C 373 19.11 -8.73 -25.75
N ALA C 374 19.53 -7.59 -26.28
CA ALA C 374 18.79 -6.35 -26.07
C ALA C 374 17.55 -6.28 -26.95
N LYS C 375 17.56 -6.94 -28.11
CA LYS C 375 16.40 -6.91 -29.00
C LYS C 375 15.25 -7.71 -28.43
N LEU C 376 15.48 -8.98 -28.13
CA LEU C 376 14.44 -9.84 -27.58
C LEU C 376 14.18 -9.57 -26.10
N GLY C 377 15.02 -8.78 -25.44
CA GLY C 377 14.80 -8.41 -24.07
C GLY C 377 15.00 -9.54 -23.09
N LYS C 378 16.16 -10.20 -23.16
CA LYS C 378 16.46 -11.33 -22.29
C LYS C 378 17.54 -10.91 -21.31
N ILE C 379 17.27 -11.13 -20.02
CA ILE C 379 18.06 -10.56 -18.95
C ILE C 379 19.18 -11.49 -18.50
N GLY C 380 18.88 -12.79 -18.37
CA GLY C 380 19.85 -13.72 -17.80
C GLY C 380 21.05 -13.95 -18.69
N ILE C 381 20.85 -14.02 -20.00
CA ILE C 381 21.99 -14.11 -20.90
C ILE C 381 22.68 -12.75 -21.03
N PHE C 382 21.97 -11.66 -20.72
CA PHE C 382 22.60 -10.34 -20.80
C PHE C 382 23.53 -10.12 -19.62
N GLN C 383 23.10 -10.49 -18.42
CA GLN C 383 23.89 -10.26 -17.22
C GLN C 383 25.06 -11.23 -17.08
N HIS C 384 25.11 -12.28 -17.89
CA HIS C 384 26.24 -13.20 -17.87
C HIS C 384 27.33 -12.80 -18.84
N ILE C 385 26.97 -12.24 -20.00
CA ILE C 385 27.97 -11.76 -20.95
C ILE C 385 28.67 -10.53 -20.38
N ILE C 386 27.95 -9.69 -19.64
CA ILE C 386 28.57 -8.54 -19.00
C ILE C 386 29.47 -9.00 -17.85
N ARG C 387 28.99 -9.92 -17.01
CA ARG C 387 29.83 -10.47 -15.94
C ARG C 387 30.49 -11.74 -16.47
N LEU C 388 31.49 -11.54 -17.32
CA LEU C 388 32.22 -12.64 -17.96
C LEU C 388 33.67 -12.59 -17.51
N GLU C 389 34.04 -13.48 -16.59
CA GLU C 389 35.41 -13.60 -16.13
C GLU C 389 35.81 -15.06 -16.20
N ILE C 390 36.60 -15.42 -17.21
CA ILE C 390 36.94 -16.81 -17.52
C ILE C 390 38.28 -17.13 -16.86
N LYS C 391 38.29 -18.19 -16.04
CA LYS C 391 39.48 -18.61 -15.32
C LYS C 391 40.34 -19.57 -16.13
N ASP C 392 40.02 -19.78 -17.40
CA ASP C 392 40.88 -20.52 -18.30
C ASP C 392 41.83 -19.53 -18.95
N GLU C 393 43.13 -19.66 -18.66
CA GLU C 393 44.12 -18.66 -19.04
C GLU C 393 44.40 -18.65 -20.55
N GLU C 394 44.07 -19.72 -21.26
CA GLU C 394 44.18 -19.70 -22.71
C GLU C 394 43.09 -18.85 -23.36
N ALA C 395 41.93 -18.74 -22.71
CA ALA C 395 40.82 -17.92 -23.19
C ALA C 395 40.65 -16.66 -22.34
N ARG C 396 41.74 -16.12 -21.80
CA ARG C 396 41.67 -14.94 -20.94
C ARG C 396 41.38 -13.67 -21.73
N HIS C 397 41.87 -13.56 -22.97
CA HIS C 397 41.91 -12.30 -23.69
C HIS C 397 40.54 -11.82 -24.19
N LEU C 398 39.46 -12.55 -23.91
CA LEU C 398 38.13 -12.09 -24.25
C LEU C 398 37.23 -11.96 -23.03
N SER C 399 37.79 -12.06 -21.83
CA SER C 399 37.00 -11.90 -20.62
C SER C 399 36.56 -10.44 -20.47
N ARG C 400 35.38 -10.24 -19.90
CA ARG C 400 34.79 -8.91 -19.81
C ARG C 400 35.04 -8.25 -18.46
N LYS C 401 34.92 -9.00 -17.37
CA LYS C 401 35.13 -8.46 -16.04
C LYS C 401 36.57 -8.74 -15.60
N PHE C 402 37.19 -7.75 -14.96
CA PHE C 402 38.56 -7.86 -14.52
C PHE C 402 38.68 -7.47 -13.05
N ARG C 403 39.85 -7.73 -12.48
CA ARG C 403 40.18 -7.40 -11.11
C ARG C 403 41.49 -6.63 -11.10
N ASP C 404 41.41 -5.32 -10.87
CA ASP C 404 42.59 -4.47 -10.97
C ASP C 404 43.46 -4.59 -9.73
N TRP C 405 42.93 -4.22 -8.57
CA TRP C 405 43.67 -4.27 -7.33
C TRP C 405 42.69 -4.43 -6.18
N ALA C 406 43.16 -5.07 -5.11
CA ALA C 406 42.34 -5.32 -3.93
C ALA C 406 43.16 -4.94 -2.70
N TYR C 407 42.91 -3.75 -2.17
CA TYR C 407 43.54 -3.31 -0.93
C TYR C 407 42.56 -3.59 0.20
N GLY C 408 42.45 -4.86 0.55
CA GLY C 408 41.61 -5.30 1.65
C GLY C 408 40.12 -5.16 1.36
N PRO C 409 39.47 -4.22 2.05
CA PRO C 409 38.02 -4.08 1.88
C PRO C 409 37.60 -3.51 0.54
N VAL C 410 38.49 -2.86 -0.20
CA VAL C 410 38.15 -2.20 -1.45
C VAL C 410 38.58 -3.08 -2.61
N TYR C 411 37.63 -3.48 -3.44
CA TYR C 411 37.90 -4.19 -4.68
C TYR C 411 37.77 -3.22 -5.85
N SER C 412 38.61 -3.41 -6.86
CA SER C 412 38.63 -2.54 -8.03
C SER C 412 38.30 -3.38 -9.26
N SER C 413 37.02 -3.50 -9.56
CA SER C 413 36.61 -4.21 -10.75
C SER C 413 36.82 -3.35 -11.99
N LEU C 414 36.65 -3.97 -13.16
CA LEU C 414 36.96 -3.30 -14.41
C LEU C 414 36.08 -3.89 -15.51
N TYR C 415 35.20 -3.07 -16.07
CA TYR C 415 34.31 -3.48 -17.14
C TYR C 415 34.73 -2.80 -18.44
N ASP C 416 34.62 -3.53 -19.55
CA ASP C 416 35.01 -3.02 -20.85
C ASP C 416 33.84 -2.32 -21.51
N LEU C 417 34.15 -1.22 -22.21
CA LEU C 417 33.18 -0.46 -22.99
C LEU C 417 33.34 -0.72 -24.48
N SER C 418 33.62 -1.96 -24.87
CA SER C 418 33.95 -2.26 -26.26
C SER C 418 32.73 -2.13 -27.17
N MET C 419 31.55 -2.43 -26.65
CA MET C 419 30.32 -2.28 -27.43
C MET C 419 29.29 -1.41 -26.75
N LEU C 420 29.54 -0.97 -25.51
CA LEU C 420 28.54 -0.21 -24.77
C LEU C 420 28.48 1.24 -25.26
N ASP C 421 29.64 1.85 -25.53
CA ASP C 421 29.70 3.20 -26.08
C ASP C 421 30.54 3.15 -27.35
N THR C 422 29.88 2.85 -28.47
CA THR C 422 30.56 2.84 -29.76
C THR C 422 30.84 4.26 -30.20
N CYS C 423 32.12 4.65 -30.20
CA CYS C 423 32.48 6.00 -30.58
C CYS C 423 32.36 6.20 -32.09
N GLY C 424 33.12 5.44 -32.87
CA GLY C 424 33.09 5.56 -34.31
C GLY C 424 32.66 4.30 -35.01
N GLU C 425 31.66 3.62 -34.47
CA GLU C 425 31.16 2.36 -35.03
C GLU C 425 29.72 2.55 -35.48
N GLU C 426 29.09 1.44 -35.88
CA GLU C 426 27.76 1.51 -36.49
C GLU C 426 26.68 1.78 -35.46
N VAL C 427 26.53 0.88 -34.49
CA VAL C 427 25.43 0.95 -33.53
C VAL C 427 25.88 0.29 -32.24
N SER C 428 25.37 0.76 -31.12
CA SER C 428 25.82 0.38 -29.80
C SER C 428 24.81 -0.53 -29.10
N VAL C 429 25.24 -1.07 -27.96
CA VAL C 429 24.33 -1.81 -27.08
C VAL C 429 23.31 -0.86 -26.49
N LEU C 430 23.79 0.25 -25.93
CA LEU C 430 22.95 1.18 -25.18
C LEU C 430 21.94 1.89 -26.08
N GLU C 431 22.28 2.06 -27.36
CA GLU C 431 21.36 2.68 -28.29
C GLU C 431 20.15 1.79 -28.56
N ILE C 432 20.38 0.49 -28.72
CA ILE C 432 19.28 -0.44 -28.94
C ILE C 432 18.51 -0.70 -27.65
N LEU C 433 19.13 -0.49 -26.49
CA LEU C 433 18.39 -0.55 -25.22
C LEU C 433 17.33 0.54 -25.13
N VAL C 434 17.52 1.65 -25.81
CA VAL C 434 16.63 2.80 -25.72
C VAL C 434 15.81 2.99 -26.99
N TYR C 435 16.49 3.04 -28.15
CA TYR C 435 15.82 3.44 -29.38
C TYR C 435 15.06 2.32 -30.07
N ASN C 436 15.37 1.06 -29.79
CA ASN C 436 14.82 -0.04 -30.58
C ASN C 436 14.07 -1.08 -29.75
N SER C 437 14.50 -1.35 -28.53
CA SER C 437 13.88 -2.40 -27.73
C SER C 437 12.51 -1.94 -27.22
N LYS C 438 11.47 -2.70 -27.56
CA LYS C 438 10.13 -2.45 -27.08
C LYS C 438 9.68 -3.49 -26.07
N VAL C 439 10.62 -4.17 -25.44
CA VAL C 439 10.33 -5.19 -24.44
C VAL C 439 10.07 -4.51 -23.11
N GLU C 440 9.15 -5.07 -22.32
CA GLU C 440 8.83 -4.51 -21.00
C GLU C 440 10.01 -4.59 -20.04
N ASN C 441 10.92 -5.56 -20.23
CA ASN C 441 12.03 -5.79 -19.33
C ASN C 441 13.18 -4.81 -19.49
N ARG C 442 13.00 -3.74 -20.28
CA ARG C 442 14.05 -2.75 -20.48
C ARG C 442 14.31 -1.91 -19.23
N HIS C 443 13.34 -1.82 -18.32
CA HIS C 443 13.57 -1.11 -17.08
C HIS C 443 14.50 -1.90 -16.16
N GLU C 444 14.31 -3.22 -16.11
CA GLU C 444 15.23 -4.07 -15.36
C GLU C 444 16.57 -4.20 -16.06
N MET C 445 16.57 -4.16 -17.40
CA MET C 445 17.81 -4.39 -18.14
C MET C 445 18.73 -3.17 -18.07
N LEU C 446 18.17 -1.99 -17.87
CA LEU C 446 19.01 -0.83 -17.58
C LEU C 446 19.55 -0.84 -16.15
N ALA C 447 19.02 -1.68 -15.27
CA ALA C 447 19.46 -1.76 -13.90
C ALA C 447 20.57 -2.78 -13.69
N VAL C 448 21.32 -3.11 -14.74
CA VAL C 448 22.50 -3.95 -14.64
C VAL C 448 23.66 -3.09 -14.12
N GLU C 449 24.79 -3.74 -13.79
CA GLU C 449 25.84 -3.05 -13.03
C GLU C 449 26.53 -1.92 -13.78
N PRO C 450 27.13 -2.12 -15.00
CA PRO C 450 27.94 -1.02 -15.55
C PRO C 450 27.11 0.12 -16.11
N ILE C 451 25.91 -0.17 -16.61
CA ILE C 451 25.11 0.84 -17.30
C ILE C 451 24.50 1.82 -16.29
N ASN C 452 24.30 1.39 -15.04
CA ASN C 452 23.88 2.31 -13.99
C ASN C 452 24.95 3.34 -13.69
N GLU C 453 26.22 2.99 -13.90
CA GLU C 453 27.31 3.94 -13.73
C GLU C 453 27.79 4.54 -15.05
N LEU C 454 27.52 3.88 -16.18
CA LEU C 454 27.90 4.45 -17.46
C LEU C 454 27.03 5.63 -17.82
N LEU C 455 25.74 5.57 -17.44
CA LEU C 455 24.86 6.69 -17.70
C LEU C 455 25.15 7.87 -16.77
N ARG C 456 25.73 7.59 -15.60
CA ARG C 456 26.15 8.66 -14.70
C ARG C 456 27.47 9.29 -15.13
N ASP C 457 28.21 8.64 -16.03
CA ASP C 457 29.45 9.24 -16.54
C ASP C 457 29.14 10.44 -17.41
N LYS C 458 28.39 10.22 -18.49
CA LYS C 458 28.09 11.27 -19.44
C LYS C 458 27.04 12.25 -18.92
N TRP C 459 26.30 11.90 -17.87
CA TRP C 459 25.40 12.88 -17.27
C TRP C 459 26.18 13.94 -16.50
N GLN C 460 27.28 13.55 -15.86
CA GLN C 460 28.12 14.50 -15.14
C GLN C 460 28.97 15.36 -16.05
N LYS C 461 29.06 15.02 -17.34
CA LYS C 461 29.83 15.81 -18.28
C LYS C 461 28.97 16.54 -19.31
N PHE C 462 27.84 15.99 -19.69
CA PHE C 462 26.98 16.59 -20.70
C PHE C 462 25.65 17.07 -20.12
N GLY C 463 25.47 17.02 -18.81
CA GLY C 463 24.24 17.45 -18.21
C GLY C 463 24.17 18.94 -18.00
N ALA C 464 25.11 19.48 -17.22
CA ALA C 464 25.08 20.89 -16.90
C ALA C 464 25.48 21.76 -18.09
N VAL C 465 26.24 21.20 -19.02
CA VAL C 465 26.64 21.96 -20.20
C VAL C 465 25.45 22.13 -21.14
N SER C 466 24.72 21.06 -21.41
CA SER C 466 23.59 21.13 -22.32
C SER C 466 22.41 21.87 -21.71
N PHE C 467 22.31 21.90 -20.38
CA PHE C 467 21.23 22.64 -19.74
C PHE C 467 21.47 24.14 -19.81
N TYR C 468 22.71 24.58 -19.64
CA TYR C 468 23.01 26.01 -19.63
C TYR C 468 22.86 26.63 -21.00
N ILE C 469 23.09 25.84 -22.07
CA ILE C 469 22.84 26.34 -23.41
C ILE C 469 21.34 26.53 -23.64
N SER C 470 20.53 25.64 -23.07
CA SER C 470 19.08 25.74 -23.23
C SER C 470 18.52 26.96 -22.50
N VAL C 471 19.18 27.40 -21.43
CA VAL C 471 18.74 28.62 -20.76
C VAL C 471 19.09 29.84 -21.59
N VAL C 472 20.31 29.85 -22.17
CA VAL C 472 20.76 31.00 -22.95
C VAL C 472 20.00 31.09 -24.27
N SER C 473 19.78 29.95 -24.93
CA SER C 473 19.09 29.94 -26.22
C SER C 473 17.62 30.31 -26.11
N TYR C 474 17.03 30.22 -24.91
CA TYR C 474 15.72 30.80 -24.69
C TYR C 474 15.80 32.30 -24.48
N LEU C 475 16.88 32.77 -23.85
CA LEU C 475 17.05 34.21 -23.64
C LEU C 475 17.36 34.92 -24.95
N ILE C 476 17.96 34.22 -25.90
CA ILE C 476 18.20 34.81 -27.22
C ILE C 476 16.87 35.05 -27.94
N ALA C 477 15.94 34.11 -27.83
CA ALA C 477 14.64 34.27 -28.48
C ALA C 477 13.77 35.32 -27.80
N MET C 478 14.10 35.70 -26.56
CA MET C 478 13.32 36.74 -25.89
C MET C 478 13.79 38.14 -26.27
N ILE C 479 15.11 38.36 -26.30
CA ILE C 479 15.65 39.68 -26.59
C ILE C 479 15.38 40.08 -28.04
N ILE C 480 15.28 39.10 -28.94
CA ILE C 480 14.84 39.36 -30.31
C ILE C 480 13.41 39.87 -30.33
N PHE C 481 12.54 39.26 -29.53
CA PHE C 481 11.13 39.65 -29.51
C PHE C 481 10.91 40.99 -28.81
N THR C 482 11.81 41.38 -27.90
CA THR C 482 11.71 42.70 -27.28
C THR C 482 12.00 43.80 -28.29
N LEU C 483 12.97 43.57 -29.18
CA LEU C 483 13.30 44.56 -30.20
C LEU C 483 12.20 44.70 -31.24
N ILE C 484 11.37 43.68 -31.41
CA ILE C 484 10.26 43.78 -32.35
C ILE C 484 9.17 44.68 -31.78
N ALA C 485 8.86 44.50 -30.49
CA ALA C 485 7.67 45.13 -29.91
C ALA C 485 7.87 46.63 -29.69
N TYR C 486 8.99 47.01 -29.08
CA TYR C 486 9.20 48.41 -28.71
C TYR C 486 9.59 49.30 -29.86
N TYR C 487 9.82 48.76 -31.06
CA TYR C 487 10.28 49.55 -32.19
C TYR C 487 9.24 49.66 -33.30
N ARG C 488 7.99 49.30 -33.03
CA ARG C 488 6.94 49.41 -34.03
C ARG C 488 6.56 50.88 -34.22
N PRO C 489 6.25 51.32 -35.43
CA PRO C 489 5.90 52.74 -35.62
C PRO C 489 4.52 53.09 -35.10
N MET C 490 3.58 52.13 -35.12
CA MET C 490 2.27 52.20 -34.47
C MET C 490 1.43 53.38 -35.00
N ASP C 491 1.11 53.30 -36.29
CA ASP C 491 0.25 54.31 -36.89
C ASP C 491 -1.23 53.97 -36.77
N GLY C 492 -1.56 52.68 -36.82
CA GLY C 492 -2.93 52.22 -36.81
C GLY C 492 -3.33 51.42 -38.05
N THR C 493 -2.51 51.36 -39.09
CA THR C 493 -2.83 50.63 -40.32
C THR C 493 -1.76 49.58 -40.58
N PRO C 494 -1.91 48.37 -40.06
CA PRO C 494 -0.99 47.28 -40.42
C PRO C 494 -1.44 46.59 -41.69
N PRO C 495 -0.51 46.00 -42.47
CA PRO C 495 0.94 45.95 -42.29
C PRO C 495 1.68 47.21 -42.75
N TYR C 496 2.97 47.08 -42.99
CA TYR C 496 3.88 48.22 -43.11
C TYR C 496 4.77 48.07 -44.33
N PRO C 497 5.29 49.18 -44.87
CA PRO C 497 6.32 49.09 -45.90
C PRO C 497 7.63 48.55 -45.32
N TYR C 498 8.27 47.63 -46.05
CA TYR C 498 9.44 46.93 -45.55
C TYR C 498 10.71 47.25 -46.33
N ARG C 499 10.74 48.36 -47.06
CA ARG C 499 11.92 48.70 -47.87
C ARG C 499 13.06 49.24 -47.03
N THR C 500 12.76 49.83 -45.88
CA THR C 500 13.77 50.41 -45.01
C THR C 500 14.65 49.34 -44.40
N THR C 501 15.97 49.52 -44.53
CA THR C 501 16.93 48.53 -44.05
C THR C 501 16.90 48.40 -42.53
N MET C 502 16.78 49.51 -41.81
CA MET C 502 16.64 49.45 -40.36
C MET C 502 15.26 48.95 -39.93
N ASP C 503 14.28 48.92 -40.83
CA ASP C 503 13.06 48.18 -40.63
C ASP C 503 13.08 46.79 -41.25
N TYR C 504 14.02 46.53 -42.17
CA TYR C 504 14.23 45.17 -42.67
C TYR C 504 14.84 44.27 -41.61
N MET C 505 15.55 44.83 -40.64
CA MET C 505 16.18 44.08 -39.56
C MET C 505 15.15 43.46 -38.61
N ARG C 506 14.11 44.21 -38.26
CA ARG C 506 13.06 43.68 -37.40
C ARG C 506 12.12 42.76 -38.17
N LEU C 507 12.15 42.84 -39.51
CA LEU C 507 11.40 41.91 -40.35
C LEU C 507 11.97 40.52 -40.21
N ALA C 508 13.29 40.43 -40.02
CA ALA C 508 13.93 39.15 -39.76
C ALA C 508 13.58 38.60 -38.39
N GLY C 509 13.19 39.46 -37.45
CA GLY C 509 12.78 38.99 -36.14
C GLY C 509 11.48 38.22 -36.17
N GLU C 510 10.57 38.57 -37.10
CA GLU C 510 9.36 37.79 -37.27
C GLU C 510 9.63 36.42 -37.88
N ILE C 511 10.75 36.25 -38.57
CA ILE C 511 11.13 34.92 -39.05
C ILE C 511 11.58 34.06 -37.88
N VAL C 512 12.31 34.64 -36.93
CA VAL C 512 12.87 33.87 -35.83
C VAL C 512 11.80 33.52 -34.81
N THR C 513 10.96 34.49 -34.44
CA THR C 513 10.05 34.32 -33.32
C THR C 513 8.86 33.46 -33.71
N LEU C 514 8.24 33.75 -34.86
CA LEU C 514 7.01 33.06 -35.26
C LEU C 514 7.27 31.59 -35.56
N LEU C 515 8.36 31.30 -36.28
CA LEU C 515 8.66 29.92 -36.68
C LEU C 515 8.97 29.02 -35.50
N THR C 516 9.57 29.57 -34.43
CA THR C 516 9.82 28.79 -33.23
C THR C 516 8.51 28.39 -32.55
N GLY C 517 7.51 29.29 -32.58
CA GLY C 517 6.20 28.93 -32.09
C GLY C 517 5.47 27.96 -32.99
N VAL C 518 5.78 27.97 -34.29
CA VAL C 518 5.14 27.05 -35.22
C VAL C 518 5.66 25.63 -35.02
N VAL C 519 6.98 25.48 -34.86
CA VAL C 519 7.59 24.17 -34.69
C VAL C 519 7.12 23.51 -33.39
N PHE C 520 7.00 24.30 -32.32
CA PHE C 520 6.53 23.74 -31.06
C PHE C 520 5.03 23.43 -31.11
N PHE C 521 4.30 24.08 -32.01
CA PHE C 521 2.86 23.84 -32.10
C PHE C 521 2.56 22.55 -32.86
N ILE C 522 3.23 22.34 -33.99
CA ILE C 522 2.95 21.20 -34.86
C ILE C 522 3.51 19.89 -34.29
N THR C 523 4.70 19.91 -33.68
CA THR C 523 5.35 18.69 -33.24
C THR C 523 4.61 18.06 -32.05
N ASN C 524 4.04 18.89 -31.18
CA ASN C 524 3.33 18.37 -30.01
C ASN C 524 2.00 17.75 -30.39
N ILE C 525 1.35 18.26 -31.42
CA ILE C 525 0.14 17.62 -31.94
C ILE C 525 0.47 16.28 -32.59
N LYS C 526 1.59 16.21 -33.33
CA LYS C 526 2.06 14.94 -33.86
C LYS C 526 2.48 13.99 -32.75
N ASP C 527 3.11 14.52 -31.69
CA ASP C 527 3.47 13.68 -30.55
C ASP C 527 2.24 13.23 -29.76
N LEU C 528 1.16 14.01 -29.82
CA LEU C 528 -0.08 13.59 -29.18
C LEU C 528 -0.69 12.39 -29.90
N PHE C 529 -0.71 12.42 -31.23
CA PHE C 529 -1.33 11.34 -31.99
C PHE C 529 -0.43 10.12 -32.04
N MET C 530 0.87 10.31 -32.28
CA MET C 530 1.80 9.20 -32.33
C MET C 530 2.12 8.68 -30.94
N VAL C 536 7.35 16.60 -21.70
CA VAL C 536 7.30 16.32 -20.27
C VAL C 536 8.66 15.85 -19.76
N ASN C 537 9.72 16.29 -20.45
CA ASN C 537 11.09 15.99 -20.05
C ASN C 537 11.42 16.83 -18.82
N SER C 538 10.99 16.35 -17.66
CA SER C 538 11.12 17.10 -16.42
C SER C 538 12.49 16.96 -15.77
N LEU C 539 13.46 16.41 -16.50
CA LEU C 539 14.86 16.47 -16.06
C LEU C 539 15.34 17.90 -15.99
N PHE C 540 15.32 18.61 -17.13
CA PHE C 540 15.78 19.98 -17.17
C PHE C 540 14.74 20.92 -16.56
N ILE C 541 13.57 21.01 -17.18
CA ILE C 541 12.50 21.90 -16.79
C ILE C 541 11.25 21.05 -16.61
N ASP C 542 10.52 21.29 -15.52
CA ASP C 542 9.36 20.46 -15.18
C ASP C 542 8.24 20.61 -16.21
N GLY C 543 7.32 19.63 -16.22
CA GLY C 543 6.31 19.51 -17.25
C GLY C 543 5.24 20.58 -17.23
N SER C 544 5.20 21.43 -16.20
CA SER C 544 4.29 22.56 -16.21
C SER C 544 4.73 23.64 -17.18
N PHE C 545 6.00 23.64 -17.59
CA PHE C 545 6.48 24.64 -18.53
C PHE C 545 6.00 24.36 -19.94
N GLN C 546 5.90 23.06 -20.30
CA GLN C 546 5.52 22.68 -21.66
C GLN C 546 4.10 23.12 -21.98
N LEU C 547 3.21 23.14 -20.98
CA LEU C 547 1.88 23.68 -21.19
C LEU C 547 1.93 25.20 -21.29
N LEU C 548 2.76 25.84 -20.47
CA LEU C 548 2.81 27.30 -20.46
C LEU C 548 3.53 27.84 -21.68
N TYR C 549 4.57 27.15 -22.14
CA TYR C 549 5.22 27.53 -23.38
C TYR C 549 4.34 27.24 -24.58
N PHE C 550 3.40 26.31 -24.45
CA PHE C 550 2.42 26.08 -25.51
C PHE C 550 1.46 27.26 -25.61
N ILE C 551 1.02 27.79 -24.48
CA ILE C 551 0.14 28.96 -24.49
C ILE C 551 0.88 30.17 -25.03
N TYR C 552 2.18 30.25 -24.76
CA TYR C 552 3.03 31.23 -25.44
C TYR C 552 3.06 30.98 -26.94
N SER C 553 3.06 29.71 -27.34
CA SER C 553 3.13 29.39 -28.77
C SER C 553 1.79 29.66 -29.46
N VAL C 554 0.68 29.58 -28.72
CA VAL C 554 -0.62 29.83 -29.33
C VAL C 554 -0.81 31.32 -29.57
N LEU C 555 -0.40 32.15 -28.62
CA LEU C 555 -0.64 33.59 -28.73
C LEU C 555 0.26 34.25 -29.78
N VAL C 556 1.35 33.61 -30.18
CA VAL C 556 2.19 34.18 -31.23
C VAL C 556 1.52 34.04 -32.59
N ILE C 557 1.00 32.86 -32.89
CA ILE C 557 0.40 32.64 -34.20
C ILE C 557 -0.96 33.32 -34.32
N ILE C 558 -1.63 33.59 -33.21
CA ILE C 558 -2.83 34.43 -33.26
C ILE C 558 -2.44 35.87 -33.56
N THR C 559 -1.33 36.32 -32.99
CA THR C 559 -0.84 37.68 -33.22
C THR C 559 -0.45 37.89 -34.67
N ALA C 560 0.13 36.86 -35.30
CA ALA C 560 0.55 36.95 -36.69
C ALA C 560 -0.63 37.08 -37.65
N VAL C 561 -1.80 36.60 -37.25
CA VAL C 561 -2.97 36.73 -38.11
C VAL C 561 -3.51 38.16 -38.07
N LEU C 562 -3.49 38.78 -36.89
CA LEU C 562 -4.31 39.96 -36.65
C LEU C 562 -3.81 41.20 -37.38
N TYR C 563 -2.50 41.35 -37.57
CA TYR C 563 -2.01 42.46 -38.37
C TYR C 563 -1.95 42.13 -39.86
N LEU C 564 -2.29 40.90 -40.24
CA LEU C 564 -2.46 40.56 -41.64
C LEU C 564 -3.92 40.65 -42.09
N VAL C 565 -4.86 40.56 -41.15
CA VAL C 565 -6.26 40.81 -41.48
C VAL C 565 -6.47 42.30 -41.73
N GLY C 566 -5.89 43.14 -40.89
CA GLY C 566 -6.03 44.58 -41.02
C GLY C 566 -6.49 45.28 -39.75
N ILE C 567 -6.69 44.56 -38.66
CA ILE C 567 -7.16 45.14 -37.41
C ILE C 567 -5.94 45.43 -36.54
N GLU C 568 -5.80 46.67 -36.10
CA GLU C 568 -4.62 47.17 -35.40
C GLU C 568 -4.59 46.82 -33.92
N SER C 569 -5.51 45.99 -33.43
CA SER C 569 -5.57 45.61 -32.02
C SER C 569 -4.67 44.41 -31.71
N TYR C 570 -3.76 44.09 -32.60
CA TYR C 570 -2.75 43.05 -32.40
C TYR C 570 -1.76 43.41 -31.29
N LEU C 571 -1.60 44.69 -31.00
CA LEU C 571 -0.60 45.18 -30.06
C LEU C 571 -0.90 44.77 -28.63
N ALA C 572 -2.15 44.46 -28.30
CA ALA C 572 -2.47 43.98 -26.96
C ALA C 572 -1.91 42.58 -26.74
N VAL C 573 -2.15 41.67 -27.68
CA VAL C 573 -1.76 40.28 -27.53
C VAL C 573 -0.25 40.13 -27.68
N MET C 574 0.37 40.98 -28.50
CA MET C 574 1.80 40.85 -28.80
C MET C 574 2.65 41.16 -27.57
N VAL C 575 2.28 42.20 -26.82
CA VAL C 575 3.03 42.53 -25.63
C VAL C 575 2.58 41.64 -24.46
N PHE C 576 1.41 41.02 -24.60
CA PHE C 576 0.90 40.12 -23.56
C PHE C 576 1.78 38.88 -23.43
N ALA C 577 2.13 38.25 -24.55
CA ALA C 577 3.01 37.09 -24.52
C ALA C 577 4.43 37.46 -24.14
N LEU C 578 4.82 38.73 -24.32
CA LEU C 578 6.12 39.19 -23.86
C LEU C 578 6.20 39.17 -22.34
N VAL C 579 5.07 39.41 -21.67
CA VAL C 579 5.07 39.39 -20.20
C VAL C 579 5.19 37.96 -19.70
N LEU C 580 4.56 37.00 -20.39
CA LEU C 580 4.65 35.60 -19.97
C LEU C 580 6.05 35.04 -20.18
N GLY C 581 6.68 35.39 -21.29
CA GLY C 581 7.96 34.83 -21.67
C GLY C 581 9.10 35.13 -20.72
N TRP C 582 9.15 36.36 -20.21
CA TRP C 582 10.11 36.68 -19.15
C TRP C 582 9.72 36.03 -17.84
N MET C 583 8.43 35.83 -17.59
CA MET C 583 7.96 35.14 -16.40
C MET C 583 7.97 33.63 -16.57
N ASN C 584 8.14 33.13 -17.79
CA ASN C 584 8.41 31.71 -17.99
C ASN C 584 9.83 31.34 -17.61
N ALA C 585 10.71 32.33 -17.47
CA ALA C 585 12.09 32.08 -17.06
C ALA C 585 12.21 31.73 -15.58
N LEU C 586 11.12 31.81 -14.81
CA LEU C 586 11.18 31.47 -13.40
C LEU C 586 11.25 29.96 -13.16
N TYR C 587 11.02 29.14 -14.19
CA TYR C 587 11.25 27.72 -14.07
C TYR C 587 12.70 27.33 -14.29
N PHE C 588 13.54 28.28 -14.70
CA PHE C 588 14.97 28.01 -14.86
C PHE C 588 15.71 28.00 -13.54
N THR C 589 15.10 28.51 -12.47
CA THR C 589 15.77 28.68 -11.20
C THR C 589 15.80 27.42 -10.35
N ARG C 590 15.14 26.34 -10.78
CA ARG C 590 15.18 25.10 -10.01
C ARG C 590 16.55 24.44 -10.09
N GLY C 591 17.14 24.40 -11.28
CA GLY C 591 18.43 23.76 -11.45
C GLY C 591 18.35 22.50 -12.28
N LEU C 592 18.52 21.35 -11.64
CA LEU C 592 18.46 20.08 -12.33
C LEU C 592 17.88 19.04 -11.38
N LYS C 593 17.02 18.18 -11.91
CA LYS C 593 16.31 17.19 -11.12
C LYS C 593 16.73 15.78 -11.54
N LEU C 594 17.03 14.94 -10.56
CA LEU C 594 17.37 13.54 -10.81
C LEU C 594 16.53 12.55 -10.03
N THR C 595 15.92 12.96 -8.91
CA THR C 595 15.08 12.09 -8.12
C THR C 595 13.65 12.15 -8.66
N GLY C 596 13.09 10.99 -8.99
CA GLY C 596 11.79 10.95 -9.63
C GLY C 596 10.66 11.05 -8.63
N THR C 597 9.72 11.94 -8.89
CA THR C 597 8.50 12.04 -8.13
C THR C 597 7.38 11.31 -8.86
N TYR C 598 6.20 11.30 -8.25
CA TYR C 598 5.04 10.65 -8.82
C TYR C 598 4.21 11.58 -9.69
N SER C 599 4.43 12.89 -9.57
CA SER C 599 3.68 13.90 -10.30
C SER C 599 4.16 14.09 -11.73
N ILE C 600 5.18 13.35 -12.15
CA ILE C 600 5.77 13.55 -13.46
C ILE C 600 4.91 12.89 -14.54
N MET C 601 4.46 11.66 -14.28
CA MET C 601 3.58 10.95 -15.18
C MET C 601 2.20 11.60 -15.19
N LEU C 602 1.84 12.25 -14.09
CA LEU C 602 0.56 12.95 -14.00
C LEU C 602 0.48 14.14 -14.94
N GLN C 603 1.58 14.84 -15.17
CA GLN C 603 1.56 16.05 -15.98
C GLN C 603 1.57 15.78 -17.47
N LYS C 604 1.83 14.53 -17.89
CA LYS C 604 1.64 14.18 -19.29
C LYS C 604 0.16 14.11 -19.63
N ILE C 605 -0.62 13.47 -18.76
CA ILE C 605 -2.07 13.40 -18.93
C ILE C 605 -2.72 14.76 -18.68
N LEU C 606 -2.11 15.59 -17.84
CA LEU C 606 -2.57 16.96 -17.68
C LEU C 606 -2.42 17.74 -18.98
N PHE C 607 -1.27 17.62 -19.63
CA PHE C 607 -1.06 18.23 -20.93
C PHE C 607 -1.87 17.57 -22.03
N LYS C 608 -2.15 16.27 -21.91
CA LYS C 608 -2.89 15.53 -22.92
C LYS C 608 -4.35 15.95 -23.02
N ASP C 609 -5.06 15.98 -21.89
CA ASP C 609 -6.50 16.17 -21.95
C ASP C 609 -6.93 17.62 -21.89
N LEU C 610 -6.11 18.52 -21.35
CA LEU C 610 -6.44 19.94 -21.41
C LEU C 610 -6.35 20.47 -22.82
N PHE C 611 -5.39 19.96 -23.61
CA PHE C 611 -5.37 20.28 -25.03
C PHE C 611 -6.57 19.65 -25.73
N ARG C 612 -7.00 18.47 -25.28
CA ARG C 612 -8.26 17.91 -25.75
C ARG C 612 -9.44 18.72 -25.22
N PHE C 613 -9.31 19.31 -24.03
CA PHE C 613 -10.39 20.13 -23.48
C PHE C 613 -10.54 21.43 -24.25
N LEU C 614 -9.44 21.97 -24.78
CA LEU C 614 -9.54 23.20 -25.56
C LEU C 614 -10.12 22.93 -26.93
N LEU C 615 -9.76 21.81 -27.55
CA LEU C 615 -10.28 21.51 -28.89
C LEU C 615 -11.74 21.09 -28.83
N VAL C 616 -12.17 20.43 -27.75
CA VAL C 616 -13.58 20.09 -27.62
C VAL C 616 -14.38 21.33 -27.25
N TYR C 617 -13.72 22.36 -26.73
CA TYR C 617 -14.37 23.64 -26.52
C TYR C 617 -14.55 24.37 -27.84
N LEU C 618 -13.44 24.63 -28.55
CA LEU C 618 -13.47 25.54 -29.70
C LEU C 618 -14.21 24.94 -30.90
N LEU C 619 -14.14 23.62 -31.10
CA LEU C 619 -14.93 23.01 -32.16
C LEU C 619 -16.41 23.01 -31.82
N PHE C 620 -16.74 23.05 -30.53
CA PHE C 620 -18.14 23.16 -30.15
C PHE C 620 -18.66 24.57 -30.31
N MET C 621 -17.84 25.57 -30.03
CA MET C 621 -18.27 26.96 -30.15
C MET C 621 -18.41 27.35 -31.62
N ILE C 622 -17.46 26.92 -32.45
CA ILE C 622 -17.56 27.15 -33.89
C ILE C 622 -18.71 26.35 -34.48
N GLY C 623 -18.89 25.11 -34.03
CA GLY C 623 -19.92 24.26 -34.58
C GLY C 623 -21.32 24.72 -34.23
N TYR C 624 -21.51 25.23 -33.02
CA TYR C 624 -22.83 25.76 -32.64
C TYR C 624 -23.11 27.11 -33.29
N ALA C 625 -22.06 27.91 -33.53
CA ALA C 625 -22.24 29.16 -34.24
C ALA C 625 -22.54 28.92 -35.71
N SER C 626 -21.85 27.96 -36.33
CA SER C 626 -22.15 27.58 -37.70
C SER C 626 -23.49 26.88 -37.82
N ALA C 627 -24.00 26.31 -36.72
CA ALA C 627 -25.32 25.72 -36.74
C ALA C 627 -26.40 26.79 -36.85
N LEU C 628 -26.25 27.89 -36.11
CA LEU C 628 -27.29 28.91 -36.07
C LEU C 628 -27.39 29.72 -37.35
N VAL C 629 -26.32 29.74 -38.16
CA VAL C 629 -26.40 30.41 -39.45
C VAL C 629 -27.28 29.60 -40.39
N SER C 630 -27.30 28.28 -40.24
CA SER C 630 -28.14 27.42 -41.06
C SER C 630 -29.62 27.58 -40.72
N LEU C 631 -29.95 28.12 -39.54
CA LEU C 631 -31.34 28.46 -39.25
C LEU C 631 -31.81 29.65 -40.06
N LEU C 632 -30.89 30.53 -40.45
CA LEU C 632 -31.25 31.75 -41.18
C LEU C 632 -31.54 31.38 -42.63
N ASN C 633 -32.82 31.12 -42.91
CA ASN C 633 -33.25 30.82 -44.27
C ASN C 633 -33.43 32.09 -45.12
N PRO C 634 -34.07 33.19 -44.66
CA PRO C 634 -34.04 34.41 -45.46
C PRO C 634 -32.69 35.10 -45.38
N CYS C 635 -32.50 36.05 -46.29
CA CYS C 635 -31.27 36.84 -46.34
C CYS C 635 -31.42 38.16 -45.60
N ARG C 657 -28.38 33.99 -43.72
CA ARG C 657 -28.62 35.39 -44.06
C ARG C 657 -27.32 36.06 -44.51
N ASP C 658 -26.97 37.17 -43.86
CA ASP C 658 -25.75 37.88 -44.20
C ASP C 658 -24.53 37.10 -43.71
N SER C 659 -23.45 37.18 -44.48
CA SER C 659 -22.21 36.50 -44.13
C SER C 659 -21.50 37.15 -42.95
N SER C 660 -21.84 38.40 -42.63
CA SER C 660 -21.30 39.09 -41.47
C SER C 660 -22.05 38.79 -40.19
N THR C 661 -23.07 37.92 -40.25
CA THR C 661 -23.79 37.54 -39.04
C THR C 661 -23.02 36.50 -38.23
N PHE C 662 -22.23 35.66 -38.92
CA PHE C 662 -21.48 34.59 -38.25
C PHE C 662 -20.43 35.15 -37.29
N SER C 663 -19.88 36.32 -37.62
CA SER C 663 -19.00 37.00 -36.68
C SER C 663 -19.75 37.52 -35.46
N LYS C 664 -21.06 37.76 -35.58
CA LYS C 664 -21.87 38.25 -34.48
C LYS C 664 -22.42 37.11 -33.62
N PHE C 665 -22.64 35.94 -34.23
CA PHE C 665 -23.04 34.77 -33.44
C PHE C 665 -21.90 34.30 -32.56
N LEU C 666 -20.69 34.22 -33.12
CA LEU C 666 -19.56 33.69 -32.37
C LEU C 666 -19.09 34.67 -31.30
N LEU C 667 -19.32 35.96 -31.53
CA LEU C 667 -18.95 36.97 -30.54
C LEU C 667 -19.87 36.90 -29.32
N ASP C 668 -21.17 36.73 -29.54
CA ASP C 668 -22.10 36.67 -28.42
C ASP C 668 -22.05 35.32 -27.72
N LEU C 669 -21.50 34.31 -28.40
CA LEU C 669 -21.49 32.97 -27.82
C LEU C 669 -20.35 32.80 -26.84
N PHE C 670 -19.21 33.46 -27.11
CA PHE C 670 -18.08 33.42 -26.20
C PHE C 670 -18.38 34.13 -24.89
N LYS C 671 -19.17 35.20 -24.94
CA LYS C 671 -19.40 36.03 -23.76
C LYS C 671 -20.29 35.33 -22.74
N LEU C 672 -21.09 34.37 -23.17
CA LEU C 672 -22.00 33.67 -22.26
C LEU C 672 -21.24 32.70 -21.36
N THR C 673 -20.15 32.13 -21.87
CA THR C 673 -19.37 31.19 -21.07
C THR C 673 -18.58 31.93 -20.00
N ILE C 674 -18.10 33.13 -20.31
CA ILE C 674 -17.43 33.94 -19.30
C ILE C 674 -18.45 34.55 -18.36
N GLY C 675 -19.47 35.20 -18.91
CA GLY C 675 -20.45 35.92 -18.13
C GLY C 675 -20.37 37.42 -18.27
N MET C 676 -20.00 37.94 -19.43
CA MET C 676 -19.93 39.38 -19.62
C MET C 676 -21.33 39.98 -19.70
N GLY C 677 -22.23 39.33 -20.43
CA GLY C 677 -23.60 39.81 -20.52
C GLY C 677 -23.77 41.05 -21.37
N ASP C 678 -22.88 41.29 -22.32
CA ASP C 678 -22.97 42.44 -23.22
C ASP C 678 -23.11 41.89 -24.63
N LEU C 679 -24.34 41.57 -25.02
CA LEU C 679 -24.60 40.82 -26.23
C LEU C 679 -25.19 41.73 -27.30
N GLU C 680 -25.32 41.17 -28.50
CA GLU C 680 -25.75 41.93 -29.67
C GLU C 680 -27.00 41.39 -30.35
N MET C 681 -27.14 40.07 -30.47
CA MET C 681 -28.33 39.48 -31.07
C MET C 681 -29.15 38.64 -30.09
N ILE C 682 -28.51 37.75 -29.34
CA ILE C 682 -29.21 36.79 -28.51
C ILE C 682 -29.81 37.52 -27.31
N ASN C 683 -31.14 37.64 -27.31
CA ASN C 683 -31.88 38.25 -26.21
C ASN C 683 -32.48 37.14 -25.36
N SER C 684 -32.06 37.06 -24.10
CA SER C 684 -32.60 36.05 -23.20
C SER C 684 -34.04 36.36 -22.79
N ALA C 685 -34.47 37.60 -22.94
CA ALA C 685 -35.85 37.95 -22.65
C ALA C 685 -36.81 37.47 -23.72
N LYS C 686 -36.30 37.09 -24.90
CA LYS C 686 -37.17 36.63 -25.97
C LYS C 686 -37.65 35.19 -25.71
N TYR C 687 -36.71 34.26 -25.57
CA TYR C 687 -37.03 32.88 -25.22
C TYR C 687 -36.36 32.56 -23.88
N PRO C 688 -37.05 32.76 -22.76
CA PRO C 688 -36.42 32.54 -21.46
C PRO C 688 -36.33 31.07 -21.07
N ALA C 689 -37.36 30.28 -21.38
CA ALA C 689 -37.41 28.90 -20.92
C ALA C 689 -36.49 27.97 -21.69
N VAL C 690 -35.97 28.41 -22.83
CA VAL C 690 -35.06 27.61 -23.64
C VAL C 690 -33.62 28.01 -23.40
N PHE C 691 -33.38 29.32 -23.21
CA PHE C 691 -32.03 29.81 -22.96
C PHE C 691 -31.48 29.29 -21.63
N ILE C 692 -32.35 29.09 -20.64
CA ILE C 692 -31.88 28.56 -19.35
C ILE C 692 -31.50 27.10 -19.47
N ILE C 693 -32.38 26.28 -20.05
CA ILE C 693 -32.14 24.84 -20.10
C ILE C 693 -31.03 24.46 -21.06
N LEU C 694 -30.67 25.34 -22.00
CA LEU C 694 -29.44 25.14 -22.73
C LEU C 694 -28.23 25.54 -21.91
N LEU C 695 -28.37 26.59 -21.09
CA LEU C 695 -27.26 27.05 -20.27
C LEU C 695 -27.03 26.15 -19.07
N VAL C 696 -28.11 25.58 -18.51
CA VAL C 696 -27.95 24.63 -17.40
C VAL C 696 -27.25 23.37 -17.87
N THR C 697 -27.68 22.82 -19.01
CA THR C 697 -27.00 21.66 -19.57
C THR C 697 -25.59 21.98 -20.06
N TYR C 698 -25.31 23.25 -20.39
CA TYR C 698 -23.95 23.61 -20.73
C TYR C 698 -23.04 23.56 -19.51
N ILE C 699 -23.58 23.87 -18.34
CA ILE C 699 -22.82 23.73 -17.10
C ILE C 699 -22.55 22.25 -16.83
N ILE C 700 -23.55 21.40 -17.05
CA ILE C 700 -23.45 19.98 -16.77
C ILE C 700 -22.48 19.30 -17.73
N LEU C 701 -22.43 19.75 -19.00
CA LEU C 701 -21.43 19.23 -19.92
C LEU C 701 -20.02 19.61 -19.50
N THR C 702 -19.83 20.85 -19.05
CA THR C 702 -18.48 21.30 -18.67
C THR C 702 -18.07 20.76 -17.30
N PHE C 703 -19.03 20.52 -16.40
CA PHE C 703 -18.66 20.07 -15.06
C PHE C 703 -18.23 18.62 -15.05
N VAL C 704 -18.72 17.81 -15.99
CA VAL C 704 -18.31 16.42 -16.05
C VAL C 704 -16.94 16.29 -16.71
N LEU C 705 -16.66 17.14 -17.70
CA LEU C 705 -15.35 17.13 -18.33
C LEU C 705 -14.26 17.62 -17.37
N LEU C 706 -14.62 18.42 -16.37
CA LEU C 706 -13.68 18.74 -15.31
C LEU C 706 -13.46 17.55 -14.39
N LEU C 707 -14.52 16.77 -14.14
CA LEU C 707 -14.39 15.58 -13.31
C LEU C 707 -13.70 14.44 -14.04
N ASN C 708 -13.70 14.46 -15.37
CA ASN C 708 -12.92 13.49 -16.12
C ASN C 708 -11.42 13.73 -15.98
N MET C 709 -11.02 14.95 -15.63
CA MET C 709 -9.63 15.21 -15.28
C MET C 709 -9.27 14.54 -13.96
N LEU C 710 -10.12 14.73 -12.94
CA LEU C 710 -9.78 14.28 -11.60
C LEU C 710 -9.87 12.77 -11.45
N ILE C 711 -10.82 12.14 -12.14
CA ILE C 711 -10.94 10.69 -12.08
C ILE C 711 -9.78 10.03 -12.84
N ALA C 712 -9.33 10.64 -13.93
CA ALA C 712 -8.15 10.15 -14.62
C ALA C 712 -6.88 10.32 -13.80
N LEU C 713 -6.88 11.25 -12.84
CA LEU C 713 -5.74 11.37 -11.93
C LEU C 713 -5.88 10.48 -10.71
N MET C 714 -7.08 10.42 -10.12
CA MET C 714 -7.29 9.56 -8.95
C MET C 714 -7.25 8.09 -9.33
N GLY C 715 -7.68 7.75 -10.54
CA GLY C 715 -7.58 6.37 -11.01
C GLY C 715 -6.18 5.97 -11.45
N GLU C 716 -5.23 6.90 -11.40
CA GLU C 716 -3.85 6.67 -11.80
C GLU C 716 -2.92 6.54 -10.60
N THR C 717 -3.15 7.33 -9.55
CA THR C 717 -2.23 7.40 -8.42
C THR C 717 -2.43 6.31 -7.38
N VAL C 718 -3.00 5.16 -7.75
CA VAL C 718 -3.23 4.13 -6.74
C VAL C 718 -2.36 2.89 -6.96
N GLY C 719 -2.51 2.19 -8.09
CA GLY C 719 -1.91 0.88 -8.20
C GLY C 719 -0.51 0.80 -8.77
N GLN C 720 -0.33 1.29 -9.99
CA GLN C 720 0.89 1.05 -10.76
C GLN C 720 1.84 2.25 -10.69
N VAL C 721 1.41 3.36 -10.08
CA VAL C 721 2.26 4.53 -9.95
C VAL C 721 3.42 4.28 -8.98
N SER C 722 3.31 3.29 -8.10
CA SER C 722 4.38 2.96 -7.18
C SER C 722 5.57 2.31 -7.86
N LYS C 723 5.35 1.70 -9.04
CA LYS C 723 6.42 1.09 -9.81
C LYS C 723 6.78 1.91 -11.04
N GLU C 724 5.77 2.38 -11.78
CA GLU C 724 5.99 2.97 -13.10
C GLU C 724 6.66 4.33 -13.02
N SER C 725 6.44 5.08 -11.93
CA SER C 725 7.11 6.37 -11.75
C SER C 725 8.59 6.22 -11.44
N LYS C 726 9.03 5.03 -11.02
CA LYS C 726 10.45 4.72 -10.90
C LYS C 726 10.94 3.85 -12.04
N GLN C 727 10.17 3.78 -13.13
CA GLN C 727 10.56 3.09 -14.35
C GLN C 727 10.77 4.04 -15.51
N ILE C 728 9.77 4.87 -15.82
CA ILE C 728 9.90 5.80 -16.95
C ILE C 728 10.86 6.94 -16.59
N TRP C 729 10.91 7.31 -15.31
CA TRP C 729 11.89 8.31 -14.86
C TRP C 729 13.32 7.79 -15.03
N LYS C 730 13.54 6.51 -14.78
CA LYS C 730 14.82 5.91 -15.12
C LYS C 730 14.97 5.77 -16.63
N LEU C 731 13.86 5.53 -17.35
CA LEU C 731 13.94 5.37 -18.79
C LEU C 731 14.15 6.71 -19.50
N GLN C 732 13.45 7.76 -19.06
CA GLN C 732 13.59 9.06 -19.71
C GLN C 732 14.92 9.70 -19.38
N TRP C 733 15.49 9.40 -18.21
CA TRP C 733 16.82 9.88 -17.87
C TRP C 733 17.87 9.26 -18.80
N ALA C 734 17.64 8.02 -19.22
CA ALA C 734 18.53 7.41 -20.21
C ALA C 734 18.18 7.84 -21.63
N THR C 735 16.92 8.19 -21.88
CA THR C 735 16.49 8.54 -23.23
C THR C 735 17.03 9.90 -23.65
N THR C 736 17.01 10.87 -22.73
CA THR C 736 17.39 12.23 -23.08
C THR C 736 18.89 12.37 -23.23
N ILE C 737 19.67 11.64 -22.42
CA ILE C 737 21.12 11.79 -22.45
C ILE C 737 21.71 11.19 -23.72
N LEU C 738 21.00 10.25 -24.35
CA LEU C 738 21.46 9.78 -25.65
C LEU C 738 21.04 10.72 -26.77
N ASP C 739 19.94 11.46 -26.58
CA ASP C 739 19.58 12.49 -27.53
C ASP C 739 20.54 13.67 -27.46
N ILE C 740 21.11 13.93 -26.29
CA ILE C 740 22.18 14.90 -26.18
C ILE C 740 23.44 14.38 -26.86
N GLU C 741 23.68 13.06 -26.76
CA GLU C 741 24.85 12.44 -27.35
C GLU C 741 24.79 12.46 -28.88
N ARG C 742 23.60 12.34 -29.46
CA ARG C 742 23.47 12.44 -30.91
C ARG C 742 23.63 13.87 -31.40
N SER C 743 23.48 14.86 -30.53
CA SER C 743 23.55 16.25 -30.95
C SER C 743 24.98 16.70 -31.23
N PHE C 744 25.97 16.13 -30.55
CA PHE C 744 27.34 16.55 -30.76
C PHE C 744 27.91 15.90 -32.03
N PRO C 745 28.81 16.59 -32.72
CA PRO C 745 29.46 15.99 -33.90
C PRO C 745 30.47 14.91 -33.53
N VAL C 746 31.11 14.33 -34.55
CA VAL C 746 32.09 13.27 -34.31
C VAL C 746 33.40 13.84 -33.77
N CYS C 747 33.65 15.14 -33.96
CA CYS C 747 34.89 15.73 -33.48
C CYS C 747 34.87 15.92 -31.96
N MET C 748 33.77 16.48 -31.44
CA MET C 748 33.63 16.68 -30.01
C MET C 748 33.20 15.43 -29.26
N ARG C 749 32.93 14.33 -29.98
CA ARG C 749 32.54 13.09 -29.33
C ARG C 749 33.72 12.45 -28.60
N LYS C 750 34.91 12.52 -29.18
CA LYS C 750 36.10 11.93 -28.57
C LYS C 750 36.67 12.76 -27.43
N ALA C 751 36.16 13.96 -27.20
CA ALA C 751 36.72 14.82 -26.17
C ALA C 751 36.34 14.34 -24.78
N PHE C 752 35.04 14.25 -24.50
CA PHE C 752 34.56 13.83 -23.19
C PHE C 752 34.14 12.37 -23.16
N ARG C 753 34.85 11.50 -23.87
CA ARG C 753 34.52 10.08 -23.85
C ARG C 753 34.94 9.46 -22.53
N SER C 754 34.03 8.76 -21.89
CA SER C 754 34.32 8.11 -20.62
C SER C 754 35.16 6.85 -20.85
N GLY C 755 35.75 6.36 -19.76
CA GLY C 755 36.59 5.18 -19.83
C GLY C 755 38.04 5.52 -20.12
N GLU C 756 38.92 4.56 -19.80
CA GLU C 756 40.35 4.75 -19.93
C GLU C 756 40.96 3.56 -20.66
N MET C 757 42.21 3.72 -21.07
CA MET C 757 42.99 2.63 -21.64
C MET C 757 43.80 1.98 -20.53
N VAL C 758 43.52 0.70 -20.26
CA VAL C 758 44.25 -0.08 -19.28
C VAL C 758 44.84 -1.27 -20.00
N THR C 759 46.17 -1.34 -20.05
CA THR C 759 46.85 -2.42 -20.77
C THR C 759 46.76 -3.71 -19.99
N VAL C 760 45.91 -4.63 -20.45
CA VAL C 760 45.70 -5.92 -19.81
C VAL C 760 46.06 -7.01 -20.80
N GLY C 761 46.91 -7.94 -20.39
CA GLY C 761 47.26 -9.08 -21.20
C GLY C 761 48.26 -8.76 -22.29
N LYS C 762 48.19 -9.48 -23.41
CA LYS C 762 49.10 -9.26 -24.53
C LYS C 762 48.39 -8.57 -25.68
N ARG C 770 45.40 -4.02 -24.14
CA ARG C 770 44.99 -2.64 -24.10
C ARG C 770 43.61 -2.46 -24.73
N ARG C 771 42.70 -1.82 -24.01
CA ARG C 771 41.34 -1.63 -24.47
C ARG C 771 40.72 -0.46 -23.71
N TRP C 772 39.60 0.03 -24.23
CA TRP C 772 38.90 1.18 -23.64
C TRP C 772 37.85 0.67 -22.67
N CYS C 773 38.30 0.36 -21.47
CA CYS C 773 37.47 -0.17 -20.41
C CYS C 773 37.13 0.93 -19.40
N PHE C 774 36.28 0.58 -18.44
CA PHE C 774 35.79 1.54 -17.45
C PHE C 774 36.04 1.03 -16.04
N ARG C 775 36.49 1.93 -15.17
CA ARG C 775 36.87 1.60 -13.80
C ARG C 775 35.66 1.68 -12.88
N VAL C 776 35.46 0.62 -12.10
CA VAL C 776 34.34 0.51 -11.16
C VAL C 776 34.91 0.12 -9.81
N ASP C 777 34.56 0.86 -8.76
CA ASP C 777 35.00 0.56 -7.40
C ASP C 777 34.02 -0.37 -6.71
N GLU C 778 34.53 -1.11 -5.72
CA GLU C 778 33.72 -2.01 -4.91
C GLU C 778 34.18 -1.95 -3.47
N VAL C 779 33.29 -2.37 -2.56
CA VAL C 779 33.60 -2.52 -1.13
C VAL C 779 33.03 -3.86 -0.69
N ASN C 780 33.88 -4.73 -0.15
CA ASN C 780 33.46 -6.04 0.31
C ASN C 780 34.26 -6.43 1.54
N TRP C 781 33.58 -7.03 2.51
CA TRP C 781 34.19 -7.43 3.77
C TRP C 781 34.25 -8.94 3.97
N SER C 782 33.50 -9.72 3.19
CA SER C 782 33.39 -11.15 3.42
C SER C 782 34.45 -11.95 2.70
N HIS C 783 34.75 -11.61 1.45
CA HIS C 783 35.68 -12.38 0.65
C HIS C 783 37.12 -12.01 1.02
N TRP C 784 37.95 -13.00 1.29
CA TRP C 784 39.35 -12.76 1.64
C TRP C 784 40.26 -13.79 0.97
N MET D 144 71.60 -11.76 -12.78
CA MET D 144 72.53 -10.88 -13.47
C MET D 144 73.08 -9.81 -12.53
N PHE D 145 73.68 -8.78 -13.11
CA PHE D 145 74.34 -7.73 -12.34
C PHE D 145 73.61 -6.39 -12.42
N ASN D 146 72.53 -6.30 -13.19
CA ASN D 146 71.79 -5.07 -13.36
C ASN D 146 70.67 -4.98 -12.32
N ARG D 147 69.92 -3.87 -12.37
CA ARG D 147 68.85 -3.67 -11.41
C ARG D 147 67.57 -4.37 -11.86
N HIS D 148 67.34 -4.47 -13.18
CA HIS D 148 66.06 -4.96 -13.68
C HIS D 148 65.93 -6.46 -13.47
N MET D 149 67.04 -7.19 -13.50
CA MET D 149 67.02 -8.61 -13.16
C MET D 149 66.71 -8.83 -11.69
N LEU D 150 67.12 -7.89 -10.84
CA LEU D 150 66.94 -8.06 -9.39
C LEU D 150 65.51 -7.79 -8.97
N PHE D 151 64.85 -6.79 -9.57
CA PHE D 151 63.46 -6.51 -9.21
C PHE D 151 62.49 -7.54 -9.77
N ASP D 152 62.93 -8.40 -10.70
CA ASP D 152 62.04 -9.40 -11.28
C ASP D 152 62.04 -10.70 -10.48
N ILE D 153 63.24 -11.26 -10.21
CA ILE D 153 63.38 -12.59 -9.62
C ILE D 153 62.80 -12.65 -8.21
N VAL D 154 62.79 -11.51 -7.51
CA VAL D 154 62.11 -11.41 -6.22
C VAL D 154 60.62 -11.69 -6.37
N SER D 155 60.01 -11.21 -7.45
CA SER D 155 58.63 -11.57 -7.74
C SER D 155 58.52 -13.01 -8.27
N ARG D 156 59.57 -13.52 -8.92
CA ARG D 156 59.58 -14.92 -9.32
C ARG D 156 59.67 -15.83 -8.10
N GLY D 157 60.43 -15.43 -7.10
CA GLY D 157 60.56 -16.23 -5.88
C GLY D 157 61.46 -17.44 -6.04
N SER D 158 62.69 -17.21 -6.49
CA SER D 158 63.68 -18.27 -6.65
C SER D 158 65.00 -17.78 -6.06
N THR D 159 65.33 -18.27 -4.87
CA THR D 159 66.54 -17.84 -4.18
C THR D 159 67.80 -18.40 -4.81
N ALA D 160 67.69 -19.48 -5.59
CA ALA D 160 68.85 -20.01 -6.30
C ALA D 160 69.28 -19.11 -7.45
N GLU D 161 68.37 -18.30 -7.98
CA GLU D 161 68.71 -17.32 -9.01
C GLU D 161 69.17 -15.99 -8.41
N LEU D 162 69.34 -15.93 -7.09
CA LEU D 162 69.84 -14.72 -6.41
C LEU D 162 71.10 -15.01 -5.61
N GLU D 163 71.74 -16.16 -5.86
CA GLU D 163 72.92 -16.55 -5.10
C GLU D 163 74.13 -15.74 -5.54
N GLY D 164 75.10 -15.64 -4.63
CA GLY D 164 76.33 -14.93 -4.92
C GLY D 164 76.22 -13.43 -5.01
N PHE D 165 75.07 -12.85 -4.66
CA PHE D 165 74.89 -11.41 -4.76
C PHE D 165 75.41 -10.69 -3.52
N LEU D 166 75.42 -11.36 -2.38
CA LEU D 166 76.05 -10.78 -1.19
C LEU D 166 77.57 -10.60 -1.32
N PRO D 167 78.36 -11.52 -1.92
CA PRO D 167 79.74 -11.15 -2.25
C PRO D 167 79.84 -10.16 -3.39
N PHE D 168 78.80 -10.04 -4.23
CA PHE D 168 78.85 -9.12 -5.35
C PHE D 168 78.77 -7.66 -4.88
N LEU D 169 78.04 -7.41 -3.80
CA LEU D 169 78.00 -6.06 -3.24
C LEU D 169 79.26 -5.71 -2.47
N LEU D 170 80.06 -6.71 -2.10
CA LEU D 170 81.33 -6.42 -1.43
C LEU D 170 82.33 -5.81 -2.40
N ALA D 171 82.27 -6.19 -3.68
CA ALA D 171 83.19 -5.65 -4.67
C ALA D 171 82.79 -4.25 -5.09
N GLN D 172 81.53 -4.05 -5.47
CA GLN D 172 81.07 -2.79 -6.01
C GLN D 172 80.53 -1.84 -4.95
N LYS D 173 80.78 -2.14 -3.67
CA LYS D 173 80.46 -1.36 -2.46
C LYS D 173 79.08 -0.72 -2.44
N LYS D 174 78.09 -1.41 -3.00
CA LYS D 174 76.76 -0.83 -3.21
C LYS D 174 75.82 -1.27 -2.10
N ARG D 175 75.09 -0.30 -1.54
CA ARG D 175 74.08 -0.60 -0.53
C ARG D 175 72.77 -1.00 -1.20
N LEU D 176 71.92 -1.68 -0.44
CA LEU D 176 70.64 -2.12 -0.97
C LEU D 176 69.65 -0.97 -1.06
N THR D 177 69.84 0.07 -0.24
CA THR D 177 68.99 1.25 -0.26
C THR D 177 69.56 2.36 -1.13
N ASP D 178 70.31 2.00 -2.17
CA ASP D 178 70.89 3.00 -3.06
C ASP D 178 69.82 3.44 -4.06
N GLU D 179 70.17 4.43 -4.89
CA GLU D 179 69.20 5.00 -5.83
C GLU D 179 68.88 4.02 -6.95
N GLU D 180 69.88 3.32 -7.47
CA GLU D 180 69.66 2.37 -8.55
C GLU D 180 69.07 1.05 -8.07
N PHE D 181 69.12 0.79 -6.76
CA PHE D 181 68.48 -0.39 -6.19
C PHE D 181 67.14 -0.05 -5.56
N ARG D 182 66.44 0.91 -6.15
CA ARG D 182 65.15 1.40 -5.66
C ARG D 182 64.47 2.09 -6.83
N GLU D 183 63.13 2.00 -6.88
CA GLU D 183 62.40 2.55 -8.00
C GLU D 183 62.45 4.08 -7.98
N ALA D 184 62.76 4.67 -9.13
CA ALA D 184 62.99 6.10 -9.22
C ALA D 184 61.69 6.90 -9.12
N SER D 185 60.55 6.30 -9.42
CA SER D 185 59.29 7.02 -9.40
C SER D 185 58.67 7.05 -8.01
N THR D 186 58.58 5.90 -7.36
CA THR D 186 57.89 5.78 -6.08
C THR D 186 58.81 5.57 -4.89
N GLY D 187 59.90 4.82 -5.07
CA GLY D 187 60.72 4.38 -3.96
C GLY D 187 60.50 2.95 -3.54
N LYS D 188 59.85 2.15 -4.39
CA LYS D 188 59.58 0.75 -4.09
C LYS D 188 60.88 -0.04 -4.06
N THR D 189 61.16 -0.67 -2.93
CA THR D 189 62.40 -1.40 -2.73
C THR D 189 62.21 -2.88 -3.01
N CYS D 190 63.23 -3.68 -2.72
CA CYS D 190 63.17 -5.11 -2.98
C CYS D 190 62.26 -5.82 -1.98
N LEU D 191 62.32 -5.40 -0.71
CA LEU D 191 61.47 -6.02 0.31
C LEU D 191 60.01 -5.67 0.11
N THR D 192 59.73 -4.45 -0.36
CA THR D 192 58.36 -4.06 -0.68
C THR D 192 57.84 -4.84 -1.89
N LYS D 193 58.71 -5.08 -2.86
CA LYS D 193 58.35 -5.93 -4.00
C LYS D 193 58.15 -7.38 -3.56
N ALA D 194 58.89 -7.82 -2.55
CA ALA D 194 58.77 -9.19 -2.05
C ALA D 194 57.41 -9.44 -1.40
N LEU D 195 56.84 -8.41 -0.77
CA LEU D 195 55.58 -8.56 -0.08
C LEU D 195 54.37 -8.36 -0.98
N MET D 196 54.54 -7.71 -2.12
CA MET D 196 53.43 -7.57 -3.06
C MET D 196 53.13 -8.90 -3.75
N ASN D 197 54.09 -9.42 -4.49
CA ASN D 197 53.95 -10.71 -5.15
C ASN D 197 54.36 -11.80 -4.19
N LEU D 198 53.42 -12.68 -3.86
CA LEU D 198 53.61 -13.72 -2.86
C LEU D 198 53.35 -15.09 -3.48
N ASN D 199 54.12 -16.08 -3.06
CA ASN D 199 53.95 -17.46 -3.51
C ASN D 199 53.18 -18.18 -2.41
N GLY D 200 51.85 -18.01 -2.43
CA GLY D 200 51.02 -18.52 -1.36
C GLY D 200 51.24 -17.82 -0.04
N GLY D 201 51.60 -16.54 -0.09
CA GLY D 201 51.91 -15.81 1.13
C GLY D 201 53.27 -16.09 1.70
N LYS D 202 54.16 -16.73 0.95
CA LYS D 202 55.50 -17.08 1.44
C LYS D 202 56.52 -16.81 0.34
N ASN D 203 57.49 -15.94 0.63
CA ASN D 203 58.64 -15.74 -0.23
C ASN D 203 59.89 -15.90 0.61
N ASP D 204 60.79 -16.80 0.18
CA ASP D 204 61.99 -17.11 0.93
C ASP D 204 63.06 -16.03 0.83
N THR D 205 62.91 -15.08 -0.09
CA THR D 205 63.85 -13.97 -0.18
C THR D 205 63.68 -12.96 0.94
N ILE D 206 62.54 -13.02 1.66
CA ILE D 206 62.27 -12.04 2.70
C ILE D 206 63.24 -12.12 3.88
N PRO D 207 63.60 -13.31 4.41
CA PRO D 207 64.75 -13.33 5.32
C PRO D 207 66.08 -13.15 4.61
N MET D 208 66.14 -13.39 3.30
CA MET D 208 67.39 -13.24 2.58
C MET D 208 67.70 -11.79 2.21
N LEU D 209 66.66 -10.99 1.93
CA LEU D 209 66.89 -9.56 1.72
C LEU D 209 67.29 -8.87 3.01
N ILE D 210 66.84 -9.37 4.15
CA ILE D 210 67.32 -8.85 5.42
C ILE D 210 68.73 -9.38 5.70
N ASP D 211 69.04 -10.59 5.19
CA ASP D 211 70.38 -11.16 5.37
C ASP D 211 71.43 -10.34 4.62
N ILE D 212 71.12 -9.92 3.39
CA ILE D 212 72.07 -9.13 2.61
C ILE D 212 72.16 -7.72 3.17
N ALA D 213 71.04 -7.17 3.67
CA ALA D 213 71.05 -5.85 4.29
C ALA D 213 71.75 -5.84 5.63
N GLU D 214 71.84 -7.00 6.30
CA GLU D 214 72.50 -7.05 7.59
C GLU D 214 74.01 -6.88 7.46
N LYS D 215 74.59 -7.43 6.39
CA LYS D 215 76.04 -7.33 6.20
C LYS D 215 76.44 -5.94 5.74
N THR D 216 75.53 -5.21 5.10
CA THR D 216 75.80 -3.82 4.75
C THR D 216 75.53 -2.87 5.90
N GLY D 217 74.69 -3.25 6.85
CA GLY D 217 74.41 -2.42 8.01
C GLY D 217 73.26 -1.45 7.80
N ASN D 218 72.12 -1.96 7.33
CA ASN D 218 70.95 -1.14 7.09
C ASN D 218 69.70 -1.84 7.58
N LEU D 219 69.78 -2.46 8.77
CA LEU D 219 68.64 -3.18 9.32
C LEU D 219 67.53 -2.21 9.73
N ARG D 220 67.90 -1.04 10.23
CA ARG D 220 66.92 -0.01 10.55
C ARG D 220 66.68 0.94 9.40
N GLU D 221 67.23 0.64 8.22
CA GLU D 221 67.03 1.46 7.03
C GLU D 221 66.32 0.72 5.91
N PHE D 222 66.74 -0.51 5.62
CA PHE D 222 66.12 -1.28 4.53
C PHE D 222 64.71 -1.72 4.89
N ILE D 223 64.42 -1.86 6.17
CA ILE D 223 63.05 -2.13 6.60
C ILE D 223 62.26 -0.83 6.73
N ASN D 224 62.88 0.21 7.29
CA ASN D 224 62.19 1.45 7.63
C ASN D 224 62.35 2.51 6.56
N SER D 225 62.38 2.11 5.28
CA SER D 225 62.41 3.06 4.19
C SER D 225 60.99 3.21 3.64
N PRO D 226 60.32 4.32 3.88
CA PRO D 226 58.95 4.50 3.38
C PRO D 226 58.98 4.88 1.90
N PHE D 227 57.79 5.01 1.33
CA PHE D 227 57.68 5.39 -0.07
C PHE D 227 58.01 6.87 -0.25
N ARG D 228 58.71 7.17 -1.34
CA ARG D 228 59.20 8.51 -1.63
C ARG D 228 58.20 9.33 -2.45
N ASP D 229 57.19 8.69 -3.04
CA ASP D 229 56.24 9.37 -3.91
C ASP D 229 55.25 10.20 -3.11
N VAL D 230 54.23 10.69 -3.81
CA VAL D 230 53.23 11.55 -3.19
C VAL D 230 51.90 10.81 -3.02
N TYR D 231 51.51 10.02 -4.02
CA TYR D 231 50.19 9.39 -3.99
C TYR D 231 50.14 8.22 -3.01
N TYR D 232 51.20 7.42 -2.96
CA TYR D 232 51.33 6.33 -1.99
C TYR D 232 52.31 6.68 -0.87
N ARG D 233 52.31 7.94 -0.43
CA ARG D 233 53.37 8.46 0.43
C ARG D 233 53.31 7.86 1.83
N GLY D 234 54.48 7.45 2.33
CA GLY D 234 54.62 6.99 3.69
C GLY D 234 54.38 5.51 3.92
N GLN D 235 53.93 4.79 2.90
CA GLN D 235 53.67 3.36 3.08
C GLN D 235 54.99 2.60 3.12
N THR D 236 55.14 1.73 4.12
CA THR D 236 56.34 0.94 4.30
C THR D 236 56.03 -0.53 4.04
N ALA D 237 57.05 -1.37 4.23
CA ALA D 237 56.85 -2.80 4.11
C ALA D 237 56.03 -3.35 5.27
N LEU D 238 56.04 -2.67 6.41
CA LEU D 238 55.21 -3.09 7.54
C LEU D 238 53.73 -2.92 7.23
N HIS D 239 53.38 -1.89 6.45
CA HIS D 239 51.99 -1.70 6.06
C HIS D 239 51.53 -2.77 5.08
N ILE D 240 52.44 -3.31 4.27
CA ILE D 240 52.06 -4.26 3.25
C ILE D 240 51.90 -5.66 3.84
N ALA D 241 52.76 -6.02 4.80
CA ALA D 241 52.70 -7.34 5.41
C ALA D 241 51.47 -7.49 6.30
N ILE D 242 51.08 -6.41 6.98
CA ILE D 242 49.81 -6.40 7.71
C ILE D 242 48.64 -6.49 6.73
N GLU D 243 48.78 -5.87 5.56
CA GLU D 243 47.70 -5.83 4.58
C GLU D 243 47.37 -7.20 4.01
N ARG D 244 48.40 -7.96 3.65
CA ARG D 244 48.20 -9.27 3.04
C ARG D 244 48.25 -10.40 4.05
N ARG D 245 48.19 -10.06 5.35
CA ARG D 245 47.98 -11.00 6.45
C ARG D 245 49.10 -12.04 6.56
N CYS D 246 50.34 -11.58 6.41
CA CYS D 246 51.51 -12.44 6.58
C CYS D 246 51.97 -12.35 8.03
N LYS D 247 51.27 -13.10 8.89
CA LYS D 247 51.52 -13.06 10.33
C LYS D 247 52.91 -13.59 10.67
N HIS D 248 53.41 -14.54 9.89
CA HIS D 248 54.78 -15.02 10.08
C HIS D 248 55.80 -13.96 9.70
N TYR D 249 55.46 -13.08 8.77
CA TYR D 249 56.40 -12.06 8.30
C TYR D 249 56.27 -10.72 9.01
N VAL D 250 55.15 -10.49 9.71
CA VAL D 250 55.05 -9.33 10.59
C VAL D 250 56.01 -9.48 11.76
N GLU D 251 56.13 -10.69 12.29
CA GLU D 251 57.05 -10.96 13.38
C GLU D 251 58.51 -10.80 12.96
N LEU D 252 58.80 -11.06 11.69
CA LEU D 252 60.19 -10.98 11.21
C LEU D 252 60.67 -9.54 11.11
N LEU D 253 59.76 -8.59 10.83
CA LEU D 253 60.17 -7.22 10.59
C LEU D 253 60.58 -6.53 11.89
N VAL D 254 59.80 -6.71 12.95
CA VAL D 254 60.03 -5.97 14.18
C VAL D 254 61.24 -6.53 14.93
N GLU D 255 61.45 -7.84 14.87
CA GLU D 255 62.59 -8.47 15.53
C GLU D 255 63.91 -8.04 14.90
N LYS D 256 63.92 -7.81 13.59
CA LYS D 256 65.10 -7.24 12.95
C LYS D 256 65.15 -5.72 13.06
N GLY D 257 64.11 -5.10 13.60
CA GLY D 257 64.08 -3.66 13.72
C GLY D 257 63.15 -3.01 12.73
N ALA D 258 61.97 -2.60 13.19
CA ALA D 258 60.99 -1.95 12.34
C ALA D 258 60.33 -0.81 13.10
N ASP D 259 60.09 0.30 12.40
CA ASP D 259 59.43 1.44 12.99
C ASP D 259 57.94 1.16 13.08
N VAL D 260 57.41 1.07 14.30
CA VAL D 260 56.00 0.82 14.49
C VAL D 260 55.18 2.06 14.14
N HIS D 261 55.73 3.25 14.38
CA HIS D 261 54.98 4.49 14.23
C HIS D 261 55.17 5.13 12.86
N ALA D 262 55.33 4.34 11.81
CA ALA D 262 55.39 4.88 10.46
C ALA D 262 53.99 5.32 10.02
N GLN D 263 53.91 6.46 9.35
CA GLN D 263 52.64 7.03 8.92
C GLN D 263 52.52 6.99 7.41
N ALA D 264 51.51 6.27 6.92
CA ALA D 264 51.21 6.23 5.49
C ALA D 264 50.26 7.36 5.17
N ARG D 265 50.84 8.56 5.02
CA ARG D 265 50.08 9.80 4.87
C ARG D 265 49.88 10.20 3.41
N GLY D 266 49.82 9.23 2.51
CA GLY D 266 49.65 9.53 1.11
C GLY D 266 48.26 9.99 0.76
N ARG D 267 48.13 10.50 -0.46
CA ARG D 267 46.85 10.92 -1.01
C ARG D 267 45.89 9.76 -1.20
N PHE D 268 46.41 8.57 -1.50
CA PHE D 268 45.56 7.38 -1.60
C PHE D 268 44.99 6.98 -0.25
N PHE D 269 45.73 7.21 0.83
CA PHE D 269 45.30 6.83 2.16
C PHE D 269 44.48 7.89 2.86
N GLN D 270 43.85 8.78 2.10
CA GLN D 270 42.95 9.80 2.58
C GLN D 270 41.51 9.27 2.53
N PRO D 271 40.57 9.90 3.24
CA PRO D 271 39.16 9.53 3.07
C PRO D 271 38.63 10.00 1.73
N LYS D 272 37.41 9.54 1.42
CA LYS D 272 36.82 9.71 0.10
C LYS D 272 36.48 11.16 -0.20
N ASP D 273 36.27 11.99 0.83
CA ASP D 273 36.05 13.41 0.60
C ASP D 273 37.34 14.12 0.21
N GLU D 274 38.48 13.58 0.63
CA GLU D 274 39.77 14.18 0.33
C GLU D 274 40.39 13.66 -0.96
N GLY D 275 39.84 12.60 -1.54
CA GLY D 275 40.34 12.05 -2.80
C GLY D 275 40.88 10.65 -2.71
N GLY D 276 41.10 10.10 -1.53
CA GLY D 276 41.60 8.75 -1.38
C GLY D 276 40.48 7.72 -1.43
N TYR D 277 40.89 6.44 -1.42
CA TYR D 277 39.95 5.34 -1.51
C TYR D 277 39.77 4.58 -0.21
N PHE D 278 40.70 4.71 0.74
CA PHE D 278 40.63 3.97 1.99
C PHE D 278 41.35 4.77 3.06
N TYR D 279 40.77 4.81 4.25
CA TYR D 279 41.35 5.52 5.38
C TYR D 279 41.42 4.60 6.59
N PHE D 280 42.55 4.63 7.29
CA PHE D 280 42.70 3.86 8.52
C PHE D 280 43.48 4.61 9.59
N GLY D 281 43.67 5.91 9.43
CA GLY D 281 44.35 6.68 10.45
C GLY D 281 45.86 6.55 10.44
N GLU D 282 46.45 6.07 9.34
CA GLU D 282 47.88 6.11 9.05
C GLU D 282 48.72 5.30 10.04
N LEU D 283 48.13 4.38 10.78
CA LEU D 283 48.92 3.67 11.77
C LEU D 283 48.81 2.17 11.57
N PRO D 284 49.94 1.44 11.71
CA PRO D 284 49.89 -0.02 11.55
C PRO D 284 49.09 -0.72 12.64
N LEU D 285 49.07 -0.16 13.85
CA LEU D 285 48.19 -0.71 14.89
C LEU D 285 46.73 -0.50 14.53
N SER D 286 46.41 0.65 13.95
CA SER D 286 45.04 0.87 13.50
C SER D 286 44.75 0.11 12.21
N LEU D 287 45.79 -0.18 11.42
CA LEU D 287 45.60 -0.93 10.19
C LEU D 287 45.21 -2.38 10.48
N ALA D 288 45.81 -2.97 11.52
CA ALA D 288 45.48 -4.34 11.89
C ALA D 288 44.07 -4.46 12.43
N ALA D 289 43.55 -3.39 13.04
CA ALA D 289 42.15 -3.40 13.45
C ALA D 289 41.22 -3.24 12.26
N CYS D 290 41.69 -2.61 11.19
CA CYS D 290 40.86 -2.42 10.01
C CYS D 290 40.85 -3.63 9.08
N THR D 291 41.82 -4.54 9.22
CA THR D 291 41.85 -5.74 8.41
C THR D 291 41.07 -6.90 9.01
N ASN D 292 40.30 -6.64 10.08
CA ASN D 292 39.58 -7.64 10.86
C ASN D 292 40.53 -8.74 11.34
N GLN D 293 41.65 -8.30 11.91
CA GLN D 293 42.71 -9.22 12.31
C GLN D 293 43.23 -8.82 13.68
N PRO D 294 42.70 -9.43 14.74
CA PRO D 294 43.23 -9.16 16.09
C PRO D 294 44.55 -9.87 16.38
N ASP D 295 45.02 -10.74 15.48
CA ASP D 295 46.21 -11.53 15.76
C ASP D 295 47.47 -10.67 15.71
N ILE D 296 47.50 -9.69 14.79
CA ILE D 296 48.59 -8.72 14.82
C ILE D 296 48.43 -7.79 16.01
N VAL D 297 47.18 -7.54 16.42
CA VAL D 297 46.91 -6.69 17.59
C VAL D 297 47.41 -7.38 18.86
N HIS D 298 47.36 -8.71 18.92
CA HIS D 298 48.03 -9.42 20.01
C HIS D 298 49.54 -9.28 19.91
N TYR D 299 50.09 -9.18 18.70
CA TYR D 299 51.54 -9.15 18.56
C TYR D 299 52.11 -7.75 18.75
N LEU D 300 51.38 -6.71 18.34
CA LEU D 300 51.94 -5.36 18.42
C LEU D 300 51.92 -4.81 19.83
N THR D 301 50.94 -5.19 20.64
CA THR D 301 50.80 -4.57 21.95
C THR D 301 51.77 -5.16 22.97
N GLU D 302 52.01 -6.46 22.93
CA GLU D 302 53.00 -7.10 23.78
C GLU D 302 54.16 -7.59 22.91
N ASN D 303 55.37 -7.16 23.24
CA ASN D 303 56.54 -7.42 22.40
C ASN D 303 57.78 -7.19 23.23
N ALA D 304 58.75 -8.11 23.15
CA ALA D 304 60.00 -7.97 23.87
C ALA D 304 60.92 -6.93 23.25
N HIS D 305 60.68 -6.54 22.00
CA HIS D 305 61.53 -5.55 21.33
C HIS D 305 61.01 -4.14 21.53
N LYS D 306 59.79 -3.86 21.06
CA LYS D 306 59.17 -2.56 21.21
C LYS D 306 57.67 -2.73 21.05
N LYS D 307 56.91 -2.10 21.94
CA LYS D 307 55.46 -2.20 21.93
C LYS D 307 54.86 -1.16 21.00
N ALA D 308 53.53 -1.18 20.88
CA ALA D 308 52.79 -0.26 20.05
C ALA D 308 51.91 0.61 20.94
N ASP D 309 52.10 1.93 20.85
CA ASP D 309 51.32 2.86 21.64
C ASP D 309 49.90 2.95 21.08
N ILE D 310 48.91 2.62 21.91
CA ILE D 310 47.53 2.69 21.46
C ILE D 310 47.05 4.15 21.41
N ARG D 311 47.61 5.00 22.27
CA ARG D 311 47.19 6.39 22.37
C ARG D 311 47.70 7.28 21.24
N ARG D 312 48.46 6.74 20.29
CA ARG D 312 49.09 7.57 19.26
C ARG D 312 48.05 8.05 18.25
N GLN D 313 48.11 9.34 17.93
CA GLN D 313 47.25 9.95 16.94
C GLN D 313 47.91 9.92 15.56
N ASP D 314 47.32 10.65 14.63
CA ASP D 314 47.87 10.82 13.28
C ASP D 314 47.95 12.31 12.95
N SER D 315 48.18 12.61 11.67
CA SER D 315 48.16 14.00 11.21
C SER D 315 46.76 14.60 11.31
N ARG D 316 45.72 13.77 11.24
CA ARG D 316 44.35 14.20 11.48
C ARG D 316 43.97 14.15 12.95
N GLY D 317 44.89 13.77 13.83
CA GLY D 317 44.59 13.73 15.24
C GLY D 317 43.66 12.62 15.67
N ASN D 318 43.57 11.54 14.90
CA ASN D 318 42.64 10.45 15.16
C ASN D 318 43.40 9.27 15.75
N THR D 319 42.78 8.63 16.74
CA THR D 319 43.38 7.46 17.39
C THR D 319 42.91 6.19 16.69
N VAL D 320 43.14 5.05 17.33
CA VAL D 320 42.79 3.76 16.74
C VAL D 320 41.28 3.56 16.70
N LEU D 321 40.54 4.20 17.61
CA LEU D 321 39.10 4.03 17.63
C LEU D 321 38.41 4.80 16.53
N HIS D 322 38.95 5.97 16.17
CA HIS D 322 38.33 6.81 15.16
C HIS D 322 38.42 6.20 13.78
N ALA D 323 39.46 5.43 13.53
CA ALA D 323 39.56 4.70 12.26
C ALA D 323 38.52 3.59 12.17
N LEU D 324 38.16 3.00 13.32
CA LEU D 324 37.11 1.99 13.32
C LEU D 324 35.75 2.61 13.04
N VAL D 325 35.55 3.86 13.44
CA VAL D 325 34.33 4.57 13.11
C VAL D 325 34.31 4.94 11.62
N ALA D 326 35.48 5.27 11.08
CA ALA D 326 35.54 5.68 9.68
C ALA D 326 35.35 4.51 8.72
N ILE D 327 35.82 3.31 9.09
CA ILE D 327 35.60 2.13 8.27
C ILE D 327 34.29 1.45 8.58
N ALA D 328 33.53 1.96 9.55
CA ALA D 328 32.27 1.33 9.94
C ALA D 328 31.23 1.52 8.85
N ASP D 329 30.54 0.44 8.51
CA ASP D 329 29.41 0.47 7.60
C ASP D 329 28.25 -0.23 8.27
N ASN D 330 27.04 0.11 7.84
CA ASN D 330 25.82 -0.40 8.48
C ASN D 330 25.37 -1.74 7.90
N THR D 331 26.29 -2.52 7.33
CA THR D 331 25.99 -3.85 6.82
C THR D 331 25.94 -4.85 7.97
N ARG D 332 25.65 -6.11 7.62
CA ARG D 332 25.56 -7.15 8.64
C ARG D 332 26.93 -7.55 9.15
N GLU D 333 27.89 -7.73 8.25
CA GLU D 333 29.21 -8.22 8.64
C GLU D 333 30.04 -7.15 9.33
N ASN D 334 29.98 -5.91 8.84
CA ASN D 334 30.87 -4.88 9.34
C ASN D 334 30.45 -4.38 10.72
N THR D 335 29.17 -4.49 11.05
CA THR D 335 28.77 -4.15 12.42
C THR D 335 29.13 -5.23 13.42
N LYS D 336 29.58 -6.40 12.97
CA LYS D 336 29.89 -7.48 13.89
C LYS D 336 31.27 -7.31 14.52
N PHE D 337 32.32 -7.31 13.69
CA PHE D 337 33.67 -7.43 14.22
C PHE D 337 34.19 -6.12 14.79
N VAL D 338 33.66 -4.98 14.36
CA VAL D 338 34.11 -3.69 14.90
C VAL D 338 33.72 -3.57 16.37
N THR D 339 32.57 -4.14 16.75
CA THR D 339 32.20 -4.20 18.15
C THR D 339 33.09 -5.17 18.93
N LYS D 340 33.66 -6.16 18.26
CA LYS D 340 34.59 -7.05 18.94
C LYS D 340 35.93 -6.39 19.19
N VAL D 341 36.40 -5.59 18.23
CA VAL D 341 37.68 -4.91 18.37
C VAL D 341 37.58 -3.76 19.36
N TYR D 342 36.43 -3.06 19.35
CA TYR D 342 36.23 -1.92 20.24
C TYR D 342 36.21 -2.34 21.70
N ASP D 343 35.67 -3.52 22.00
CA ASP D 343 35.76 -4.05 23.35
C ASP D 343 37.18 -4.54 23.66
N LEU D 344 37.89 -5.03 22.65
CA LEU D 344 39.20 -5.62 22.89
C LEU D 344 40.25 -4.57 23.20
N LEU D 345 40.18 -3.41 22.53
CA LEU D 345 41.22 -2.40 22.68
C LEU D 345 41.11 -1.64 23.99
N VAL D 346 39.88 -1.37 24.45
CA VAL D 346 39.71 -0.52 25.62
C VAL D 346 40.09 -1.28 26.89
N ILE D 347 39.72 -2.57 26.97
CA ILE D 347 40.12 -3.41 28.10
C ILE D 347 41.64 -3.58 28.13
N LYS D 348 42.25 -3.72 26.95
CA LYS D 348 43.69 -3.78 26.87
C LYS D 348 44.33 -2.43 27.20
N CYS D 349 43.62 -1.33 26.93
CA CYS D 349 44.13 -0.02 27.30
C CYS D 349 44.07 0.21 28.81
N VAL D 350 43.04 -0.32 29.47
CA VAL D 350 42.94 -0.17 30.92
C VAL D 350 43.94 -1.07 31.63
N LYS D 351 44.12 -2.29 31.12
CA LYS D 351 45.04 -3.24 31.75
C LYS D 351 46.49 -2.79 31.64
N LEU D 352 46.84 -2.13 30.53
CA LEU D 352 48.18 -1.58 30.40
C LEU D 352 48.29 -0.22 31.07
N TYR D 353 47.21 0.56 31.07
CA TYR D 353 47.22 1.92 31.60
C TYR D 353 45.93 2.17 32.37
N PRO D 354 45.93 1.98 33.69
CA PRO D 354 44.71 2.19 34.47
C PRO D 354 44.36 3.65 34.72
N ASP D 355 45.26 4.58 34.40
CA ASP D 355 45.03 5.98 34.74
C ASP D 355 44.05 6.65 33.78
N SER D 356 44.18 6.40 32.48
CA SER D 356 43.37 7.08 31.47
C SER D 356 42.57 6.07 30.66
N SER D 357 41.50 6.57 30.06
CA SER D 357 40.68 5.79 29.14
C SER D 357 40.98 6.21 27.70
N LEU D 358 40.81 5.27 26.78
CA LEU D 358 41.06 5.55 25.37
C LEU D 358 39.98 6.41 24.76
N GLU D 359 38.77 6.41 25.35
CA GLU D 359 37.70 7.27 24.89
C GLU D 359 37.92 8.74 25.24
N ALA D 360 38.80 9.01 26.21
CA ALA D 360 38.97 10.39 26.68
C ALA D 360 39.74 11.24 25.69
N ILE D 361 40.56 10.63 24.84
CA ILE D 361 41.40 11.38 23.92
C ILE D 361 40.55 11.87 22.75
N PHE D 362 40.59 13.17 22.51
CA PHE D 362 39.81 13.79 21.47
C PHE D 362 40.66 13.99 20.20
N ASN D 363 40.09 14.70 19.24
CA ASN D 363 40.69 14.92 17.93
C ASN D 363 41.15 16.36 17.82
N ASN D 364 41.55 16.75 16.60
CA ASN D 364 41.80 18.17 16.33
C ASN D 364 40.52 18.99 16.36
N ASP D 365 39.37 18.34 16.13
CA ASP D 365 38.07 18.99 16.25
C ASP D 365 37.42 18.72 17.59
N SER D 366 38.16 18.15 18.54
CA SER D 366 37.71 17.79 19.89
C SER D 366 36.49 16.87 19.85
N MET D 367 36.67 15.71 19.21
CA MET D 367 35.59 14.77 18.98
C MET D 367 35.99 13.42 19.57
N SER D 368 35.10 12.86 20.39
CA SER D 368 35.29 11.51 20.90
C SER D 368 34.85 10.53 19.82
N PRO D 369 35.14 9.22 19.97
CA PRO D 369 34.56 8.25 19.02
C PRO D 369 33.05 8.18 19.06
N LEU D 370 32.42 8.53 20.19
CA LEU D 370 30.97 8.67 20.21
C LEU D 370 30.55 9.94 19.48
N MET D 371 31.35 11.00 19.59
CA MET D 371 31.03 12.25 18.90
C MET D 371 31.24 12.12 17.40
N MET D 372 32.17 11.26 16.97
CA MET D 372 32.46 11.12 15.55
C MET D 372 31.39 10.32 14.82
N ALA D 373 30.79 9.32 15.48
CA ALA D 373 29.80 8.47 14.84
C ALA D 373 28.52 9.21 14.49
N ALA D 374 28.24 10.33 15.15
CA ALA D 374 27.10 11.16 14.75
C ALA D 374 27.41 11.99 13.51
N LYS D 375 28.68 12.32 13.28
CA LYS D 375 29.03 13.11 12.11
C LYS D 375 28.89 12.31 10.83
N LEU D 376 29.57 11.16 10.76
CA LEU D 376 29.51 10.31 9.58
C LEU D 376 28.22 9.51 9.50
N GLY D 377 27.41 9.50 10.56
CA GLY D 377 26.12 8.84 10.54
C GLY D 377 26.22 7.33 10.52
N LYS D 378 26.96 6.76 11.47
CA LYS D 378 27.16 5.32 11.53
C LYS D 378 26.42 4.79 12.75
N ILE D 379 25.59 3.78 12.53
CA ILE D 379 24.62 3.33 13.52
C ILE D 379 25.17 2.21 14.39
N GLY D 380 25.86 1.25 13.79
CA GLY D 380 26.28 0.06 14.52
C GLY D 380 27.34 0.36 15.57
N ILE D 381 28.29 1.24 15.25
CA ILE D 381 29.25 1.66 16.27
C ILE D 381 28.60 2.61 17.27
N PHE D 382 27.50 3.27 16.88
CA PHE D 382 26.83 4.17 17.81
C PHE D 382 26.05 3.38 18.86
N GLN D 383 25.33 2.34 18.43
CA GLN D 383 24.50 1.57 19.34
C GLN D 383 25.31 0.64 20.24
N HIS D 384 26.59 0.45 19.97
CA HIS D 384 27.44 -0.37 20.83
C HIS D 384 28.12 0.45 21.91
N ILE D 385 28.50 1.69 21.61
CA ILE D 385 29.08 2.56 22.63
C ILE D 385 28.03 2.95 23.66
N ILE D 386 26.78 3.12 23.22
CA ILE D 386 25.70 3.40 24.16
C ILE D 386 25.38 2.17 25.00
N ARG D 387 25.28 1.00 24.37
CA ARG D 387 25.07 -0.25 25.10
C ARG D 387 26.43 -0.86 25.40
N LEU D 388 27.14 -0.27 26.35
CA LEU D 388 28.48 -0.70 26.73
C LEU D 388 28.46 -1.17 28.17
N GLU D 389 28.48 -2.49 28.37
CA GLU D 389 28.54 -3.07 29.70
C GLU D 389 29.65 -4.11 29.71
N ILE D 390 30.78 -3.76 30.31
CA ILE D 390 31.98 -4.58 30.27
C ILE D 390 32.03 -5.45 31.52
N LYS D 391 32.15 -6.76 31.33
CA LYS D 391 32.18 -7.71 32.43
C LYS D 391 33.59 -7.95 32.95
N ASP D 392 34.57 -7.17 32.49
CA ASP D 392 35.90 -7.18 33.08
C ASP D 392 35.92 -6.16 34.20
N GLU D 393 36.09 -6.63 35.44
CA GLU D 393 35.93 -5.79 36.61
C GLU D 393 37.06 -4.78 36.78
N GLU D 394 38.21 -4.99 36.13
CA GLU D 394 39.26 -3.98 36.15
C GLU D 394 38.91 -2.79 35.26
N ALA D 395 38.12 -3.01 34.21
CA ALA D 395 37.66 -1.95 33.33
C ALA D 395 36.19 -1.62 33.53
N ARG D 396 35.69 -1.76 34.76
CA ARG D 396 34.29 -1.51 35.05
C ARG D 396 33.93 -0.03 35.02
N HIS D 397 34.86 0.84 35.44
CA HIS D 397 34.55 2.24 35.75
C HIS D 397 34.29 3.10 34.52
N LEU D 398 34.33 2.54 33.31
CA LEU D 398 33.97 3.27 32.11
C LEU D 398 32.80 2.64 31.37
N SER D 399 32.13 1.66 31.97
CA SER D 399 30.98 1.04 31.33
C SER D 399 29.81 2.02 31.30
N ARG D 400 29.01 1.92 30.24
CA ARG D 400 27.93 2.88 30.01
C ARG D 400 26.59 2.38 30.52
N LYS D 401 26.27 1.11 30.30
CA LYS D 401 25.01 0.54 30.73
C LYS D 401 25.19 -0.15 32.07
N PHE D 402 24.22 0.03 32.97
CA PHE D 402 24.30 -0.54 34.30
C PHE D 402 23.02 -1.32 34.61
N ARG D 403 23.05 -2.04 35.73
CA ARG D 403 21.92 -2.80 36.22
C ARG D 403 21.70 -2.44 37.68
N ASP D 404 20.65 -1.66 37.95
CA ASP D 404 20.43 -1.16 39.30
C ASP D 404 19.82 -2.21 40.21
N TRP D 405 18.62 -2.67 39.87
CA TRP D 405 17.94 -3.68 40.66
C TRP D 405 16.99 -4.46 39.75
N ALA D 406 16.76 -5.71 40.12
CA ALA D 406 15.89 -6.61 39.35
C ALA D 406 14.95 -7.29 40.33
N TYR D 407 13.72 -6.78 40.43
CA TYR D 407 12.69 -7.42 41.24
C TYR D 407 11.84 -8.27 40.30
N GLY D 408 12.40 -9.41 39.90
CA GLY D 408 11.72 -10.36 39.06
C GLY D 408 11.50 -9.87 37.63
N PRO D 409 10.23 -9.59 37.29
CA PRO D 409 9.93 -9.19 35.91
C PRO D 409 10.42 -7.79 35.56
N VAL D 410 10.72 -6.94 36.53
CA VAL D 410 11.11 -5.56 36.27
C VAL D 410 12.62 -5.44 36.39
N TYR D 411 13.26 -5.02 35.31
CA TYR D 411 14.68 -4.70 35.31
C TYR D 411 14.85 -3.19 35.34
N SER D 412 15.89 -2.72 36.02
CA SER D 412 16.15 -1.30 36.18
C SER D 412 17.52 -0.99 35.56
N SER D 413 17.52 -0.70 34.27
CA SER D 413 18.76 -0.32 33.61
C SER D 413 19.13 1.11 33.94
N LEU D 414 20.33 1.51 33.53
CA LEU D 414 20.85 2.82 33.91
C LEU D 414 21.82 3.28 32.83
N TYR D 415 21.48 4.36 32.14
CA TYR D 415 22.33 4.94 31.11
C TYR D 415 22.90 6.26 31.59
N ASP D 416 24.16 6.53 31.22
CA ASP D 416 24.84 7.75 31.63
C ASP D 416 24.58 8.86 30.63
N LEU D 417 24.44 10.07 31.16
CA LEU D 417 24.27 11.28 30.35
C LEU D 417 25.53 12.12 30.33
N SER D 418 26.70 11.47 30.26
CA SER D 418 27.97 12.17 30.40
C SER D 418 28.25 13.06 29.20
N MET D 419 27.82 12.64 28.02
CA MET D 419 28.00 13.46 26.82
C MET D 419 26.70 13.73 26.09
N LEU D 420 25.59 13.14 26.53
CA LEU D 420 24.33 13.31 25.82
C LEU D 420 23.70 14.68 26.09
N ASP D 421 23.76 15.15 27.33
CA ASP D 421 23.27 16.47 27.70
C ASP D 421 24.40 17.20 28.40
N THR D 422 25.26 17.86 27.61
CA THR D 422 26.35 18.66 28.17
C THR D 422 25.77 19.94 28.76
N CYS D 423 25.81 20.04 30.09
CA CYS D 423 25.27 21.22 30.76
C CYS D 423 26.20 22.42 30.57
N GLY D 424 27.42 22.32 31.07
CA GLY D 424 28.37 23.41 30.96
C GLY D 424 29.61 23.06 30.18
N GLU D 425 29.45 22.34 29.08
CA GLU D 425 30.57 21.91 28.24
C GLU D 425 30.44 22.54 26.86
N GLU D 426 31.31 22.11 25.95
CA GLU D 426 31.41 22.77 24.64
C GLU D 426 30.23 22.39 23.75
N VAL D 427 30.11 21.08 23.44
CA VAL D 427 29.13 20.63 22.46
C VAL D 427 28.75 19.19 22.83
N SER D 428 27.51 18.83 22.53
CA SER D 428 26.92 17.56 22.97
C SER D 428 26.79 16.58 21.81
N VAL D 429 26.43 15.35 22.18
CA VAL D 429 26.09 14.34 21.18
C VAL D 429 24.80 14.73 20.48
N LEU D 430 23.77 15.07 21.26
CA LEU D 430 22.43 15.32 20.73
C LEU D 430 22.38 16.57 19.88
N GLU D 431 23.26 17.53 20.15
CA GLU D 431 23.32 18.76 19.36
C GLU D 431 23.81 18.47 17.95
N ILE D 432 24.83 17.62 17.83
CA ILE D 432 25.37 17.27 16.52
C ILE D 432 24.45 16.29 15.80
N LEU D 433 23.61 15.55 16.53
CA LEU D 433 22.58 14.73 15.90
C LEU D 433 21.56 15.57 15.15
N VAL D 434 21.34 16.81 15.57
CA VAL D 434 20.32 17.67 15.01
C VAL D 434 20.93 18.80 14.17
N TYR D 435 21.87 19.55 14.75
CA TYR D 435 22.34 20.78 14.13
C TYR D 435 23.39 20.56 13.06
N ASN D 436 24.10 19.44 13.07
CA ASN D 436 25.26 19.28 12.19
C ASN D 436 25.19 18.07 11.27
N SER D 437 24.60 16.97 11.70
CA SER D 437 24.57 15.76 10.90
C SER D 437 23.60 15.91 9.74
N LYS D 438 24.11 15.74 8.51
CA LYS D 438 23.29 15.76 7.31
C LYS D 438 23.16 14.39 6.69
N VAL D 439 23.36 13.34 7.47
CA VAL D 439 23.26 11.97 7.01
C VAL D 439 21.80 11.57 7.03
N GLU D 440 21.40 10.73 6.06
CA GLU D 440 20.01 10.26 5.99
C GLU D 440 19.65 9.38 7.17
N ASN D 441 20.63 8.71 7.78
CA ASN D 441 20.39 7.77 8.86
C ASN D 441 20.10 8.42 10.21
N ARG D 442 19.93 9.76 10.26
CA ARG D 442 19.66 10.45 11.51
C ARG D 442 18.27 10.15 12.04
N HIS D 443 17.33 9.70 11.21
CA HIS D 443 16.02 9.31 11.70
C HIS D 443 16.10 8.00 12.46
N GLU D 444 16.88 7.06 11.95
CA GLU D 444 17.12 5.81 12.67
C GLU D 444 18.01 6.03 13.89
N MET D 445 18.95 6.98 13.80
CA MET D 445 19.91 7.17 14.89
C MET D 445 19.26 7.85 16.08
N LEU D 446 18.21 8.64 15.86
CA LEU D 446 17.43 9.13 16.98
C LEU D 446 16.53 8.08 17.60
N ALA D 447 16.34 6.94 16.93
CA ALA D 447 15.51 5.86 17.44
C ALA D 447 16.29 4.86 18.27
N VAL D 448 17.43 5.26 18.85
CA VAL D 448 18.17 4.43 19.78
C VAL D 448 17.50 4.52 21.14
N GLU D 449 17.94 3.68 22.09
CA GLU D 449 17.18 3.50 23.33
C GLU D 449 17.13 4.74 24.24
N PRO D 450 18.27 5.36 24.68
CA PRO D 450 18.12 6.42 25.69
C PRO D 450 17.58 7.73 25.15
N ILE D 451 17.86 8.02 23.88
CA ILE D 451 17.51 9.32 23.31
C ILE D 451 16.00 9.40 23.04
N ASN D 452 15.35 8.25 22.82
CA ASN D 452 13.89 8.23 22.73
C ASN D 452 13.23 8.61 24.05
N GLU D 453 13.90 8.33 25.17
CA GLU D 453 13.39 8.75 26.47
C GLU D 453 14.06 10.01 26.98
N LEU D 454 15.24 10.38 26.47
CA LEU D 454 15.88 11.61 26.90
C LEU D 454 15.14 12.82 26.32
N LEU D 455 14.63 12.68 25.11
CA LEU D 455 13.86 13.77 24.50
C LEU D 455 12.50 13.91 25.16
N ARG D 456 11.97 12.83 25.72
CA ARG D 456 10.72 12.92 26.47
C ARG D 456 10.91 13.48 27.86
N ASP D 457 12.15 13.54 28.35
CA ASP D 457 12.40 14.15 29.65
C ASP D 457 12.16 15.66 29.61
N LYS D 458 12.91 16.35 28.76
CA LYS D 458 12.83 17.79 28.64
C LYS D 458 11.58 18.26 27.92
N TRP D 459 10.88 17.38 27.20
CA TRP D 459 9.60 17.78 26.63
C TRP D 459 8.52 17.90 27.71
N GLN D 460 8.57 17.02 28.71
CA GLN D 460 7.62 17.08 29.80
C GLN D 460 7.91 18.22 30.78
N LYS D 461 9.06 18.86 30.68
CA LYS D 461 9.38 19.97 31.56
C LYS D 461 9.45 21.31 30.84
N PHE D 462 9.84 21.33 29.57
CA PHE D 462 9.96 22.58 28.83
C PHE D 462 8.94 22.70 27.71
N GLY D 463 7.99 21.77 27.62
CA GLY D 463 7.00 21.82 26.58
C GLY D 463 5.84 22.73 26.90
N ALA D 464 5.14 22.45 28.00
CA ALA D 464 3.96 23.23 28.35
C ALA D 464 4.34 24.62 28.87
N VAL D 465 5.55 24.76 29.40
CA VAL D 465 5.99 26.07 29.89
C VAL D 465 6.27 27.00 28.72
N SER D 466 7.01 26.52 27.72
CA SER D 466 7.36 27.37 26.58
C SER D 466 6.17 27.63 25.68
N PHE D 467 5.17 26.74 25.69
CA PHE D 467 3.99 26.96 24.88
C PHE D 467 3.09 28.03 25.47
N TYR D 468 2.96 28.06 26.81
CA TYR D 468 2.08 29.02 27.45
C TYR D 468 2.62 30.43 27.37
N ILE D 469 3.94 30.59 27.30
CA ILE D 469 4.53 31.91 27.10
C ILE D 469 4.23 32.40 25.69
N SER D 470 4.23 31.48 24.71
CA SER D 470 3.95 31.85 23.32
C SER D 470 2.50 32.28 23.14
N VAL D 471 1.58 31.76 23.96
CA VAL D 471 0.20 32.22 23.90
C VAL D 471 0.08 33.62 24.49
N VAL D 472 0.75 33.86 25.62
CA VAL D 472 0.64 35.16 26.29
C VAL D 472 1.37 36.24 25.49
N SER D 473 2.54 35.92 24.94
CA SER D 473 3.31 36.90 24.18
C SER D 473 2.65 37.28 22.86
N TYR D 474 1.73 36.46 22.35
CA TYR D 474 0.90 36.89 21.24
C TYR D 474 -0.23 37.80 21.72
N LEU D 475 -0.76 37.54 22.93
CA LEU D 475 -1.81 38.40 23.47
C LEU D 475 -1.27 39.77 23.85
N ILE D 476 0.01 39.86 24.19
CA ILE D 476 0.61 41.16 24.47
C ILE D 476 0.67 42.00 23.21
N ALA D 477 1.01 41.39 22.07
CA ALA D 477 1.07 42.11 20.81
C ALA D 477 -0.30 42.50 20.28
N MET D 478 -1.37 41.87 20.79
CA MET D 478 -2.71 42.24 20.35
C MET D 478 -3.26 43.43 21.13
N ILE D 479 -3.08 43.44 22.45
CA ILE D 479 -3.63 44.50 23.29
C ILE D 479 -2.91 45.83 23.01
N ILE D 480 -1.64 45.77 22.61
CA ILE D 480 -0.94 46.96 22.16
C ILE D 480 -1.59 47.53 20.90
N PHE D 481 -1.95 46.65 19.96
CA PHE D 481 -2.53 47.11 18.71
C PHE D 481 -3.98 47.60 18.88
N THR D 482 -4.68 47.12 19.91
CA THR D 482 -6.02 47.64 20.18
C THR D 482 -5.95 49.08 20.67
N LEU D 483 -4.95 49.41 21.49
CA LEU D 483 -4.80 50.78 21.99
C LEU D 483 -4.39 51.74 20.89
N ILE D 484 -3.78 51.25 19.81
CA ILE D 484 -3.43 52.11 18.69
C ILE D 484 -4.67 52.49 17.91
N ALA D 485 -5.55 51.52 17.66
CA ALA D 485 -6.65 51.73 16.71
C ALA D 485 -7.75 52.60 17.30
N TYR D 486 -8.18 52.30 18.52
CA TYR D 486 -9.33 53.00 19.10
C TYR D 486 -9.01 54.39 19.62
N TYR D 487 -7.74 54.80 19.61
CA TYR D 487 -7.35 56.09 20.18
C TYR D 487 -6.86 57.08 19.12
N ARG D 488 -7.10 56.79 17.84
CA ARG D 488 -6.69 57.71 16.79
C ARG D 488 -7.62 58.92 16.77
N PRO D 489 -7.10 60.13 16.51
CA PRO D 489 -7.99 61.31 16.51
C PRO D 489 -8.91 61.37 15.29
N MET D 490 -8.47 60.83 14.15
CA MET D 490 -9.28 60.60 12.95
C MET D 490 -9.86 61.91 12.40
N ASP D 491 -8.96 62.80 11.97
CA ASP D 491 -9.40 64.04 11.35
C ASP D 491 -9.59 63.91 9.85
N GLY D 492 -8.77 63.08 9.20
CA GLY D 492 -8.78 62.94 7.76
C GLY D 492 -7.47 63.28 7.08
N THR D 493 -6.49 63.85 7.79
CA THR D 493 -5.20 64.23 7.21
C THR D 493 -4.08 63.53 7.97
N PRO D 494 -3.69 62.33 7.55
CA PRO D 494 -2.51 61.69 8.13
C PRO D 494 -1.24 62.14 7.44
N PRO D 495 -0.08 62.14 8.13
CA PRO D 495 0.15 61.78 9.53
C PRO D 495 -0.18 62.90 10.53
N TYR D 496 0.37 62.80 11.73
CA TYR D 496 -0.09 63.57 12.88
C TYR D 496 1.08 64.19 13.62
N PRO D 497 0.85 65.28 14.36
CA PRO D 497 1.89 65.80 15.25
C PRO D 497 2.12 64.85 16.42
N TYR D 498 3.39 64.61 16.75
CA TYR D 498 3.76 63.62 17.74
C TYR D 498 4.38 64.22 18.99
N ARG D 499 4.19 65.50 19.25
CA ARG D 499 4.82 66.15 20.41
C ARG D 499 4.12 65.79 21.71
N THR D 500 2.83 65.45 21.64
CA THR D 500 2.06 65.13 22.84
C THR D 500 2.52 63.83 23.46
N THR D 501 2.80 63.87 24.77
CA THR D 501 3.33 62.71 25.49
C THR D 501 2.32 61.57 25.54
N MET D 502 1.04 61.87 25.75
CA MET D 502 0.00 60.85 25.70
C MET D 502 -0.29 60.38 24.28
N ASP D 503 0.17 61.11 23.26
CA ASP D 503 0.23 60.61 21.90
C ASP D 503 1.59 60.06 21.54
N TYR D 504 2.63 60.37 22.30
CA TYR D 504 3.93 59.74 22.12
C TYR D 504 3.92 58.28 22.57
N MET D 505 3.01 57.91 23.47
CA MET D 505 2.88 56.54 23.96
C MET D 505 2.38 55.60 22.88
N ARG D 506 1.39 56.02 22.09
CA ARG D 506 0.89 55.18 21.01
C ARG D 506 1.84 55.19 19.81
N LEU D 507 2.76 56.16 19.77
CA LEU D 507 3.79 56.19 18.74
C LEU D 507 4.74 55.03 18.96
N ALA D 508 4.97 54.68 20.23
CA ALA D 508 5.77 53.50 20.54
C ALA D 508 5.07 52.20 20.16
N GLY D 509 3.74 52.21 20.06
CA GLY D 509 3.02 51.02 19.64
C GLY D 509 3.26 50.67 18.20
N GLU D 510 3.49 51.68 17.34
CA GLU D 510 3.85 51.41 15.96
C GLU D 510 5.24 50.83 15.83
N ILE D 511 6.11 51.04 16.83
CA ILE D 511 7.41 50.38 16.81
C ILE D 511 7.25 48.90 17.11
N VAL D 512 6.35 48.56 18.04
CA VAL D 512 6.20 47.17 18.47
C VAL D 512 5.46 46.36 17.41
N THR D 513 4.36 46.91 16.89
CA THR D 513 3.47 46.13 16.05
C THR D 513 4.05 45.94 14.64
N LEU D 514 4.53 47.03 14.05
CA LEU D 514 5.00 46.98 12.66
C LEU D 514 6.24 46.13 12.51
N LEU D 515 7.20 46.26 13.43
CA LEU D 515 8.46 45.53 13.35
C LEU D 515 8.28 44.03 13.51
N THR D 516 7.28 43.60 14.30
CA THR D 516 7.00 42.17 14.43
C THR D 516 6.49 41.61 13.11
N GLY D 517 5.69 42.38 12.39
CA GLY D 517 5.27 41.96 11.06
C GLY D 517 6.40 42.01 10.04
N VAL D 518 7.39 42.87 10.25
CA VAL D 518 8.52 42.95 9.33
C VAL D 518 9.43 41.74 9.49
N VAL D 519 9.72 41.35 10.74
CA VAL D 519 10.60 40.21 11.01
C VAL D 519 9.99 38.91 10.50
N PHE D 520 8.68 38.75 10.65
CA PHE D 520 8.04 37.54 10.14
C PHE D 520 7.95 37.55 8.62
N PHE D 521 7.98 38.73 8.00
CA PHE D 521 7.89 38.82 6.54
C PHE D 521 9.21 38.46 5.89
N ILE D 522 10.32 39.02 6.40
CA ILE D 522 11.62 38.84 5.78
C ILE D 522 12.21 37.45 6.02
N THR D 523 12.03 36.90 7.22
CA THR D 523 12.67 35.63 7.58
C THR D 523 12.07 34.46 6.78
N ASN D 524 10.76 34.52 6.51
CA ASN D 524 10.11 33.43 5.78
C ASN D 524 10.49 33.43 4.31
N ILE D 525 10.75 34.60 3.73
CA ILE D 525 11.26 34.66 2.37
C ILE D 525 12.69 34.12 2.31
N LYS D 526 13.52 34.44 3.31
CA LYS D 526 14.84 33.85 3.42
C LYS D 526 14.76 32.35 3.65
N ASP D 527 13.81 31.90 4.48
CA ASP D 527 13.62 30.48 4.69
C ASP D 527 13.08 29.77 3.46
N LEU D 528 12.36 30.50 2.61
CA LEU D 528 11.90 29.93 1.35
C LEU D 528 13.07 29.65 0.41
N PHE D 529 13.99 30.61 0.30
CA PHE D 529 15.11 30.45 -0.62
C PHE D 529 16.16 29.50 -0.07
N MET D 530 16.50 29.63 1.21
CA MET D 530 17.48 28.76 1.84
C MET D 530 16.89 27.38 2.10
N VAL D 536 6.23 25.87 9.81
CA VAL D 536 5.37 24.69 9.81
C VAL D 536 5.64 23.83 11.04
N ASN D 537 6.09 24.47 12.11
CA ASN D 537 6.30 23.79 13.39
C ASN D 537 4.94 23.51 14.01
N SER D 538 4.33 22.41 13.56
CA SER D 538 2.97 22.05 13.96
C SER D 538 2.91 21.34 15.30
N LEU D 539 4.02 21.32 16.06
CA LEU D 539 3.99 20.88 17.44
C LEU D 539 3.09 21.78 18.26
N PHE D 540 3.43 23.07 18.35
CA PHE D 540 2.65 24.01 19.13
C PHE D 540 1.37 24.39 18.41
N ILE D 541 1.50 25.04 17.26
CA ILE D 541 0.38 25.54 16.47
C ILE D 541 0.53 24.97 15.07
N ASP D 542 -0.57 24.48 14.50
CA ASP D 542 -0.52 23.82 13.20
C ASP D 542 -0.15 24.80 12.07
N GLY D 543 0.30 24.22 10.96
CA GLY D 543 0.89 24.98 9.87
C GLY D 543 -0.07 25.88 9.11
N SER D 544 -1.38 25.76 9.36
CA SER D 544 -2.32 26.69 8.76
C SER D 544 -2.24 28.07 9.39
N PHE D 545 -1.67 28.18 10.58
CA PHE D 545 -1.54 29.48 11.23
C PHE D 545 -0.45 30.32 10.60
N GLN D 546 0.64 29.68 10.15
CA GLN D 546 1.77 30.39 9.58
C GLN D 546 1.40 31.11 8.29
N LEU D 547 0.47 30.55 7.52
CA LEU D 547 -0.04 31.25 6.36
C LEU D 547 -0.96 32.39 6.78
N LEU D 548 -1.79 32.17 7.81
CA LEU D 548 -2.75 33.19 8.22
C LEU D 548 -2.07 34.32 8.96
N TYR D 549 -1.05 34.02 9.76
CA TYR D 549 -0.26 35.06 10.39
C TYR D 549 0.59 35.81 9.38
N PHE D 550 0.90 35.17 8.25
CA PHE D 550 1.58 35.89 7.18
C PHE D 550 0.68 36.92 6.53
N ILE D 551 -0.60 36.57 6.32
CA ILE D 551 -1.56 37.52 5.77
C ILE D 551 -1.81 38.65 6.75
N TYR D 552 -1.77 38.35 8.04
CA TYR D 552 -1.73 39.39 9.06
C TYR D 552 -0.48 40.26 8.91
N SER D 553 0.65 39.64 8.57
CA SER D 553 1.89 40.39 8.45
C SER D 553 1.91 41.24 7.18
N VAL D 554 1.19 40.82 6.13
CA VAL D 554 1.16 41.58 4.90
C VAL D 554 0.31 42.83 5.07
N LEU D 555 -0.84 42.72 5.75
CA LEU D 555 -1.75 43.84 5.88
C LEU D 555 -1.25 44.92 6.83
N VAL D 556 -0.28 44.59 7.70
CA VAL D 556 0.28 45.61 8.58
C VAL D 556 1.19 46.55 7.80
N ILE D 557 2.08 45.99 6.97
CA ILE D 557 3.03 46.83 6.24
C ILE D 557 2.36 47.58 5.09
N ILE D 558 1.23 47.08 4.59
CA ILE D 558 0.44 47.86 3.65
C ILE D 558 -0.21 49.04 4.36
N THR D 559 -0.67 48.81 5.59
CA THR D 559 -1.28 49.87 6.38
C THR D 559 -0.29 50.98 6.71
N ALA D 560 0.97 50.61 6.96
CA ALA D 560 1.99 51.59 7.30
C ALA D 560 2.33 52.50 6.12
N VAL D 561 2.11 52.04 4.90
CA VAL D 561 2.36 52.88 3.73
C VAL D 561 1.27 53.93 3.58
N LEU D 562 0.02 53.56 3.83
CA LEU D 562 -1.13 54.33 3.36
C LEU D 562 -1.30 55.65 4.10
N TYR D 563 -0.96 55.70 5.40
CA TYR D 563 -1.02 56.99 6.08
C TYR D 563 0.28 57.78 5.95
N LEU D 564 1.29 57.21 5.29
CA LEU D 564 2.48 57.98 4.94
C LEU D 564 2.41 58.53 3.53
N VAL D 565 1.58 57.95 2.65
CA VAL D 565 1.34 58.54 1.34
C VAL D 565 0.49 59.80 1.50
N GLY D 566 -0.55 59.73 2.33
CA GLY D 566 -1.44 60.86 2.55
C GLY D 566 -2.90 60.53 2.37
N ILE D 567 -3.26 59.29 2.09
CA ILE D 567 -4.64 58.90 1.87
C ILE D 567 -5.18 58.33 3.17
N GLU D 568 -6.29 58.89 3.65
CA GLU D 568 -6.84 58.60 4.96
C GLU D 568 -7.67 57.32 5.01
N SER D 569 -7.68 56.51 3.95
CA SER D 569 -8.45 55.28 3.90
C SER D 569 -7.68 54.10 4.49
N TYR D 570 -6.61 54.37 5.23
CA TYR D 570 -5.86 53.35 5.95
C TYR D 570 -6.66 52.71 7.08
N LEU D 571 -7.68 53.40 7.58
CA LEU D 571 -8.45 52.96 8.73
C LEU D 571 -9.27 51.71 8.45
N ALA D 572 -9.58 51.43 7.18
CA ALA D 572 -10.30 50.20 6.86
C ALA D 572 -9.41 48.99 7.05
N VAL D 573 -8.19 49.03 6.51
CA VAL D 573 -7.29 47.87 6.57
C VAL D 573 -6.75 47.68 7.97
N MET D 574 -6.57 48.78 8.72
CA MET D 574 -5.96 48.70 10.05
C MET D 574 -6.84 47.95 11.03
N VAL D 575 -8.14 48.22 10.99
CA VAL D 575 -9.05 47.52 11.90
C VAL D 575 -9.39 46.14 11.32
N PHE D 576 -9.16 45.95 10.02
CA PHE D 576 -9.42 44.66 9.38
C PHE D 576 -8.50 43.58 9.93
N ALA D 577 -7.21 43.87 10.03
CA ALA D 577 -6.27 42.91 10.58
C ALA D 577 -6.45 42.72 12.08
N LEU D 578 -7.07 43.69 12.75
CA LEU D 578 -7.41 43.52 14.16
C LEU D 578 -8.47 42.44 14.34
N VAL D 579 -9.37 42.29 13.37
CA VAL D 579 -10.40 41.27 13.46
C VAL D 579 -9.79 39.88 13.26
N LEU D 580 -8.80 39.77 12.37
CA LEU D 580 -8.16 38.48 12.12
C LEU D 580 -7.32 38.04 13.31
N GLY D 581 -6.61 38.98 13.93
CA GLY D 581 -5.68 38.68 15.00
C GLY D 581 -6.31 38.08 16.25
N TRP D 582 -7.48 38.59 16.63
CA TRP D 582 -8.22 37.95 17.71
C TRP D 582 -8.82 36.63 17.27
N MET D 583 -9.16 36.49 16.00
CA MET D 583 -9.66 35.23 15.46
C MET D 583 -8.54 34.29 15.07
N ASN D 584 -7.30 34.76 15.02
CA ASN D 584 -6.16 33.86 14.91
C ASN D 584 -5.86 33.14 16.21
N ALA D 585 -6.42 33.62 17.33
CA ALA D 585 -6.24 32.97 18.62
C ALA D 585 -7.04 31.69 18.76
N LEU D 586 -7.89 31.36 17.79
CA LEU D 586 -8.66 30.12 17.85
C LEU D 586 -7.82 28.88 17.56
N TYR D 587 -6.60 29.05 17.06
CA TYR D 587 -5.69 27.92 16.94
C TYR D 587 -4.95 27.62 18.23
N PHE D 588 -5.09 28.47 19.24
CA PHE D 588 -4.48 28.19 20.54
C PHE D 588 -5.25 27.17 21.35
N THR D 589 -6.49 26.87 20.96
CA THR D 589 -7.36 26.01 21.76
C THR D 589 -7.12 24.53 21.52
N ARG D 590 -6.26 24.16 20.58
CA ARG D 590 -5.99 22.74 20.35
C ARG D 590 -5.18 22.15 21.51
N GLY D 591 -4.17 22.86 21.98
CA GLY D 591 -3.34 22.36 23.05
C GLY D 591 -1.92 22.06 22.61
N LEU D 592 -1.58 20.77 22.52
CA LEU D 592 -0.26 20.36 22.10
C LEU D 592 -0.39 19.04 21.34
N LYS D 593 0.37 18.92 20.25
CA LYS D 593 0.30 17.76 19.38
C LYS D 593 1.61 17.01 19.40
N LEU D 594 1.54 15.68 19.55
CA LEU D 594 2.72 14.83 19.50
C LEU D 594 2.62 13.70 18.50
N THR D 595 1.42 13.29 18.10
CA THR D 595 1.23 12.23 17.12
C THR D 595 1.25 12.84 15.73
N GLY D 596 2.14 12.33 14.87
CA GLY D 596 2.32 12.91 13.55
C GLY D 596 1.29 12.43 12.56
N THR D 597 0.68 13.38 11.86
CA THR D 597 -0.21 13.08 10.75
C THR D 597 0.54 13.22 9.45
N TYR D 598 -0.16 12.94 8.35
CA TYR D 598 0.43 13.03 7.02
C TYR D 598 0.23 14.41 6.40
N SER D 599 -0.67 15.22 6.94
CA SER D 599 -0.98 16.54 6.42
C SER D 599 0.02 17.60 6.82
N ILE D 600 1.05 17.23 7.59
CA ILE D 600 1.99 18.21 8.12
C ILE D 600 3.00 18.61 7.05
N MET D 601 3.52 17.62 6.33
CA MET D 601 4.45 17.86 5.22
C MET D 601 3.72 18.51 4.06
N LEU D 602 2.41 18.25 3.96
CA LEU D 602 1.60 18.85 2.90
C LEU D 602 1.47 20.35 3.06
N GLN D 603 1.41 20.86 4.28
CA GLN D 603 1.19 22.28 4.50
C GLN D 603 2.45 23.12 4.34
N LYS D 604 3.63 22.50 4.25
CA LYS D 604 4.82 23.24 3.87
C LYS D 604 4.77 23.63 2.40
N ILE D 605 4.39 22.68 1.55
CA ILE D 605 4.24 22.94 0.12
C ILE D 605 3.03 23.81 -0.14
N LEU D 606 2.00 23.73 0.71
CA LEU D 606 0.87 24.66 0.62
C LEU D 606 1.32 26.09 0.88
N PHE D 607 2.13 26.30 1.90
CA PHE D 607 2.70 27.61 2.17
C PHE D 607 3.75 28.01 1.13
N LYS D 608 4.46 27.05 0.55
CA LYS D 608 5.50 27.32 -0.42
C LYS D 608 4.96 27.87 -1.73
N ASP D 609 3.97 27.22 -2.32
CA ASP D 609 3.56 27.57 -3.67
C ASP D 609 2.47 28.62 -3.72
N LEU D 610 1.67 28.77 -2.66
CA LEU D 610 0.70 29.87 -2.63
C LEU D 610 1.39 31.21 -2.50
N PHE D 611 2.50 31.27 -1.77
CA PHE D 611 3.31 32.47 -1.77
C PHE D 611 3.97 32.68 -3.14
N ARG D 612 4.32 31.58 -3.82
CA ARG D 612 4.73 31.68 -5.21
C ARG D 612 3.56 32.04 -6.11
N PHE D 613 2.35 31.62 -5.74
CA PHE D 613 1.18 31.96 -6.54
C PHE D 613 0.83 33.43 -6.42
N LEU D 614 1.09 34.04 -5.26
CA LEU D 614 0.82 35.46 -5.11
C LEU D 614 1.84 36.31 -5.83
N LEU D 615 3.12 35.89 -5.80
CA LEU D 615 4.15 36.68 -6.49
C LEU D 615 4.05 36.54 -8.00
N VAL D 616 3.63 35.37 -8.50
CA VAL D 616 3.44 35.23 -9.94
C VAL D 616 2.17 35.95 -10.36
N TYR D 617 1.27 36.23 -9.42
CA TYR D 617 0.13 37.08 -9.72
C TYR D 617 0.55 38.53 -9.81
N LEU D 618 1.13 39.07 -8.73
CA LEU D 618 1.37 40.51 -8.61
C LEU D 618 2.44 41.02 -9.56
N LEU D 619 3.47 40.22 -9.83
CA LEU D 619 4.46 40.62 -10.82
C LEU D 619 3.88 40.58 -12.23
N PHE D 620 2.85 39.77 -12.46
CA PHE D 620 2.19 39.76 -13.75
C PHE D 620 1.26 40.95 -13.90
N MET D 621 0.58 41.34 -12.83
CA MET D 621 -0.35 42.47 -12.92
C MET D 621 0.41 43.78 -13.06
N ILE D 622 1.51 43.92 -12.31
CA ILE D 622 2.37 45.10 -12.46
C ILE D 622 3.05 45.10 -13.81
N GLY D 623 3.51 43.92 -14.25
CA GLY D 623 4.24 43.85 -15.52
C GLY D 623 3.36 44.12 -16.72
N TYR D 624 2.12 43.67 -16.68
CA TYR D 624 1.21 43.95 -17.79
C TYR D 624 0.72 45.39 -17.77
N ALA D 625 0.60 45.98 -16.58
CA ALA D 625 0.23 47.39 -16.49
C ALA D 625 1.37 48.28 -16.94
N SER D 626 2.61 47.94 -16.56
CA SER D 626 3.77 48.66 -17.05
C SER D 626 4.01 48.43 -18.53
N ALA D 627 3.49 47.33 -19.08
CA ALA D 627 3.59 47.09 -20.51
C ALA D 627 2.73 48.07 -21.29
N LEU D 628 1.51 48.32 -20.81
CA LEU D 628 0.56 49.15 -21.56
C LEU D 628 0.93 50.62 -21.53
N VAL D 629 1.73 51.06 -20.56
CA VAL D 629 2.21 52.44 -20.56
C VAL D 629 3.20 52.64 -21.69
N SER D 630 3.97 51.59 -22.02
CA SER D 630 4.93 51.67 -23.12
C SER D 630 4.24 51.74 -24.48
N LEU D 631 2.98 51.35 -24.58
CA LEU D 631 2.23 51.57 -25.80
C LEU D 631 1.92 53.04 -26.02
N LEU D 632 1.82 53.82 -24.94
CA LEU D 632 1.45 55.23 -25.03
C LEU D 632 2.67 56.01 -25.52
N ASN D 633 2.75 56.19 -26.83
CA ASN D 633 3.82 56.99 -27.43
C ASN D 633 3.55 58.50 -27.34
N PRO D 634 2.35 59.03 -27.64
CA PRO D 634 2.13 60.45 -27.37
C PRO D 634 1.92 60.71 -25.88
N CYS D 635 1.99 61.99 -25.52
CA CYS D 635 1.79 62.42 -24.14
C CYS D 635 0.35 62.85 -23.91
N ARG D 657 2.44 58.21 -21.88
CA ARG D 657 1.70 59.45 -21.78
C ARG D 657 1.88 60.07 -20.39
N ASP D 658 0.77 60.36 -19.74
CA ASP D 658 0.82 60.94 -18.40
C ASP D 658 1.26 59.89 -17.39
N SER D 659 2.00 60.33 -16.37
CA SER D 659 2.47 59.43 -15.33
C SER D 659 1.36 58.99 -14.40
N SER D 660 0.24 59.70 -14.39
CA SER D 660 -0.93 59.31 -13.60
C SER D 660 -1.82 58.30 -14.32
N THR D 661 -1.44 57.87 -15.51
CA THR D 661 -2.21 56.85 -16.22
C THR D 661 -1.93 55.46 -15.67
N PHE D 662 -0.71 55.23 -15.18
CA PHE D 662 -0.31 53.91 -14.68
C PHE D 662 -1.12 53.50 -13.46
N SER D 663 -1.55 54.48 -12.65
CA SER D 663 -2.47 54.20 -11.57
C SER D 663 -3.86 53.82 -12.07
N LYS D 664 -4.22 54.24 -13.28
CA LYS D 664 -5.52 53.94 -13.85
C LYS D 664 -5.49 52.61 -14.61
N PHE D 665 -4.34 52.23 -15.17
CA PHE D 665 -4.23 50.91 -15.79
C PHE D 665 -4.29 49.80 -14.74
N LEU D 666 -3.57 49.99 -13.63
CA LEU D 666 -3.50 48.93 -12.63
C LEU D 666 -4.80 48.83 -11.85
N LEU D 667 -5.54 49.93 -11.76
CA LEU D 667 -6.83 49.91 -11.08
C LEU D 667 -7.87 49.13 -11.89
N ASP D 668 -7.89 49.34 -13.21
CA ASP D 668 -8.87 48.64 -14.05
C ASP D 668 -8.46 47.20 -14.28
N LEU D 669 -7.19 46.87 -14.05
CA LEU D 669 -6.72 45.53 -14.34
C LEU D 669 -7.05 44.58 -13.21
N PHE D 670 -7.02 45.08 -11.96
CA PHE D 670 -7.39 44.27 -10.81
C PHE D 670 -8.88 43.90 -10.83
N LYS D 671 -9.72 44.81 -11.32
CA LYS D 671 -11.17 44.60 -11.26
C LYS D 671 -11.64 43.51 -12.22
N LEU D 672 -10.87 43.24 -13.27
CA LEU D 672 -11.27 42.24 -14.25
C LEU D 672 -11.10 40.82 -13.70
N THR D 673 -10.11 40.63 -12.83
CA THR D 673 -9.90 39.30 -12.24
C THR D 673 -10.97 38.97 -11.22
N ILE D 674 -11.43 39.97 -10.48
CA ILE D 674 -12.54 39.76 -9.56
C ILE D 674 -13.86 39.68 -10.32
N GLY D 675 -14.11 40.65 -11.18
CA GLY D 675 -15.35 40.75 -11.88
C GLY D 675 -16.23 41.89 -11.44
N MET D 676 -15.66 43.02 -11.04
CA MET D 676 -16.46 44.16 -10.62
C MET D 676 -17.12 44.83 -11.83
N GLY D 677 -16.37 44.99 -12.92
CA GLY D 677 -16.94 45.58 -14.12
C GLY D 677 -17.18 47.07 -14.04
N ASP D 678 -16.45 47.79 -13.19
CA ASP D 678 -16.59 49.23 -13.05
C ASP D 678 -15.25 49.84 -13.42
N LEU D 679 -15.05 50.05 -14.71
CA LEU D 679 -13.74 50.39 -15.25
C LEU D 679 -13.70 51.86 -15.66
N GLU D 680 -12.50 52.32 -16.02
CA GLU D 680 -12.27 53.72 -16.33
C GLU D 680 -11.71 53.97 -17.72
N MET D 681 -10.77 53.14 -18.20
CA MET D 681 -10.23 53.29 -19.54
C MET D 681 -10.56 52.14 -20.46
N ILE D 682 -10.36 50.90 -20.01
CA ILE D 682 -10.49 49.73 -20.87
C ILE D 682 -11.97 49.50 -21.19
N ASN D 683 -12.35 49.75 -22.44
CA ASN D 683 -13.69 49.52 -22.91
C ASN D 683 -13.70 48.23 -23.72
N SER D 684 -14.47 47.24 -23.24
CA SER D 684 -14.56 45.97 -23.95
C SER D 684 -15.38 46.09 -25.23
N ALA D 685 -16.21 47.14 -25.34
CA ALA D 685 -16.96 47.37 -26.57
C ALA D 685 -16.08 47.90 -27.69
N LYS D 686 -14.88 48.39 -27.39
CA LYS D 686 -13.99 48.91 -28.42
C LYS D 686 -13.34 47.78 -29.22
N TYR D 687 -12.62 46.89 -28.54
CA TYR D 687 -12.03 45.71 -29.16
C TYR D 687 -12.61 44.47 -28.50
N PRO D 688 -13.71 43.93 -29.03
CA PRO D 688 -14.35 42.78 -28.39
C PRO D 688 -13.65 41.46 -28.64
N ALA D 689 -13.14 41.26 -29.86
CA ALA D 689 -12.57 39.96 -30.23
C ALA D 689 -11.19 39.72 -29.62
N VAL D 690 -10.54 40.75 -29.10
CA VAL D 690 -9.24 40.64 -28.48
C VAL D 690 -9.35 40.56 -26.97
N PHE D 691 -10.28 41.31 -26.40
CA PHE D 691 -10.50 41.30 -24.95
C PHE D 691 -10.98 39.95 -24.46
N ILE D 692 -11.74 39.23 -25.27
CA ILE D 692 -12.22 37.91 -24.87
C ILE D 692 -11.08 36.91 -24.87
N ILE D 693 -10.32 36.84 -25.97
CA ILE D 693 -9.29 35.82 -26.10
C ILE D 693 -8.09 36.08 -25.20
N LEU D 694 -7.93 37.31 -24.70
CA LEU D 694 -6.98 37.50 -23.61
C LEU D 694 -7.57 37.07 -22.28
N LEU D 695 -8.87 37.25 -22.10
CA LEU D 695 -9.51 36.87 -20.85
C LEU D 695 -9.73 35.36 -20.77
N VAL D 696 -9.99 34.70 -21.90
CA VAL D 696 -10.13 33.25 -21.91
C VAL D 696 -8.80 32.59 -21.60
N THR D 697 -7.72 33.05 -22.23
CA THR D 697 -6.40 32.54 -21.91
C THR D 697 -5.95 32.91 -20.50
N TYR D 698 -6.47 34.00 -19.94
CA TYR D 698 -6.16 34.31 -18.55
C TYR D 698 -6.80 33.30 -17.60
N ILE D 699 -7.97 32.78 -17.95
CA ILE D 699 -8.58 31.72 -17.16
C ILE D 699 -7.74 30.45 -17.26
N ILE D 700 -7.25 30.14 -18.46
CA ILE D 700 -6.49 28.92 -18.70
C ILE D 700 -5.13 28.98 -18.00
N LEU D 701 -4.52 30.17 -17.92
CA LEU D 701 -3.28 30.32 -17.16
C LEU D 701 -3.52 30.11 -15.68
N THR D 702 -4.61 30.65 -15.14
CA THR D 702 -4.88 30.51 -13.72
C THR D 702 -5.41 29.14 -13.35
N PHE D 703 -6.11 28.47 -14.27
CA PHE D 703 -6.69 27.17 -13.93
C PHE D 703 -5.65 26.08 -13.88
N VAL D 704 -4.55 26.22 -14.62
CA VAL D 704 -3.49 25.22 -14.58
C VAL D 704 -2.63 25.41 -13.34
N LEU D 705 -2.41 26.66 -12.93
CA LEU D 705 -1.66 26.92 -11.71
C LEU D 705 -2.43 26.45 -10.47
N LEU D 706 -3.75 26.39 -10.54
CA LEU D 706 -4.50 25.74 -9.47
C LEU D 706 -4.33 24.24 -9.50
N LEU D 707 -4.24 23.65 -10.70
CA LEU D 707 -4.02 22.21 -10.81
C LEU D 707 -2.59 21.82 -10.49
N ASN D 708 -1.65 22.76 -10.58
CA ASN D 708 -0.29 22.48 -10.12
C ASN D 708 -0.21 22.37 -8.61
N MET D 709 -1.18 22.93 -7.89
CA MET D 709 -1.28 22.69 -6.46
C MET D 709 -1.71 21.26 -6.18
N LEU D 710 -2.75 20.79 -6.87
CA LEU D 710 -3.34 19.50 -6.56
C LEU D 710 -2.47 18.33 -7.02
N ILE D 711 -1.78 18.50 -8.15
CA ILE D 711 -0.88 17.44 -8.62
C ILE D 711 0.35 17.35 -7.73
N ALA D 712 0.83 18.48 -7.22
CA ALA D 712 1.92 18.45 -6.25
C ALA D 712 1.50 17.85 -4.92
N LEU D 713 0.20 17.82 -4.61
CA LEU D 713 -0.27 17.13 -3.43
C LEU D 713 -0.58 15.67 -3.70
N MET D 714 -1.24 15.37 -4.82
CA MET D 714 -1.56 13.99 -5.16
C MET D 714 -0.31 13.20 -5.52
N GLY D 715 0.70 13.85 -6.12
CA GLY D 715 1.96 13.19 -6.39
C GLY D 715 2.85 13.04 -5.18
N GLU D 716 2.42 13.53 -4.02
CA GLU D 716 3.16 13.46 -2.78
C GLU D 716 2.61 12.42 -1.81
N THR D 717 1.29 12.27 -1.77
CA THR D 717 0.64 11.42 -0.79
C THR D 717 0.57 9.95 -1.18
N VAL D 718 1.46 9.47 -2.04
CA VAL D 718 1.37 8.07 -2.44
C VAL D 718 2.54 7.22 -1.93
N GLY D 719 3.77 7.53 -2.33
CA GLY D 719 4.86 6.61 -2.10
C GLY D 719 5.63 6.76 -0.81
N GLN D 720 6.23 7.93 -0.60
CA GLN D 720 7.20 8.14 0.46
C GLN D 720 6.57 8.81 1.69
N VAL D 721 5.31 9.23 1.59
CA VAL D 721 4.64 9.86 2.72
C VAL D 721 4.37 8.86 3.85
N SER D 722 4.37 7.55 3.54
CA SER D 722 4.17 6.54 4.57
C SER D 722 5.37 6.40 5.50
N LYS D 723 6.55 6.80 5.06
CA LYS D 723 7.75 6.78 5.88
C LYS D 723 8.17 8.17 6.34
N GLU D 724 8.16 9.14 5.43
CA GLU D 724 8.77 10.45 5.69
C GLU D 724 7.96 11.26 6.69
N SER D 725 6.63 11.06 6.74
CA SER D 725 5.81 11.76 7.72
C SER D 725 6.03 11.25 9.14
N LYS D 726 6.61 10.05 9.30
CA LYS D 726 7.04 9.56 10.60
C LYS D 726 8.55 9.68 10.77
N GLN D 727 9.19 10.48 9.93
CA GLN D 727 10.61 10.78 10.05
C GLN D 727 10.87 12.24 10.41
N ILE D 728 10.31 13.18 9.62
CA ILE D 728 10.53 14.59 9.91
C ILE D 728 9.75 15.03 11.13
N TRP D 729 8.59 14.39 11.38
CA TRP D 729 7.84 14.66 12.61
C TRP D 729 8.63 14.23 13.85
N LYS D 730 9.34 13.11 13.75
CA LYS D 730 10.28 12.76 14.80
C LYS D 730 11.48 13.70 14.81
N LEU D 731 11.90 14.17 13.64
CA LEU D 731 13.06 15.05 13.56
C LEU D 731 12.73 16.46 14.05
N GLN D 732 11.57 16.99 13.67
CA GLN D 732 11.21 18.33 14.08
C GLN D 732 10.84 18.39 15.56
N TRP D 733 10.33 17.28 16.11
CA TRP D 733 10.07 17.21 17.55
C TRP D 733 11.38 17.27 18.34
N ALA D 734 12.46 16.72 17.77
CA ALA D 734 13.76 16.86 18.40
C ALA D 734 14.41 18.19 18.07
N THR D 735 14.07 18.78 16.92
CA THR D 735 14.72 20.02 16.50
C THR D 735 14.24 21.20 17.33
N THR D 736 12.95 21.26 17.62
CA THR D 736 12.37 22.41 18.30
C THR D 736 12.74 22.42 19.78
N ILE D 737 12.80 21.24 20.40
CA ILE D 737 13.06 21.17 21.84
C ILE D 737 14.50 21.55 22.16
N LEU D 738 15.41 21.41 21.21
CA LEU D 738 16.76 21.93 21.43
C LEU D 738 16.84 23.43 21.18
N ASP D 739 15.97 23.95 20.33
CA ASP D 739 15.89 25.41 20.16
C ASP D 739 15.28 26.06 21.39
N ILE D 740 14.39 25.35 22.09
CA ILE D 740 13.92 25.82 23.38
C ILE D 740 15.03 25.75 24.41
N GLU D 741 15.88 24.72 24.32
CA GLU D 741 16.99 24.55 25.25
C GLU D 741 18.04 25.63 25.09
N ARG D 742 18.28 26.09 23.86
CA ARG D 742 19.22 27.19 23.65
C ARG D 742 18.67 28.52 24.14
N SER D 743 17.35 28.64 24.31
CA SER D 743 16.76 29.91 24.71
C SER D 743 16.98 30.23 26.17
N PHE D 744 17.09 29.22 27.02
CA PHE D 744 17.28 29.49 28.44
C PHE D 744 18.74 29.83 28.73
N PRO D 745 18.99 30.68 29.74
CA PRO D 745 20.37 30.98 30.12
C PRO D 745 21.05 29.83 30.84
N VAL D 746 22.30 30.04 31.24
CA VAL D 746 23.05 29.00 31.94
C VAL D 746 22.59 28.86 33.39
N CYS D 747 21.93 29.87 33.95
CA CYS D 747 21.46 29.78 35.33
C CYS D 747 20.26 28.88 35.45
N MET D 748 19.27 29.05 34.58
CA MET D 748 18.08 28.22 34.60
C MET D 748 18.27 26.88 33.91
N ARG D 749 19.44 26.63 33.34
CA ARG D 749 19.71 25.35 32.69
C ARG D 749 19.88 24.24 33.72
N LYS D 750 20.52 24.53 34.85
CA LYS D 750 20.75 23.54 35.89
C LYS D 750 19.51 23.25 36.73
N ALA D 751 18.43 24.01 36.55
CA ALA D 751 17.24 23.84 37.39
C ALA D 751 16.49 22.58 37.00
N PHE D 752 16.06 22.49 35.75
CA PHE D 752 15.28 21.34 35.27
C PHE D 752 16.13 20.35 34.50
N ARG D 753 17.38 20.13 34.91
CA ARG D 753 18.22 19.16 34.23
C ARG D 753 17.77 17.75 34.59
N SER D 754 17.58 16.92 33.57
CA SER D 754 17.17 15.54 33.79
C SER D 754 18.35 14.71 34.26
N GLY D 755 18.03 13.53 34.79
CA GLY D 755 19.04 12.63 35.29
C GLY D 755 19.36 12.87 36.76
N GLU D 756 19.96 11.86 37.38
CA GLU D 756 20.25 11.89 38.81
C GLU D 756 21.70 11.48 39.03
N MET D 757 22.17 11.71 40.26
CA MET D 757 23.47 11.23 40.70
C MET D 757 23.29 9.89 41.40
N VAL D 758 23.88 8.84 40.83
CA VAL D 758 23.85 7.51 41.41
C VAL D 758 25.30 7.09 41.63
N THR D 759 25.68 6.90 42.88
CA THR D 759 27.05 6.55 43.22
C THR D 759 27.32 5.09 42.85
N VAL D 760 28.07 4.88 41.77
CA VAL D 760 28.42 3.56 41.29
C VAL D 760 29.94 3.43 41.29
N GLY D 761 30.44 2.36 41.92
CA GLY D 761 31.86 2.08 41.91
C GLY D 761 32.65 2.93 42.88
N LYS D 762 33.91 3.20 42.54
CA LYS D 762 34.77 4.01 43.40
C LYS D 762 34.97 5.40 42.78
N ARG D 770 30.21 7.94 41.17
CA ARG D 770 29.15 8.95 41.12
C ARG D 770 29.19 9.70 39.79
N ARG D 771 28.04 9.77 39.13
CA ARG D 771 27.94 10.39 37.83
C ARG D 771 26.48 10.77 37.58
N TRP D 772 26.28 11.64 36.58
CA TRP D 772 24.94 12.14 36.25
C TRP D 772 24.35 11.24 35.17
N CYS D 773 23.79 10.12 35.61
CA CYS D 773 23.19 9.12 34.76
C CYS D 773 21.66 9.25 34.77
N PHE D 774 21.01 8.45 33.94
CA PHE D 774 19.57 8.50 33.77
C PHE D 774 18.95 7.13 34.00
N ARG D 775 17.84 7.10 34.73
CA ARG D 775 17.16 5.87 35.11
C ARG D 775 16.18 5.45 34.02
N VAL D 776 16.27 4.18 33.61
CA VAL D 776 15.40 3.60 32.59
C VAL D 776 14.83 2.30 33.12
N ASP D 777 13.51 2.16 33.05
CA ASP D 777 12.85 0.94 33.50
C ASP D 777 12.73 -0.08 32.37
N GLU D 778 12.63 -1.35 32.75
CA GLU D 778 12.47 -2.44 31.80
C GLU D 778 11.49 -3.46 32.36
N VAL D 779 10.92 -4.26 31.46
CA VAL D 779 10.07 -5.40 31.82
C VAL D 779 10.49 -6.59 30.97
N ASN D 780 10.89 -7.68 31.61
CA ASN D 780 11.32 -8.88 30.91
C ASN D 780 10.87 -10.11 31.67
N TRP D 781 10.43 -11.13 30.93
CA TRP D 781 9.94 -12.37 31.51
C TRP D 781 10.80 -13.57 31.20
N SER D 782 11.69 -13.48 30.23
CA SER D 782 12.45 -14.64 29.78
C SER D 782 13.74 -14.86 30.57
N HIS D 783 14.48 -13.79 30.83
CA HIS D 783 15.77 -13.90 31.49
C HIS D 783 15.58 -14.07 32.98
N TRP D 784 16.24 -15.08 33.56
CA TRP D 784 16.14 -15.33 34.99
C TRP D 784 17.51 -15.72 35.56
#